data_9ED2
#
_entry.id   9ED2
#
_cell.length_a   1.00
_cell.length_b   1.00
_cell.length_c   1.00
_cell.angle_alpha   90.00
_cell.angle_beta   90.00
_cell.angle_gamma   90.00
#
_symmetry.space_group_name_H-M   'P 1'
#
loop_
_entity.id
_entity.type
_entity.pdbx_description
1 polymer 'RNA-directed RNA polymerase L'
2 polymer Phosphoprotein
3 polymer 'Compound 21'
4 water water
#
loop_
_entity_poly.entity_id
_entity_poly.type
_entity_poly.pdbx_seq_one_letter_code
_entity_poly.pdbx_strand_id
1 'polypeptide(L)'
;MGSWSHPQFEKGSGSGSSWSHPQFEKGSGSLVPRGSMDPIINGNSANVYLTDSYLKGVISFSECNALGSYIFNGPYLKND
YTNLISRQNPLIEHMNLKKLNITQSLISKYHKGEIKLEEPTYFQSLLMTYKSMTSSEQIATTNLLKKIIRRAIEISDVKV
YAILNKLGLKEKDKIKSNNGQDEDNSVITTIIKDDILSAVKDNQSHLKADKNHSTKQKDTIKTTLLKKLMCSMQHPPSWL
IHWFNLYTKLNNILTQYRSNEVKNHGFTLIDNQTLSGFQFILNQYGCIVYHKELKRITVTTYNQFLTWKDISLSRLNVCL
ITWISNCLNTLNKSLGLRCGFNNVILTQLFLYGDCILKLFHNEGFYIIKEVEGFIMSLILNITEEDQFRKRFYNSMLNNI
TDAANKAQKNLLSRVCHTLLDKTVSDNIINGRWIILLSKFLKLIKLAGDNNLNNLSELYFLFRIFGHPMVDERQAMDAVK
INCNETKFYLLSSLSMLRGAFIYRIIKGFVNNYNRWPTLRNAIVLPLRWLTYYKLNTYPSLLELTERDLIVLSGLRFYRE
FRLPKKVDLEMIINDKAISPPKNLIWTSFPRNYMPSHIQNYIEHEKLKFSESDKSRRVLEYYLRDNKFNECDLYNCVVNQ
SYLNNPNHVVSLTGKERELSVGRMFAMQPGMFRQVQILAEKMIAENILQFFPESLTRYGDLELQKILELKAGISNKSNRY
NDNYNNYISKCSIITDLSKFNQAFRYETSCICSDVLDELHGVQSLFSWLHLTIPHVTIICTYRHAPPYIGDHIVDLNNVD
EQSGLYRYHMGGIEGWCQKLWTIEAISLLDLISLKGKFSITALINGDNQSIDISKPIRLMEGQTHAQADYLLALNSLKLL
YKEYAGIGHKLKGTETYISRDMQFMSKTIQHNGVYYPASIKKVLRVGPWINTILDDFKVSLESIGSLTQELEYRGESLLC
SLIFRNVWLYNQIALQLKNHALCNNKLYLDILKVLKHLKTFFNLDNIDTALTLYMNLPMLFGGGDPNLLYRSFYRRTPDF
LTEAIVHSVFILSYYTNHDLKDKLQDLSDDRLNKFLTCIITFDKNPNAEFVTLMRDPQALGSERQAKITSEINRLAVTEV
LSTAPNKIFSKSAQHYTTTEIDLNDIMQNIEPTYPHGLRVVYESLPFYKAEKIVNLISGTKSITNILEKTSAIDLTDIDR
ATEMMRKNITLLIRILPLDCNRDKREILSMENLSITELSKYVRERSWSLSNIVGVTSPSIMYTMDIKYTTSTISSGIIIE
KYNVNSLTRGERGPTKPWVGSSTQEKKTMPVYNRQVLTKKQRDQIDLLAKLDWVYASIDNKDEFMEELSIGTLGLTYEKA
KKLFPQYLSVNYLHRLTVSSRPCEFPASIPAYRTTNYHFDTSPINRILTEKYGDEDIDIVFQNCISFGLSLMSVVEQFTN
VCPNRIILIPKLNEIHLMKPPIFTGDVDIHKLKQVIQKQHMFLPDKISLTQYVELFLSNKTLKSGSHVNSNLILAHKISD
YFHNTYILSTNLAGHWILIIQLMKDSKGIFEKDWGEGYITDHMFINLKVFFNAYKTYLLCFHKGYGKAKLECDMNTSDLL
CVLELIDSSYWKSMSKVFLEQKVIKYILSQDASLHRVKGCHSFKLWFLKRLNVAEFTVCPWVVNIDYHPTHMKAILTYID
LVRMGLINIDRIHIKNKHKFNDEFYTSNLFYINYNFSDNTHLLTKHIRIANSELENNYNKLYHPTPETLENILANPIKSN
DKKTLNDYCIGKNVDSIMLPLLSNKKLIKSSAMIRTNYSKQDLYNLFPMVVIDRIIDHSGNTAKSNQLYTTTSHQISLVH
NSTSLYCMLPWHHINRFNFVFSSTGCKISIEYILKDLKIKDPNCIAFIGEGAGNLLLRTVVELHPDIRYIYRSLKDCNDH
SLPIEFLRLYNGHINIDYGENLTIPATDATNNIHWSYLHIKFAEPISLFVCDAELSVTVNWSKIIIEWSKHVRKCKYCSS
VNKCMLIVKYHAQDDIDFKLDNITILKTYVCLGSKLKGSEVYLVLTIGPANIFPVFNVVQNAKLILSRTKNFIMPKKADK
ESIDANIKSLIPFLCYPITKKGINTALSKLKSVVSGDILSYSIAGRNEVFSNKLINHKHMNILKWFNHVLNFRSTELNYN
HLYMVESTYPYLSELLNSLTTNELKKLIKITGSLLYNFHNE
;
A
2 'polypeptide(L)'
;MEKFAPEFHGEDANNRATKFLESIKGKFTSPKDPKKKDSIISVNSIDIEVTKESPITSNSTIINPTNETDDTAGNKPNYQ
RKPLVSFKEDPTPSDNPFSKLYKETIETFDNNEEESSYSYEEINDQTNDNITARLDRIDEKLSEILGMLHTLVVASAGPT
SARDGIRDAMVGLREEMIEKIRTEALMTNDRLEAMARLRNEESEKMAKDTSDEVSLNPTSEKLNNLLEGNDSDNDLSLED
FKGENLYFQGHHHHHH
;
B,C,D,E
3 'polypeptide(L)' (A1BIT)(HPE)(A1BIU) G
#
# COMPACT_ATOMS: atom_id res chain seq x y z
N ALA A 46 24.27 -24.80 -16.09
CA ALA A 46 22.89 -25.25 -15.91
C ALA A 46 22.03 -24.14 -15.35
N ASN A 47 22.34 -22.90 -15.72
CA ASN A 47 21.63 -21.73 -15.24
C ASN A 47 21.23 -20.85 -16.40
N VAL A 48 19.94 -20.56 -16.51
CA VAL A 48 19.41 -19.73 -17.57
C VAL A 48 18.92 -18.42 -16.97
N TYR A 49 18.78 -17.41 -17.82
CA TYR A 49 18.26 -16.11 -17.44
C TYR A 49 17.00 -15.84 -18.23
N LEU A 50 15.88 -15.69 -17.51
CA LEU A 50 14.61 -15.33 -18.12
C LEU A 50 14.38 -13.84 -17.88
N THR A 51 14.38 -13.06 -18.94
CA THR A 51 14.23 -11.62 -18.84
C THR A 51 12.74 -11.24 -18.83
N ASP A 52 12.47 -9.99 -18.50
CA ASP A 52 11.10 -9.52 -18.37
C ASP A 52 10.42 -9.42 -19.73
N SER A 53 9.13 -9.74 -19.75
CA SER A 53 8.29 -9.48 -20.91
C SER A 53 7.45 -8.23 -20.76
N TYR A 54 7.42 -7.66 -19.55
CA TYR A 54 6.70 -6.43 -19.27
C TYR A 54 7.59 -5.56 -18.41
N LEU A 55 7.39 -4.24 -18.50
CA LEU A 55 8.17 -3.32 -17.67
C LEU A 55 7.80 -3.53 -16.22
N LYS A 56 8.70 -4.12 -15.45
CA LYS A 56 8.52 -4.29 -14.02
C LYS A 56 9.30 -3.25 -13.21
N GLY A 57 10.54 -2.96 -13.60
CA GLY A 57 11.32 -1.94 -12.93
C GLY A 57 11.08 -0.56 -13.50
N VAL A 58 12.13 0.25 -13.54
CA VAL A 58 12.04 1.61 -14.06
C VAL A 58 12.99 1.74 -15.24
N ILE A 59 12.71 2.73 -16.09
CA ILE A 59 13.64 3.11 -17.14
C ILE A 59 14.70 4.00 -16.51
N SER A 60 15.96 3.62 -16.66
CA SER A 60 17.05 4.29 -15.98
C SER A 60 17.64 5.38 -16.86
N PHE A 61 17.68 6.60 -16.33
CA PHE A 61 18.34 7.70 -17.03
C PHE A 61 19.85 7.47 -17.09
N SER A 62 20.43 6.98 -16.00
CA SER A 62 21.89 6.88 -15.93
C SER A 62 22.42 5.64 -16.65
N GLU A 63 21.65 4.55 -16.70
CA GLU A 63 22.06 3.42 -17.53
C GLU A 63 22.09 3.78 -19.00
N CYS A 64 21.02 4.44 -19.47
CA CYS A 64 20.98 4.93 -20.84
C CYS A 64 22.11 5.92 -21.11
N ASN A 65 22.36 6.83 -20.15
CA ASN A 65 23.42 7.81 -20.33
C ASN A 65 24.79 7.14 -20.41
N ALA A 66 25.05 6.17 -19.54
CA ALA A 66 26.34 5.48 -19.55
C ALA A 66 26.55 4.71 -20.85
N LEU A 67 25.54 3.95 -21.27
CA LEU A 67 25.67 3.15 -22.49
C LEU A 67 25.85 4.04 -23.71
N GLY A 68 24.98 5.04 -23.87
CA GLY A 68 25.08 5.91 -25.04
C GLY A 68 26.30 6.80 -25.02
N SER A 69 26.83 7.11 -23.83
CA SER A 69 28.04 7.91 -23.74
C SER A 69 29.25 7.09 -24.11
N TYR A 70 29.30 5.82 -23.70
CA TYR A 70 30.41 4.98 -24.12
C TYR A 70 30.33 4.67 -25.61
N ILE A 71 29.12 4.49 -26.14
CA ILE A 71 28.98 4.04 -27.52
C ILE A 71 29.32 5.17 -28.49
N PHE A 72 28.90 6.39 -28.18
CA PHE A 72 29.16 7.53 -29.05
C PHE A 72 30.31 8.41 -28.56
N ASN A 73 30.94 8.04 -27.45
CA ASN A 73 32.19 8.64 -26.99
C ASN A 73 32.00 10.13 -26.67
N GLY A 74 30.93 10.43 -25.95
CA GLY A 74 30.63 11.78 -25.56
C GLY A 74 29.41 11.83 -24.66
N PRO A 75 29.14 12.99 -24.07
CA PRO A 75 27.96 13.12 -23.20
C PRO A 75 26.67 12.92 -23.99
N TYR A 76 25.95 11.85 -23.67
CA TYR A 76 24.78 11.47 -24.43
C TYR A 76 23.52 12.18 -23.95
N LEU A 77 23.14 11.97 -22.70
CA LEU A 77 21.95 12.59 -22.14
C LEU A 77 22.26 13.71 -21.17
N LYS A 78 23.36 13.63 -20.46
CA LYS A 78 23.72 14.62 -19.45
C LYS A 78 25.22 14.59 -19.25
N ASN A 79 25.79 15.75 -18.98
CA ASN A 79 27.22 15.88 -18.70
C ASN A 79 27.40 15.75 -17.19
N ASP A 80 27.38 14.50 -16.72
CA ASP A 80 27.56 14.20 -15.31
C ASP A 80 28.70 13.20 -15.14
N TYR A 81 28.88 12.65 -13.95
CA TYR A 81 29.98 11.72 -13.74
C TYR A 81 29.73 10.37 -14.40
N THR A 82 28.46 10.03 -14.63
CA THR A 82 28.13 8.72 -15.20
C THR A 82 28.73 8.56 -16.58
N ASN A 83 28.60 9.57 -17.44
CA ASN A 83 29.14 9.47 -18.79
C ASN A 83 30.66 9.37 -18.75
N LEU A 84 31.30 10.13 -17.87
CA LEU A 84 32.75 10.14 -17.79
C LEU A 84 33.29 8.79 -17.33
N ILE A 85 32.68 8.22 -16.28
CA ILE A 85 33.15 6.94 -15.80
C ILE A 85 32.80 5.82 -16.77
N SER A 86 31.69 5.97 -17.52
CA SER A 86 31.34 4.97 -18.52
C SER A 86 32.27 5.01 -19.72
N ARG A 87 32.80 6.18 -20.07
CA ARG A 87 33.75 6.26 -21.16
C ARG A 87 35.16 5.89 -20.73
N GLN A 88 35.51 6.12 -19.47
CA GLN A 88 36.84 5.79 -18.97
C GLN A 88 36.97 4.30 -18.69
N ASN A 89 36.01 3.72 -17.98
CA ASN A 89 36.01 2.29 -17.65
C ASN A 89 34.63 1.73 -17.90
N PRO A 90 34.32 1.39 -19.15
CA PRO A 90 32.99 0.86 -19.47
C PRO A 90 32.80 -0.54 -18.94
N LEU A 91 31.52 -0.89 -18.76
CA LEU A 91 31.16 -2.23 -18.33
C LEU A 91 31.40 -3.22 -19.47
N ILE A 92 31.53 -4.50 -19.11
CA ILE A 92 31.78 -5.52 -20.12
C ILE A 92 30.58 -5.69 -21.03
N GLU A 93 29.35 -5.54 -20.50
CA GLU A 93 28.17 -5.69 -21.32
C GLU A 93 27.97 -4.51 -22.26
N HIS A 94 28.50 -3.35 -21.92
CA HIS A 94 28.48 -2.22 -22.84
C HIS A 94 29.57 -2.35 -23.90
N MET A 95 30.74 -2.85 -23.49
CA MET A 95 31.81 -3.11 -24.45
C MET A 95 31.39 -4.18 -25.44
N ASN A 96 30.57 -5.14 -25.02
CA ASN A 96 30.08 -6.17 -25.93
C ASN A 96 29.15 -5.58 -26.98
N LEU A 97 28.27 -4.65 -26.56
CA LEU A 97 27.38 -4.00 -27.52
C LEU A 97 28.15 -3.13 -28.49
N LYS A 98 29.11 -2.35 -28.00
CA LYS A 98 29.81 -1.42 -28.87
C LYS A 98 30.69 -2.14 -29.89
N LYS A 99 31.19 -3.32 -29.56
CA LYS A 99 32.15 -4.02 -30.41
C LYS A 99 31.49 -4.95 -31.42
N LEU A 100 30.16 -4.99 -31.48
CA LEU A 100 29.48 -5.73 -32.54
C LEU A 100 29.79 -5.09 -33.90
N ASN A 101 29.67 -5.88 -34.95
CA ASN A 101 29.97 -5.37 -36.28
C ASN A 101 28.94 -4.35 -36.74
N ILE A 102 27.65 -4.63 -36.49
CA ILE A 102 26.60 -3.70 -36.85
C ILE A 102 26.76 -2.39 -36.08
N THR A 103 27.07 -2.49 -34.78
CA THR A 103 27.28 -1.29 -33.98
C THR A 103 28.52 -0.54 -34.44
N GLN A 104 29.56 -1.26 -34.84
CA GLN A 104 30.76 -0.60 -35.35
C GLN A 104 30.45 0.18 -36.63
N SER A 105 29.65 -0.41 -37.52
CA SER A 105 29.28 0.30 -38.75
C SER A 105 28.41 1.52 -38.43
N LEU A 106 27.49 1.40 -37.48
CA LEU A 106 26.65 2.53 -37.13
C LEU A 106 27.46 3.65 -36.49
N ILE A 107 28.43 3.30 -35.65
CA ILE A 107 29.31 4.30 -35.04
C ILE A 107 30.17 4.95 -36.11
N SER A 108 30.62 4.17 -37.09
CA SER A 108 31.37 4.74 -38.21
C SER A 108 30.54 5.76 -38.97
N LYS A 109 29.27 5.43 -39.23
CA LYS A 109 28.39 6.38 -39.91
C LYS A 109 28.16 7.62 -39.06
N TYR A 110 28.01 7.46 -37.75
CA TYR A 110 27.78 8.59 -36.87
C TYR A 110 28.97 9.53 -36.84
N HIS A 111 30.18 8.98 -36.73
CA HIS A 111 31.38 9.81 -36.68
C HIS A 111 31.75 10.42 -38.02
N LYS A 112 31.06 10.06 -39.09
CA LYS A 112 31.23 10.70 -40.39
C LYS A 112 30.15 11.75 -40.66
N GLY A 113 29.20 11.90 -39.75
CA GLY A 113 28.12 12.85 -39.92
C GLY A 113 26.95 12.38 -40.72
N GLU A 114 26.88 11.08 -41.05
CA GLU A 114 25.81 10.58 -41.90
C GLU A 114 24.51 10.38 -41.14
N ILE A 115 24.58 9.92 -39.89
CA ILE A 115 23.39 9.70 -39.09
C ILE A 115 23.41 10.65 -37.91
N LYS A 116 22.22 11.02 -37.44
CA LYS A 116 22.06 11.98 -36.36
C LYS A 116 21.56 11.27 -35.11
N LEU A 117 22.13 11.63 -33.97
CA LEU A 117 21.82 11.00 -32.70
C LEU A 117 20.61 11.67 -32.07
N GLU A 118 19.62 10.87 -31.68
CA GLU A 118 18.39 11.36 -31.09
C GLU A 118 18.18 10.71 -29.73
N GLU A 119 17.14 11.14 -29.06
CA GLU A 119 16.68 10.75 -27.74
C GLU A 119 15.58 9.70 -27.85
N PRO A 120 15.52 8.74 -26.91
CA PRO A 120 14.55 7.65 -27.02
C PRO A 120 13.10 8.06 -27.24
N THR A 121 12.71 9.29 -26.88
CA THR A 121 11.35 9.74 -27.13
C THR A 121 11.12 10.08 -28.59
N TYR A 122 12.14 10.57 -29.28
CA TYR A 122 12.08 10.73 -30.73
C TYR A 122 11.73 9.42 -31.40
N PHE A 123 12.40 8.34 -30.99
CA PHE A 123 12.12 7.03 -31.58
C PHE A 123 10.83 6.41 -31.03
N GLN A 124 10.37 6.82 -29.86
CA GLN A 124 9.04 6.40 -29.43
C GLN A 124 7.98 6.99 -30.36
N SER A 125 8.10 8.28 -30.66
CA SER A 125 7.19 8.90 -31.63
C SER A 125 7.34 8.25 -33.01
N LEU A 126 8.56 7.85 -33.37
CA LEU A 126 8.77 7.16 -34.64
C LEU A 126 8.07 5.80 -34.67
N LEU A 127 8.20 5.03 -33.59
CA LEU A 127 7.59 3.70 -33.55
C LEU A 127 6.07 3.78 -33.54
N MET A 128 5.50 4.65 -32.71
CA MET A 128 4.05 4.71 -32.62
C MET A 128 3.39 5.27 -33.88
N THR A 129 4.17 5.60 -34.90
CA THR A 129 3.66 6.06 -36.18
C THR A 129 3.87 5.04 -37.29
N TYR A 130 4.68 4.00 -37.04
CA TYR A 130 5.04 3.03 -38.07
C TYR A 130 3.82 2.36 -38.68
N LYS A 131 3.68 2.49 -40.01
CA LYS A 131 2.69 1.73 -40.77
C LYS A 131 3.25 1.37 -42.14
N SER A 132 4.56 1.15 -42.25
CA SER A 132 5.25 1.23 -43.54
C SER A 132 4.74 0.19 -44.54
N MET A 133 4.90 -1.09 -44.24
CA MET A 133 4.79 -2.12 -45.26
C MET A 133 3.37 -2.17 -45.83
N THR A 134 3.29 -2.56 -47.11
CA THR A 134 2.07 -2.43 -47.90
C THR A 134 1.53 -3.79 -48.29
N SER A 135 0.29 -4.07 -47.88
CA SER A 135 -0.60 -5.09 -48.41
C SER A 135 -0.22 -6.52 -48.05
N SER A 136 1.03 -6.78 -47.67
CA SER A 136 1.43 -8.13 -47.29
C SER A 136 1.32 -8.30 -45.78
N GLU A 137 2.08 -7.51 -45.02
CA GLU A 137 1.82 -7.41 -43.59
C GLU A 137 0.40 -6.92 -43.36
N GLN A 138 -0.16 -6.16 -44.31
CA GLN A 138 -1.53 -5.67 -44.15
C GLN A 138 -2.53 -6.81 -44.23
N ILE A 139 -2.48 -7.62 -45.30
CA ILE A 139 -3.41 -8.74 -45.38
C ILE A 139 -3.17 -9.72 -44.22
N ALA A 140 -1.90 -9.96 -43.87
CA ALA A 140 -1.63 -10.92 -42.80
C ALA A 140 -2.17 -10.44 -41.45
N THR A 141 -1.92 -9.18 -41.10
CA THR A 141 -2.38 -8.66 -39.82
C THR A 141 -3.90 -8.53 -39.78
N THR A 142 -4.51 -8.09 -40.88
CA THR A 142 -5.96 -7.98 -40.91
C THR A 142 -6.60 -9.35 -40.80
N ASN A 143 -6.03 -10.37 -41.43
CA ASN A 143 -6.56 -11.73 -41.31
C ASN A 143 -6.39 -12.25 -39.90
N LEU A 144 -5.24 -12.01 -39.28
CA LEU A 144 -5.02 -12.46 -37.91
C LEU A 144 -6.00 -11.80 -36.95
N LEU A 145 -6.25 -10.50 -37.12
CA LEU A 145 -7.17 -9.80 -36.23
C LEU A 145 -8.61 -10.24 -36.46
N LYS A 146 -9.01 -10.42 -37.72
CA LYS A 146 -10.33 -10.97 -38.01
C LYS A 146 -10.51 -12.33 -37.37
N LYS A 147 -9.48 -13.17 -37.45
CA LYS A 147 -9.56 -14.50 -36.85
C LYS A 147 -9.67 -14.43 -35.34
N ILE A 148 -8.86 -13.57 -34.70
CA ILE A 148 -8.93 -13.43 -33.25
C ILE A 148 -10.30 -12.95 -32.81
N ILE A 149 -10.86 -11.97 -33.52
CA ILE A 149 -12.16 -11.43 -33.13
C ILE A 149 -13.26 -12.45 -33.33
N ARG A 150 -13.24 -13.16 -34.46
CA ARG A 150 -14.24 -14.19 -34.72
C ARG A 150 -14.16 -15.30 -33.69
N ARG A 151 -12.95 -15.74 -33.35
CA ARG A 151 -12.81 -16.81 -32.37
C ARG A 151 -13.23 -16.34 -30.99
N ALA A 152 -12.95 -15.09 -30.63
CA ALA A 152 -13.38 -14.57 -29.34
C ALA A 152 -14.90 -14.51 -29.25
N ILE A 153 -15.57 -14.06 -30.31
CA ILE A 153 -17.02 -14.04 -30.30
C ILE A 153 -17.58 -15.46 -30.25
N GLU A 154 -16.93 -16.40 -30.94
CA GLU A 154 -17.40 -17.78 -30.92
C GLU A 154 -17.22 -18.44 -29.55
N ILE A 155 -16.16 -18.08 -28.83
CA ILE A 155 -15.97 -18.61 -27.49
C ILE A 155 -16.92 -17.94 -26.50
N SER A 156 -17.19 -16.65 -26.69
CA SER A 156 -18.15 -15.96 -25.83
C SER A 156 -19.58 -16.43 -26.08
N ASP A 157 -19.86 -16.98 -27.26
CA ASP A 157 -21.20 -17.44 -27.59
C ASP A 157 -21.68 -18.52 -26.63
N VAL A 158 -20.80 -19.39 -26.17
CA VAL A 158 -21.19 -20.46 -25.25
C VAL A 158 -21.75 -19.87 -23.96
N LYS A 159 -21.00 -18.93 -23.36
CA LYS A 159 -21.44 -18.33 -22.11
C LYS A 159 -22.66 -17.45 -22.31
N VAL A 160 -22.73 -16.71 -23.43
CA VAL A 160 -23.89 -15.86 -23.68
C VAL A 160 -25.14 -16.71 -23.85
N TYR A 161 -25.02 -17.84 -24.53
CA TYR A 161 -26.14 -18.76 -24.68
C TYR A 161 -26.57 -19.31 -23.33
N ALA A 162 -25.61 -19.75 -22.51
CA ALA A 162 -25.94 -20.25 -21.18
C ALA A 162 -26.68 -19.19 -20.36
N ILE A 163 -26.17 -17.96 -20.38
CA ILE A 163 -26.76 -16.89 -19.58
C ILE A 163 -28.17 -16.57 -20.07
N LEU A 164 -28.35 -16.45 -21.39
CA LEU A 164 -29.67 -16.12 -21.92
C LEU A 164 -30.66 -17.27 -21.72
N ASN A 165 -30.16 -18.50 -21.62
CA ASN A 165 -31.04 -19.62 -21.34
C ASN A 165 -31.43 -19.70 -19.87
N LYS A 166 -30.53 -19.29 -18.97
CA LYS A 166 -30.88 -19.25 -17.56
C LYS A 166 -31.78 -18.06 -17.22
N LEU A 167 -31.59 -16.92 -17.89
CA LEU A 167 -32.40 -15.76 -17.57
C LEU A 167 -33.80 -15.85 -18.14
N GLY A 168 -34.05 -16.79 -19.06
CA GLY A 168 -35.33 -16.86 -19.72
C GLY A 168 -35.52 -15.82 -20.80
N LEU A 169 -34.42 -15.32 -21.36
CA LEU A 169 -34.47 -14.34 -22.43
C LEU A 169 -34.28 -14.96 -23.81
N LYS A 170 -33.70 -16.16 -23.88
CA LYS A 170 -33.42 -16.83 -25.15
C LYS A 170 -34.66 -16.97 -26.03
N THR A 220 -21.62 -21.49 -36.27
CA THR A 220 -20.90 -21.71 -35.02
C THR A 220 -21.52 -20.87 -33.91
N ILE A 221 -21.94 -19.65 -34.24
CA ILE A 221 -22.58 -18.75 -33.29
C ILE A 221 -24.07 -19.05 -33.28
N LYS A 222 -24.61 -19.34 -32.10
CA LYS A 222 -26.00 -19.73 -31.94
C LYS A 222 -26.92 -18.56 -31.60
N THR A 223 -26.45 -17.62 -30.79
CA THR A 223 -27.28 -16.51 -30.36
C THR A 223 -27.41 -15.47 -31.47
N THR A 224 -28.57 -14.81 -31.50
CA THR A 224 -28.80 -13.76 -32.49
C THR A 224 -27.96 -12.52 -32.19
N LEU A 225 -27.83 -12.18 -30.91
CA LEU A 225 -27.04 -11.02 -30.51
C LEU A 225 -25.62 -11.10 -31.04
N LEU A 226 -24.96 -12.23 -30.82
CA LEU A 226 -23.58 -12.34 -31.25
C LEU A 226 -23.46 -12.63 -32.74
N LYS A 227 -24.51 -13.10 -33.39
CA LYS A 227 -24.49 -13.14 -34.85
C LYS A 227 -24.49 -11.72 -35.42
N LYS A 228 -25.34 -10.85 -34.88
CA LYS A 228 -25.32 -9.44 -35.29
C LYS A 228 -23.99 -8.79 -34.95
N LEU A 229 -23.40 -9.16 -33.81
CA LEU A 229 -22.10 -8.59 -33.45
C LEU A 229 -21.00 -9.08 -34.37
N MET A 230 -21.04 -10.35 -34.77
CA MET A 230 -20.07 -10.86 -35.73
C MET A 230 -20.24 -10.20 -37.10
N CYS A 231 -21.48 -9.85 -37.46
CA CYS A 231 -21.68 -9.07 -38.67
C CYS A 231 -21.10 -7.67 -38.51
N SER A 232 -21.15 -7.12 -37.29
CA SER A 232 -20.64 -5.77 -37.07
C SER A 232 -19.13 -5.72 -37.02
N MET A 233 -18.48 -6.79 -36.53
CA MET A 233 -17.06 -6.77 -36.21
C MET A 233 -16.23 -7.59 -37.20
N GLN A 234 -16.65 -7.66 -38.45
CA GLN A 234 -15.92 -8.45 -39.44
C GLN A 234 -14.95 -7.61 -40.27
N HIS A 235 -14.82 -6.31 -39.97
CA HIS A 235 -13.86 -5.44 -40.65
C HIS A 235 -13.18 -4.59 -39.59
N PRO A 236 -12.02 -5.02 -39.09
CA PRO A 236 -11.29 -4.23 -38.11
C PRO A 236 -10.88 -2.89 -38.68
N PRO A 237 -11.10 -1.80 -37.95
CA PRO A 237 -10.76 -0.47 -38.44
C PRO A 237 -9.25 -0.27 -38.53
N SER A 238 -8.86 0.79 -39.24
CA SER A 238 -7.46 1.01 -39.58
C SER A 238 -6.61 1.31 -38.35
N TRP A 239 -7.16 2.06 -37.39
CA TRP A 239 -6.42 2.38 -36.17
C TRP A 239 -6.17 1.15 -35.31
N LEU A 240 -7.18 0.28 -35.18
CA LEU A 240 -6.98 -0.96 -34.45
C LEU A 240 -5.96 -1.86 -35.14
N ILE A 241 -6.04 -1.97 -36.46
CA ILE A 241 -5.05 -2.75 -37.21
C ILE A 241 -3.66 -2.18 -37.03
N HIS A 242 -3.55 -0.86 -36.99
CA HIS A 242 -2.26 -0.21 -36.81
C HIS A 242 -1.63 -0.58 -35.47
N TRP A 243 -2.39 -0.40 -34.38
CA TRP A 243 -1.85 -0.72 -33.07
C TRP A 243 -1.61 -2.21 -32.89
N PHE A 244 -2.46 -3.06 -33.46
CA PHE A 244 -2.25 -4.50 -33.35
C PHE A 244 -1.00 -4.93 -34.11
N ASN A 245 -0.78 -4.38 -35.31
CA ASN A 245 0.41 -4.71 -36.07
C ASN A 245 1.68 -4.26 -35.33
N LEU A 246 1.67 -3.04 -34.80
CA LEU A 246 2.82 -2.55 -34.06
C LEU A 246 3.11 -3.42 -32.85
N TYR A 247 2.08 -3.71 -32.05
CA TYR A 247 2.26 -4.57 -30.88
C TYR A 247 2.77 -5.95 -31.29
N THR A 248 2.24 -6.52 -32.36
CA THR A 248 2.67 -7.84 -32.80
C THR A 248 4.14 -7.85 -33.18
N LYS A 249 4.59 -6.82 -33.91
CA LYS A 249 5.99 -6.76 -34.31
C LYS A 249 6.89 -6.62 -33.09
N LEU A 250 6.56 -5.69 -32.19
CA LEU A 250 7.41 -5.48 -31.02
C LEU A 250 7.44 -6.71 -30.12
N ASN A 251 6.29 -7.37 -29.96
CA ASN A 251 6.24 -8.58 -29.15
C ASN A 251 6.95 -9.74 -29.82
N ASN A 252 6.98 -9.78 -31.16
CA ASN A 252 7.76 -10.79 -31.86
C ASN A 252 9.25 -10.59 -31.61
N ILE A 253 9.71 -9.34 -31.70
CA ILE A 253 11.10 -9.03 -31.40
C ILE A 253 11.44 -9.47 -29.98
N LEU A 254 10.59 -9.10 -29.01
CA LEU A 254 10.84 -9.45 -27.62
C LEU A 254 10.81 -10.96 -27.40
N THR A 255 9.88 -11.66 -28.04
CA THR A 255 9.79 -13.11 -27.87
C THR A 255 11.02 -13.80 -28.44
N GLN A 256 11.46 -13.38 -29.63
CA GLN A 256 12.67 -13.93 -30.20
C GLN A 256 13.85 -13.72 -29.27
N TYR A 257 14.00 -12.52 -28.72
CA TYR A 257 15.12 -12.25 -27.82
C TYR A 257 15.04 -13.13 -26.58
N ARG A 258 13.86 -13.20 -25.95
CA ARG A 258 13.72 -13.95 -24.71
C ARG A 258 14.00 -15.43 -24.92
N SER A 259 13.49 -15.99 -26.02
CA SER A 259 13.72 -17.40 -26.30
C SER A 259 15.20 -17.68 -26.56
N ASN A 260 15.84 -16.88 -27.41
CA ASN A 260 17.25 -17.13 -27.68
C ASN A 260 18.15 -16.77 -26.51
N GLU A 261 17.65 -15.98 -25.55
CA GLU A 261 18.42 -15.67 -24.36
C GLU A 261 18.32 -16.79 -23.33
N VAL A 262 17.17 -17.44 -23.24
CA VAL A 262 17.09 -18.69 -22.49
C VAL A 262 17.99 -19.74 -23.10
N LYS A 263 17.92 -19.89 -24.44
CA LYS A 263 18.75 -20.89 -25.11
C LYS A 263 20.23 -20.56 -25.01
N ASN A 264 20.58 -19.28 -25.06
CA ASN A 264 21.97 -18.85 -25.15
C ASN A 264 22.17 -17.61 -24.29
N HIS A 265 23.10 -17.69 -23.34
CA HIS A 265 23.39 -16.56 -22.47
C HIS A 265 24.34 -15.61 -23.17
N GLY A 266 24.00 -14.33 -23.18
CA GLY A 266 24.75 -13.34 -23.91
C GLY A 266 24.23 -13.06 -25.30
N PHE A 267 23.07 -13.60 -25.66
CA PHE A 267 22.51 -13.41 -26.99
C PHE A 267 22.12 -11.95 -27.20
N THR A 268 22.56 -11.39 -28.31
CA THR A 268 22.16 -10.05 -28.73
C THR A 268 21.30 -10.18 -29.97
N LEU A 269 20.08 -9.69 -29.90
CA LEU A 269 19.18 -9.72 -31.05
C LEU A 269 19.50 -8.56 -31.99
N ILE A 270 19.66 -8.89 -33.27
CA ILE A 270 19.90 -7.91 -34.31
C ILE A 270 18.84 -8.14 -35.38
N ASP A 271 17.88 -7.24 -35.48
CA ASP A 271 16.68 -7.45 -36.29
C ASP A 271 16.32 -6.17 -37.02
N ASN A 272 16.40 -6.18 -38.34
CA ASN A 272 15.96 -5.04 -39.16
C ASN A 272 14.88 -5.44 -40.15
N GLN A 273 14.22 -6.57 -39.93
CA GLN A 273 13.19 -7.06 -40.85
C GLN A 273 11.79 -7.10 -40.26
N THR A 274 11.66 -7.33 -38.95
CA THR A 274 10.33 -7.39 -38.34
C THR A 274 9.61 -6.06 -38.49
N LEU A 275 10.17 -5.00 -37.91
CA LEU A 275 9.65 -3.64 -38.06
C LEU A 275 10.43 -3.00 -39.22
N SER A 276 9.79 -2.89 -40.37
CA SER A 276 10.48 -2.44 -41.57
C SER A 276 10.90 -0.98 -41.44
N GLY A 277 12.17 -0.71 -41.71
CA GLY A 277 12.75 0.59 -41.59
C GLY A 277 13.64 0.75 -40.37
N PHE A 278 13.31 0.06 -39.28
CA PHE A 278 14.07 0.15 -38.03
C PHE A 278 15.02 -1.04 -37.91
N GLN A 279 16.20 -0.79 -37.35
CA GLN A 279 17.14 -1.84 -36.99
C GLN A 279 17.30 -1.84 -35.48
N PHE A 280 16.96 -2.96 -34.85
CA PHE A 280 17.06 -3.11 -33.41
C PHE A 280 18.30 -3.92 -33.06
N ILE A 281 18.97 -3.51 -31.99
CA ILE A 281 20.09 -4.25 -31.40
C ILE A 281 19.76 -4.35 -29.92
N LEU A 282 19.27 -5.51 -29.49
CA LEU A 282 18.62 -5.65 -28.20
C LEU A 282 19.29 -6.73 -27.35
N ASN A 283 19.73 -6.33 -26.16
CA ASN A 283 20.10 -7.19 -25.05
C ASN A 283 19.21 -6.86 -23.86
N GLN A 284 19.53 -7.47 -22.72
CA GLN A 284 19.03 -6.98 -21.45
C GLN A 284 19.82 -5.79 -20.95
N TYR A 285 20.96 -5.50 -21.57
CA TYR A 285 21.85 -4.42 -21.16
C TYR A 285 21.80 -3.22 -22.09
N GLY A 286 20.99 -3.24 -23.14
CA GLY A 286 20.89 -2.10 -24.02
C GLY A 286 20.07 -2.32 -25.26
N CYS A 287 19.61 -1.22 -25.86
CA CYS A 287 18.85 -1.26 -27.10
C CYS A 287 19.33 -0.12 -27.99
N ILE A 288 19.82 -0.45 -29.17
CA ILE A 288 20.25 0.53 -30.15
C ILE A 288 19.30 0.45 -31.34
N VAL A 289 18.46 1.46 -31.50
CA VAL A 289 17.50 1.53 -32.60
C VAL A 289 18.03 2.51 -33.63
N TYR A 290 18.04 2.10 -34.89
CA TYR A 290 18.59 2.89 -35.97
C TYR A 290 17.60 2.94 -37.12
N HIS A 291 17.21 4.14 -37.53
CA HIS A 291 16.30 4.34 -38.66
C HIS A 291 17.12 4.81 -39.85
N LYS A 292 17.05 4.06 -40.95
CA LYS A 292 17.98 4.31 -42.04
C LYS A 292 17.53 5.43 -42.96
N GLU A 293 16.27 5.45 -43.39
CA GLU A 293 15.86 6.46 -44.36
C GLU A 293 15.70 7.82 -43.70
N LEU A 294 15.51 7.85 -42.38
CA LEU A 294 15.54 9.10 -41.64
C LEU A 294 16.93 9.45 -41.11
N LYS A 295 17.87 8.50 -41.15
CA LYS A 295 19.25 8.71 -40.72
C LYS A 295 19.31 9.14 -39.25
N ARG A 296 18.58 8.41 -38.41
CA ARG A 296 18.52 8.66 -36.98
C ARG A 296 18.96 7.41 -36.23
N ILE A 297 19.63 7.61 -35.11
CA ILE A 297 20.05 6.52 -34.24
C ILE A 297 19.82 6.93 -32.80
N THR A 298 19.39 5.99 -31.98
CA THR A 298 19.23 6.22 -30.56
C THR A 298 19.76 5.02 -29.79
N VAL A 299 20.22 5.27 -28.57
CA VAL A 299 20.63 4.24 -27.64
C VAL A 299 19.74 4.35 -26.41
N THR A 300 19.22 3.22 -25.96
CA THR A 300 18.38 3.19 -24.78
C THR A 300 18.57 1.85 -24.09
N THR A 301 17.67 1.50 -23.19
CA THR A 301 17.81 0.31 -22.36
C THR A 301 16.75 -0.71 -22.71
N TYR A 302 16.90 -1.91 -22.13
CA TYR A 302 15.93 -2.98 -22.33
C TYR A 302 14.57 -2.61 -21.73
N ASN A 303 14.58 -1.94 -20.58
CA ASN A 303 13.34 -1.47 -19.97
C ASN A 303 12.62 -0.46 -20.87
N GLN A 304 13.34 0.27 -21.70
CA GLN A 304 12.68 1.20 -22.62
C GLN A 304 12.01 0.47 -23.78
N PHE A 305 12.64 -0.58 -24.31
CA PHE A 305 11.95 -1.39 -25.30
C PHE A 305 10.73 -2.06 -24.68
N LEU A 306 10.83 -2.51 -23.43
CA LEU A 306 9.68 -3.06 -22.74
C LEU A 306 8.57 -2.03 -22.61
N THR A 307 8.94 -0.78 -22.31
CA THR A 307 7.97 0.29 -22.21
C THR A 307 7.31 0.58 -23.55
N TRP A 308 8.09 0.54 -24.63
CA TRP A 308 7.53 0.76 -25.96
C TRP A 308 6.51 -0.32 -26.32
N LYS A 309 6.87 -1.57 -26.06
CA LYS A 309 5.93 -2.67 -26.31
C LYS A 309 4.70 -2.54 -25.44
N ASP A 310 4.87 -2.09 -24.19
CA ASP A 310 3.74 -1.87 -23.30
C ASP A 310 2.86 -0.73 -23.80
N ILE A 311 3.45 0.31 -24.40
CA ILE A 311 2.67 1.40 -24.98
C ILE A 311 1.83 0.88 -26.12
N SER A 312 2.44 0.12 -27.03
CA SER A 312 1.70 -0.41 -28.16
C SER A 312 0.60 -1.36 -27.71
N LEU A 313 0.87 -2.16 -26.68
CA LEU A 313 -0.16 -3.05 -26.13
C LEU A 313 -1.28 -2.25 -25.47
N SER A 314 -0.95 -1.19 -24.73
CA SER A 314 -1.96 -0.38 -24.08
C SER A 314 -2.86 0.31 -25.09
N ARG A 315 -2.29 0.79 -26.19
CA ARG A 315 -3.09 1.47 -27.21
C ARG A 315 -3.91 0.47 -28.00
N LEU A 316 -3.36 -0.71 -28.29
CA LEU A 316 -4.15 -1.78 -28.87
C LEU A 316 -5.33 -2.14 -27.97
N ASN A 317 -5.10 -2.18 -26.66
CA ASN A 317 -6.17 -2.55 -25.73
C ASN A 317 -7.23 -1.45 -25.66
N VAL A 318 -6.81 -0.18 -25.67
CA VAL A 318 -7.78 0.90 -25.68
C VAL A 318 -8.65 0.83 -26.93
N CYS A 319 -8.01 0.70 -28.10
CA CYS A 319 -8.78 0.63 -29.34
C CYS A 319 -9.66 -0.60 -29.39
N LEU A 320 -9.19 -1.72 -28.85
CA LEU A 320 -9.94 -2.97 -28.88
C LEU A 320 -11.18 -2.87 -27.98
N ILE A 321 -10.99 -2.44 -26.74
CA ILE A 321 -12.11 -2.25 -25.82
C ILE A 321 -13.11 -1.27 -26.40
N THR A 322 -12.62 -0.17 -26.98
CA THR A 322 -13.54 0.84 -27.49
C THR A 322 -14.29 0.35 -28.71
N TRP A 323 -13.65 -0.43 -29.59
CA TRP A 323 -14.36 -0.99 -30.74
C TRP A 323 -15.40 -2.00 -30.30
N ILE A 324 -15.03 -2.91 -29.40
CA ILE A 324 -15.99 -3.87 -28.87
C ILE A 324 -17.19 -3.15 -28.25
N SER A 325 -16.92 -2.15 -27.42
CA SER A 325 -17.98 -1.43 -26.72
C SER A 325 -18.86 -0.65 -27.70
N ASN A 326 -18.27 -0.04 -28.72
CA ASN A 326 -19.05 0.72 -29.67
C ASN A 326 -19.94 -0.18 -30.50
N CYS A 327 -19.44 -1.34 -30.91
CA CYS A 327 -20.30 -2.29 -31.62
C CYS A 327 -21.42 -2.80 -30.73
N LEU A 328 -21.11 -3.10 -29.46
CA LEU A 328 -22.13 -3.56 -28.53
C LEU A 328 -23.20 -2.49 -28.32
N ASN A 329 -22.80 -1.23 -28.19
CA ASN A 329 -23.76 -0.15 -28.00
C ASN A 329 -24.53 0.16 -29.27
N THR A 330 -23.97 -0.12 -30.44
CA THR A 330 -24.74 -0.02 -31.66
C THR A 330 -25.80 -1.10 -31.73
N LEU A 331 -25.50 -2.31 -31.25
CA LEU A 331 -26.54 -3.33 -31.15
C LEU A 331 -27.54 -2.99 -30.04
N ASN A 332 -27.03 -2.53 -28.90
CA ASN A 332 -27.84 -2.32 -27.71
C ASN A 332 -27.12 -1.35 -26.78
N LYS A 333 -27.73 -0.19 -26.53
CA LYS A 333 -27.08 0.86 -25.74
C LYS A 333 -26.80 0.45 -24.30
N SER A 334 -27.21 -0.74 -23.88
CA SER A 334 -26.97 -1.23 -22.53
C SER A 334 -25.92 -2.33 -22.47
N LEU A 335 -25.43 -2.81 -23.62
CA LEU A 335 -24.45 -3.88 -23.62
C LEU A 335 -23.04 -3.38 -23.34
N GLY A 336 -22.62 -2.33 -24.01
CA GLY A 336 -21.26 -1.84 -23.90
C GLY A 336 -21.04 -1.09 -22.61
N LEU A 337 -19.96 -0.32 -22.59
CA LEU A 337 -19.65 0.48 -21.42
C LEU A 337 -20.44 1.77 -21.44
N ARG A 338 -20.52 2.41 -20.26
CA ARG A 338 -21.25 3.66 -20.15
C ARG A 338 -20.54 4.80 -20.88
N CYS A 339 -19.26 4.64 -21.20
CA CYS A 339 -18.53 5.61 -21.97
C CYS A 339 -18.62 5.29 -23.46
N GLY A 340 -18.55 6.34 -24.28
CA GLY A 340 -18.49 6.17 -25.71
C GLY A 340 -17.40 7.04 -26.31
N PHE A 341 -16.39 6.42 -26.93
CA PHE A 341 -15.24 7.12 -27.43
C PHE A 341 -15.17 7.04 -28.95
N ASN A 342 -14.85 8.17 -29.57
CA ASN A 342 -14.47 8.18 -30.97
C ASN A 342 -12.99 7.83 -31.06
N ASN A 343 -12.66 6.84 -31.89
CA ASN A 343 -11.31 6.30 -31.91
C ASN A 343 -10.38 7.04 -32.85
N VAL A 344 -10.89 7.82 -33.80
CA VAL A 344 -10.00 8.69 -34.55
C VAL A 344 -9.52 9.85 -33.66
N ILE A 345 -10.39 10.32 -32.77
CA ILE A 345 -9.98 11.33 -31.79
C ILE A 345 -8.97 10.73 -30.82
N LEU A 346 -9.16 9.45 -30.45
CA LEU A 346 -8.22 8.81 -29.54
C LEU A 346 -6.87 8.59 -30.20
N THR A 347 -6.87 8.24 -31.48
CA THR A 347 -5.60 8.07 -32.19
C THR A 347 -4.90 9.42 -32.37
N GLN A 348 -5.66 10.48 -32.64
CA GLN A 348 -5.07 11.81 -32.68
C GLN A 348 -4.50 12.21 -31.32
N LEU A 349 -5.18 11.82 -30.24
CA LEU A 349 -4.63 12.03 -28.90
C LEU A 349 -3.29 11.35 -28.74
N PHE A 350 -3.22 10.07 -29.12
CA PHE A 350 -1.96 9.34 -29.03
C PHE A 350 -0.86 10.03 -29.83
N LEU A 351 -1.18 10.45 -31.06
CA LEU A 351 -0.18 11.09 -31.91
C LEU A 351 0.28 12.42 -31.32
N TYR A 352 -0.64 13.20 -30.75
CA TYR A 352 -0.27 14.51 -30.24
C TYR A 352 0.52 14.40 -28.94
N GLY A 353 0.19 13.42 -28.09
CA GLY A 353 1.04 13.17 -26.94
C GLY A 353 2.42 12.70 -27.34
N ASP A 354 2.51 11.89 -28.40
CA ASP A 354 3.81 11.48 -28.92
C ASP A 354 4.59 12.68 -29.46
N CYS A 355 3.90 13.62 -30.10
CA CYS A 355 4.58 14.81 -30.60
C CYS A 355 5.03 15.71 -29.46
N ILE A 356 4.25 15.78 -28.38
CA ILE A 356 4.69 16.52 -27.20
C ILE A 356 5.93 15.88 -26.60
N LEU A 357 5.96 14.55 -26.55
CA LEU A 357 7.13 13.85 -26.03
C LEU A 357 8.31 13.86 -26.98
N LYS A 358 8.09 14.14 -28.26
CA LYS A 358 9.20 14.24 -29.21
C LYS A 358 9.77 15.65 -29.25
N LEU A 359 8.90 16.66 -29.14
CA LEU A 359 9.35 18.05 -29.14
C LEU A 359 10.06 18.39 -27.84
N PHE A 360 9.34 18.33 -26.73
CA PHE A 360 9.98 18.25 -25.43
C PHE A 360 10.49 16.83 -25.24
N HIS A 361 11.75 16.69 -24.85
CA HIS A 361 12.36 15.39 -24.69
C HIS A 361 11.84 14.76 -23.41
N ASN A 362 12.62 13.87 -22.80
CA ASN A 362 12.27 13.27 -21.51
C ASN A 362 11.56 14.25 -20.58
N GLU A 363 11.93 15.54 -20.64
CA GLU A 363 11.27 16.57 -19.87
C GLU A 363 9.78 16.74 -20.23
N GLY A 364 9.34 16.24 -21.38
CA GLY A 364 7.95 16.39 -21.78
C GLY A 364 6.97 15.59 -20.95
N PHE A 365 7.47 14.67 -20.13
CA PHE A 365 6.58 13.93 -19.25
C PHE A 365 6.07 14.79 -18.11
N TYR A 366 6.72 15.92 -17.81
CA TYR A 366 6.13 16.91 -16.92
C TYR A 366 4.80 17.41 -17.48
N ILE A 367 4.81 17.82 -18.75
CA ILE A 367 3.60 18.30 -19.40
C ILE A 367 2.58 17.18 -19.49
N ILE A 368 3.02 15.97 -19.83
CA ILE A 368 2.10 14.85 -19.92
C ILE A 368 1.42 14.61 -18.57
N LYS A 369 2.20 14.65 -17.48
CA LYS A 369 1.66 14.41 -16.15
C LYS A 369 0.71 15.52 -15.70
N GLU A 370 0.97 16.76 -16.11
CA GLU A 370 0.08 17.84 -15.69
C GLU A 370 -1.27 17.84 -16.42
N VAL A 371 -1.65 16.79 -17.15
CA VAL A 371 -2.92 16.76 -17.87
C VAL A 371 -4.04 16.09 -17.05
N GLU A 372 -3.68 15.32 -16.02
CA GLU A 372 -4.67 14.88 -15.06
C GLU A 372 -5.43 16.06 -14.49
N GLY A 373 -4.74 17.18 -14.24
CA GLY A 373 -5.40 18.38 -13.79
C GLY A 373 -6.36 18.95 -14.82
N PHE A 374 -6.02 18.86 -16.10
CA PHE A 374 -6.92 19.35 -17.14
C PHE A 374 -8.17 18.50 -17.22
N ILE A 375 -8.03 17.18 -17.10
CA ILE A 375 -9.21 16.32 -17.12
C ILE A 375 -10.06 16.55 -15.88
N MET A 376 -9.43 16.75 -14.72
CA MET A 376 -10.18 17.07 -13.52
C MET A 376 -10.89 18.41 -13.64
N SER A 377 -10.28 19.37 -14.36
CA SER A 377 -10.95 20.66 -14.57
C SER A 377 -12.13 20.51 -15.50
N LEU A 378 -12.01 19.65 -16.52
CA LEU A 378 -13.17 19.37 -17.37
C LEU A 378 -14.27 18.68 -16.59
N ILE A 379 -13.91 17.87 -15.60
CA ILE A 379 -14.91 17.23 -14.74
C ILE A 379 -15.59 18.27 -13.86
N LEU A 380 -14.80 19.17 -13.27
CA LEU A 380 -15.33 20.18 -12.36
C LEU A 380 -16.13 21.25 -13.09
N ASN A 381 -15.87 21.46 -14.38
CA ASN A 381 -16.73 22.35 -15.16
C ASN A 381 -18.14 21.80 -15.31
N ILE A 382 -18.32 20.51 -15.09
CA ILE A 382 -19.64 19.89 -15.10
C ILE A 382 -20.21 19.77 -13.69
N THR A 383 -19.37 19.37 -12.72
CA THR A 383 -19.87 19.08 -11.38
C THR A 383 -19.88 20.30 -10.46
N GLU A 384 -18.92 21.20 -10.57
CA GLU A 384 -18.76 22.29 -9.63
C GLU A 384 -19.49 23.54 -10.10
N GLU A 385 -19.48 24.56 -9.25
CA GLU A 385 -20.15 25.83 -9.48
C GLU A 385 -19.12 26.88 -9.89
N ASP A 386 -19.63 28.02 -10.36
CA ASP A 386 -18.83 28.96 -11.15
C ASP A 386 -17.52 29.33 -10.47
N GLN A 387 -17.56 29.71 -9.20
CA GLN A 387 -16.36 30.18 -8.53
C GLN A 387 -15.34 29.06 -8.32
N PHE A 388 -15.80 27.90 -7.84
CA PHE A 388 -14.91 26.77 -7.66
C PHE A 388 -14.31 26.31 -8.98
N ARG A 389 -15.13 26.16 -10.01
CA ARG A 389 -14.64 25.65 -11.29
C ARG A 389 -13.71 26.66 -11.97
N LYS A 390 -14.00 27.95 -11.84
CA LYS A 390 -13.13 28.96 -12.42
C LYS A 390 -11.78 28.98 -11.72
N ARG A 391 -11.77 28.92 -10.39
CA ARG A 391 -10.52 28.86 -9.66
C ARG A 391 -9.70 27.64 -10.07
N PHE A 392 -10.35 26.48 -10.17
CA PHE A 392 -9.62 25.27 -10.53
C PHE A 392 -9.09 25.35 -11.96
N TYR A 393 -9.89 25.91 -12.89
CA TYR A 393 -9.45 26.00 -14.27
C TYR A 393 -8.24 26.92 -14.41
N ASN A 394 -8.27 28.07 -13.75
CA ASN A 394 -7.14 28.98 -13.81
C ASN A 394 -5.90 28.37 -13.17
N SER A 395 -6.07 27.73 -12.01
CA SER A 395 -4.94 27.05 -11.38
C SER A 395 -4.36 25.97 -12.30
N MET A 396 -5.22 25.23 -12.99
CA MET A 396 -4.75 24.16 -13.86
C MET A 396 -3.98 24.71 -15.05
N LEU A 397 -4.48 25.80 -15.65
CA LEU A 397 -3.74 26.40 -16.76
C LEU A 397 -2.38 26.90 -16.31
N ASN A 398 -2.33 27.54 -15.14
CA ASN A 398 -1.04 27.98 -14.62
C ASN A 398 -0.11 26.80 -14.36
N ASN A 399 -0.64 25.71 -13.83
CA ASN A 399 0.18 24.52 -13.58
C ASN A 399 0.74 23.96 -14.87
N ILE A 400 -0.10 23.82 -15.90
CA ILE A 400 0.36 23.22 -17.15
C ILE A 400 1.40 24.09 -17.82
N THR A 401 1.16 25.41 -17.87
CA THR A 401 2.13 26.27 -18.52
C THR A 401 3.43 26.39 -17.72
N ASP A 402 3.34 26.34 -16.39
CA ASP A 402 4.56 26.32 -15.58
C ASP A 402 5.35 25.04 -15.81
N ALA A 403 4.66 23.91 -15.91
CA ALA A 403 5.34 22.66 -16.21
C ALA A 403 6.00 22.69 -17.57
N ALA A 404 5.33 23.27 -18.57
CA ALA A 404 5.91 23.32 -19.90
C ALA A 404 7.10 24.27 -19.97
N ASN A 405 7.03 25.39 -19.26
CA ASN A 405 8.16 26.31 -19.23
C ASN A 405 9.35 25.71 -18.49
N LYS A 406 9.08 25.02 -17.38
CA LYS A 406 10.14 24.32 -16.66
C LYS A 406 10.75 23.22 -17.51
N ALA A 407 9.92 22.50 -18.27
CA ALA A 407 10.42 21.46 -19.15
C ALA A 407 11.33 22.04 -20.22
N GLN A 408 10.92 23.15 -20.84
CA GLN A 408 11.75 23.79 -21.85
C GLN A 408 13.09 24.24 -21.26
N LYS A 409 13.04 24.90 -20.11
CA LYS A 409 14.27 25.40 -19.49
C LYS A 409 15.20 24.25 -19.11
N ASN A 410 14.66 23.20 -18.50
CA ASN A 410 15.48 22.08 -18.07
C ASN A 410 16.05 21.34 -19.27
N LEU A 411 15.28 21.20 -20.35
CA LEU A 411 15.80 20.55 -21.55
C LEU A 411 16.94 21.34 -22.16
N LEU A 412 16.76 22.66 -22.30
CA LEU A 412 17.80 23.49 -22.88
C LEU A 412 19.05 23.52 -22.01
N SER A 413 18.88 23.47 -20.70
CA SER A 413 20.05 23.47 -19.81
C SER A 413 20.73 22.12 -19.77
N ARG A 414 19.99 21.03 -19.96
CA ARG A 414 20.60 19.70 -19.91
C ARG A 414 21.36 19.37 -21.18
N VAL A 415 20.76 19.63 -22.35
CA VAL A 415 21.38 19.16 -23.59
C VAL A 415 22.42 20.12 -24.14
N CYS A 416 22.74 21.20 -23.42
CA CYS A 416 23.61 22.23 -23.99
C CYS A 416 25.02 21.71 -24.22
N HIS A 417 25.56 20.94 -23.28
CA HIS A 417 26.93 20.45 -23.37
C HIS A 417 26.99 18.93 -23.56
N THR A 418 25.99 18.37 -24.24
CA THR A 418 25.95 16.96 -24.54
C THR A 418 26.01 16.73 -26.05
N LEU A 419 25.87 15.48 -26.46
CA LEU A 419 25.78 15.15 -27.88
C LEU A 419 24.41 15.42 -28.47
N LEU A 420 23.45 15.86 -27.65
CA LEU A 420 22.10 16.16 -28.10
C LEU A 420 21.85 17.67 -28.19
N ASP A 421 22.91 18.46 -28.38
CA ASP A 421 22.75 19.91 -28.36
C ASP A 421 22.02 20.43 -29.57
N LYS A 422 22.10 19.72 -30.70
CA LYS A 422 21.43 20.12 -31.94
C LYS A 422 20.14 19.35 -32.17
N THR A 423 19.57 18.76 -31.14
CA THR A 423 18.33 18.00 -31.27
C THR A 423 17.10 18.77 -30.80
N VAL A 424 17.27 19.93 -30.18
CA VAL A 424 16.13 20.72 -29.72
C VAL A 424 15.57 21.49 -30.91
N SER A 425 14.27 21.32 -31.15
CA SER A 425 13.62 21.93 -32.30
C SER A 425 13.54 23.45 -32.13
N ASP A 426 13.21 24.12 -33.23
CA ASP A 426 12.98 25.56 -33.17
C ASP A 426 11.62 25.89 -32.56
N ASN A 427 10.67 24.96 -32.60
CA ASN A 427 9.38 25.19 -31.98
C ASN A 427 9.45 25.24 -30.46
N ILE A 428 10.60 24.94 -29.87
CA ILE A 428 10.77 25.12 -28.44
C ILE A 428 11.11 26.57 -28.13
N ILE A 429 12.08 27.14 -28.84
CA ILE A 429 12.45 28.53 -28.63
C ILE A 429 11.42 29.47 -29.25
N ASN A 430 10.78 29.07 -30.35
CA ASN A 430 9.75 29.90 -30.96
C ASN A 430 8.59 30.16 -30.01
N GLY A 431 8.40 29.30 -29.02
CA GLY A 431 7.20 29.34 -28.22
C GLY A 431 5.98 28.76 -28.91
N ARG A 432 6.16 28.20 -30.11
CA ARG A 432 5.06 27.60 -30.85
C ARG A 432 4.73 26.19 -30.38
N TRP A 433 5.37 25.72 -29.31
CA TRP A 433 4.93 24.50 -28.64
C TRP A 433 3.57 24.68 -27.99
N ILE A 434 3.18 25.93 -27.73
CA ILE A 434 1.90 26.19 -27.09
C ILE A 434 0.76 25.86 -28.05
N ILE A 435 1.00 25.95 -29.35
CA ILE A 435 0.00 25.54 -30.33
C ILE A 435 -0.24 24.04 -30.25
N LEU A 436 0.84 23.26 -30.18
CA LEU A 436 0.72 21.82 -30.04
C LEU A 436 0.03 21.44 -28.75
N LEU A 437 0.38 22.11 -27.64
CA LEU A 437 -0.28 21.83 -26.37
C LEU A 437 -1.75 22.19 -26.41
N SER A 438 -2.09 23.34 -27.01
CA SER A 438 -3.48 23.74 -27.20
C SER A 438 -4.26 22.68 -27.96
N LYS A 439 -3.68 22.16 -29.04
CA LYS A 439 -4.40 21.17 -29.84
C LYS A 439 -4.54 19.84 -29.10
N PHE A 440 -3.53 19.47 -28.31
CA PHE A 440 -3.64 18.28 -27.47
C PHE A 440 -4.77 18.42 -26.45
N LEU A 441 -4.83 19.56 -25.77
CA LEU A 441 -5.88 19.79 -24.79
C LEU A 441 -7.25 19.84 -25.45
N LYS A 442 -7.34 20.41 -26.66
CA LYS A 442 -8.62 20.43 -27.37
C LYS A 442 -9.06 19.03 -27.75
N LEU A 443 -8.11 18.17 -28.14
CA LEU A 443 -8.45 16.79 -28.43
C LEU A 443 -8.90 16.05 -27.16
N ILE A 444 -8.29 16.36 -26.02
CA ILE A 444 -8.76 15.76 -24.77
C ILE A 444 -10.18 16.21 -24.45
N LYS A 445 -10.48 17.49 -24.67
CA LYS A 445 -11.83 17.97 -24.42
C LYS A 445 -12.83 17.39 -25.41
N LEU A 446 -12.40 17.09 -26.64
CA LEU A 446 -13.28 16.43 -27.59
C LEU A 446 -13.52 14.97 -27.21
N ALA A 447 -12.49 14.28 -26.73
CA ALA A 447 -12.66 12.90 -26.30
C ALA A 447 -13.56 12.82 -25.08
N GLY A 448 -13.41 13.74 -24.14
CA GLY A 448 -14.29 13.79 -22.99
C GLY A 448 -15.74 13.99 -23.37
N ASP A 449 -16.00 14.76 -24.43
CA ASP A 449 -17.32 14.94 -25.00
C ASP A 449 -18.31 15.56 -24.00
N ASN A 450 -17.79 16.27 -22.99
CA ASN A 450 -18.61 16.86 -21.93
C ASN A 450 -19.42 15.79 -21.22
N ASN A 451 -18.79 14.63 -21.01
CA ASN A 451 -19.46 13.45 -20.46
C ASN A 451 -18.64 12.94 -19.29
N LEU A 452 -19.28 12.82 -18.12
CA LEU A 452 -18.57 12.33 -16.94
C LEU A 452 -18.05 10.92 -17.15
N ASN A 453 -18.73 10.12 -17.97
CA ASN A 453 -18.28 8.77 -18.25
C ASN A 453 -16.99 8.78 -19.05
N ASN A 454 -16.97 9.51 -20.16
CA ASN A 454 -15.76 9.64 -20.96
C ASN A 454 -14.65 10.32 -20.17
N LEU A 455 -15.00 11.34 -19.38
CA LEU A 455 -13.98 12.09 -18.67
C LEU A 455 -13.34 11.26 -17.57
N SER A 456 -14.13 10.42 -16.90
CA SER A 456 -13.57 9.53 -15.89
C SER A 456 -12.80 8.38 -16.51
N GLU A 457 -13.24 7.90 -17.68
CA GLU A 457 -12.50 6.83 -18.35
C GLU A 457 -11.19 7.32 -18.95
N LEU A 458 -11.12 8.59 -19.35
CA LEU A 458 -9.94 9.15 -20.02
C LEU A 458 -8.71 9.17 -19.14
N TYR A 459 -8.79 8.68 -17.90
CA TYR A 459 -7.61 8.57 -17.07
C TYR A 459 -6.64 7.51 -17.55
N PHE A 460 -6.96 6.77 -18.61
CA PHE A 460 -5.98 5.86 -19.20
C PHE A 460 -4.92 6.59 -20.01
N LEU A 461 -5.17 7.85 -20.36
CA LEU A 461 -4.22 8.63 -21.15
C LEU A 461 -2.89 8.81 -20.44
N PHE A 462 -2.87 8.65 -19.13
CA PHE A 462 -1.72 9.00 -18.33
C PHE A 462 -0.69 7.89 -18.29
N ARG A 463 -1.09 6.68 -18.66
CA ARG A 463 -0.22 5.52 -18.80
C ARG A 463 -0.36 4.94 -20.19
N ILE A 464 -0.40 5.82 -21.20
CA ILE A 464 -0.58 5.42 -22.59
C ILE A 464 0.59 5.99 -23.39
N PHE A 465 1.37 6.86 -22.76
CA PHE A 465 2.49 7.52 -23.41
C PHE A 465 3.84 7.04 -22.92
N GLY A 466 3.86 6.04 -22.04
CA GLY A 466 5.11 5.50 -21.54
C GLY A 466 5.51 6.08 -20.21
N HIS A 467 6.78 5.89 -19.89
CA HIS A 467 7.36 6.34 -18.64
C HIS A 467 8.62 7.14 -18.91
N PRO A 468 8.91 8.12 -18.07
CA PRO A 468 10.14 8.90 -18.24
C PRO A 468 11.37 8.19 -17.67
N MET A 469 12.52 8.54 -18.23
CA MET A 469 13.79 8.20 -17.62
C MET A 469 14.05 9.15 -16.47
N VAL A 470 14.06 8.63 -15.24
CA VAL A 470 14.19 9.47 -14.06
C VAL A 470 15.66 9.66 -13.73
N ASP A 471 16.09 10.91 -13.65
CA ASP A 471 17.44 11.25 -13.23
C ASP A 471 17.52 11.11 -11.72
N GLU A 472 18.29 10.12 -11.26
CA GLU A 472 18.30 9.78 -9.84
C GLU A 472 19.03 10.83 -9.03
N ARG A 473 20.23 11.22 -9.47
CA ARG A 473 20.97 12.28 -8.80
C ARG A 473 20.19 13.58 -8.73
N GLN A 474 19.43 13.90 -9.78
CA GLN A 474 18.64 15.12 -9.80
C GLN A 474 17.47 15.09 -8.83
N ALA A 475 16.82 13.93 -8.65
CA ALA A 475 15.78 13.82 -7.63
C ALA A 475 16.36 13.91 -6.23
N MET A 476 17.50 13.25 -6.01
CA MET A 476 18.26 13.44 -4.78
C MET A 476 18.47 14.92 -4.49
N ASP A 477 18.96 15.66 -5.48
CA ASP A 477 19.27 17.06 -5.28
C ASP A 477 18.02 17.90 -5.07
N ALA A 478 16.90 17.50 -5.68
CA ALA A 478 15.65 18.23 -5.46
C ALA A 478 15.18 18.07 -4.02
N VAL A 479 15.27 16.87 -3.46
CA VAL A 479 14.79 16.68 -2.09
C VAL A 479 15.80 17.18 -1.06
N LYS A 480 17.08 17.29 -1.42
CA LYS A 480 18.08 17.75 -0.46
C LYS A 480 17.78 19.15 0.06
N ILE A 481 17.37 20.06 -0.84
CA ILE A 481 17.15 21.44 -0.43
C ILE A 481 15.94 21.55 0.50
N ASN A 482 14.94 20.70 0.31
CA ASN A 482 13.78 20.70 1.19
C ASN A 482 14.06 20.04 2.52
N CYS A 483 14.96 19.05 2.54
CA CYS A 483 15.25 18.30 3.76
C CYS A 483 16.43 18.85 4.55
N ASN A 484 17.15 19.84 4.02
CA ASN A 484 18.20 20.52 4.76
C ASN A 484 17.79 21.88 5.27
N GLU A 485 16.59 22.35 4.91
CA GLU A 485 16.16 23.70 5.25
C GLU A 485 15.82 23.80 6.73
N THR A 486 16.27 24.88 7.35
CA THR A 486 15.95 25.14 8.75
C THR A 486 14.55 25.69 8.88
N LYS A 487 13.74 25.06 9.71
CA LYS A 487 12.38 25.48 9.99
C LYS A 487 12.34 26.29 11.28
N PHE A 488 11.43 27.25 11.33
CA PHE A 488 11.28 28.15 12.47
C PHE A 488 9.87 28.00 13.00
N TYR A 489 9.75 27.66 14.28
CA TYR A 489 8.47 27.34 14.88
C TYR A 489 8.22 28.25 16.07
N LEU A 490 6.99 28.70 16.24
CA LEU A 490 6.58 29.24 17.52
C LEU A 490 6.41 28.09 18.51
N LEU A 491 6.94 28.28 19.72
CA LEU A 491 6.80 27.25 20.74
C LEU A 491 5.34 26.94 21.02
N SER A 492 4.46 27.93 20.90
CA SER A 492 3.04 27.70 21.11
C SER A 492 2.45 26.81 20.03
N SER A 493 2.97 26.90 18.80
CA SER A 493 2.51 26.01 17.73
C SER A 493 2.86 24.57 18.03
N LEU A 494 4.10 24.32 18.45
CA LEU A 494 4.51 22.97 18.82
C LEU A 494 3.75 22.46 20.02
N SER A 495 3.51 23.33 21.00
CA SER A 495 2.73 22.94 22.17
C SER A 495 1.31 22.57 21.79
N MET A 496 0.69 23.33 20.89
CA MET A 496 -0.68 23.04 20.49
C MET A 496 -0.76 21.77 19.65
N LEU A 497 0.25 21.53 18.80
CA LEU A 497 0.27 20.28 18.03
C LEU A 497 0.43 19.07 18.95
N ARG A 498 1.38 19.14 19.88
CA ARG A 498 1.56 18.05 20.84
C ARG A 498 0.32 17.86 21.70
N GLY A 499 -0.33 18.96 22.09
CA GLY A 499 -1.53 18.85 22.90
C GLY A 499 -2.72 18.30 22.17
N ALA A 500 -2.83 18.60 20.86
CA ALA A 500 -3.89 18.00 20.07
C ALA A 500 -3.66 16.51 19.86
N PHE A 501 -2.40 16.12 19.64
CA PHE A 501 -2.07 14.70 19.57
C PHE A 501 -2.39 14.00 20.88
N ILE A 502 -2.00 14.60 22.01
CA ILE A 502 -2.25 14.01 23.32
C ILE A 502 -3.74 13.97 23.61
N TYR A 503 -4.49 14.98 23.17
CA TYR A 503 -5.93 14.97 23.37
C TYR A 503 -6.59 13.86 22.58
N ARG A 504 -6.17 13.66 21.33
CA ARG A 504 -6.72 12.55 20.56
C ARG A 504 -6.36 11.21 21.19
N ILE A 505 -5.15 11.10 21.73
CA ILE A 505 -4.75 9.88 22.44
C ILE A 505 -5.65 9.65 23.66
N ILE A 506 -5.83 10.69 24.47
CA ILE A 506 -6.67 10.58 25.68
C ILE A 506 -8.09 10.20 25.30
N LYS A 507 -8.65 10.87 24.30
CA LYS A 507 -10.02 10.63 23.90
C LYS A 507 -10.22 9.21 23.36
N GLY A 508 -9.34 8.77 22.46
CA GLY A 508 -9.45 7.41 21.97
C GLY A 508 -9.20 6.38 23.06
N PHE A 509 -8.38 6.73 24.04
CA PHE A 509 -8.07 5.78 25.10
C PHE A 509 -9.27 5.64 26.02
N VAL A 510 -9.98 6.74 26.28
CA VAL A 510 -11.22 6.70 27.06
C VAL A 510 -12.32 5.98 26.28
N ASN A 511 -12.35 6.14 24.96
CA ASN A 511 -13.39 5.49 24.17
C ASN A 511 -13.17 3.99 24.09
N ASN A 512 -11.93 3.54 23.92
CA ASN A 512 -11.65 2.13 23.69
C ASN A 512 -11.37 1.35 24.97
N TYR A 513 -10.79 1.99 25.99
CA TYR A 513 -10.37 1.33 27.21
C TYR A 513 -11.07 1.86 28.45
N ASN A 514 -12.02 2.79 28.28
CA ASN A 514 -12.89 3.28 29.35
C ASN A 514 -12.15 4.07 30.42
N ARG A 515 -10.95 4.56 30.14
CA ARG A 515 -10.22 5.35 31.11
C ARG A 515 -9.12 6.13 30.43
N TRP A 516 -8.66 7.18 31.10
CA TRP A 516 -7.49 7.92 30.66
C TRP A 516 -6.27 7.01 30.62
N PRO A 517 -5.26 7.35 29.84
CA PRO A 517 -3.97 6.68 30.00
C PRO A 517 -3.37 7.03 31.36
N THR A 518 -2.46 6.18 31.82
CA THR A 518 -1.82 6.40 33.11
C THR A 518 -0.84 7.57 32.99
N LEU A 519 -1.07 8.60 33.78
CA LEU A 519 -0.23 9.79 33.77
C LEU A 519 0.83 9.68 34.85
N ARG A 520 2.07 10.04 34.51
CA ARG A 520 3.14 10.05 35.49
C ARG A 520 3.37 11.43 36.10
N ASN A 521 2.74 12.47 35.57
CA ASN A 521 2.84 13.83 36.12
C ASN A 521 1.47 14.48 36.15
N ALA A 522 0.49 13.76 36.68
CA ALA A 522 -0.87 14.31 36.72
C ALA A 522 -1.01 15.52 37.62
N ILE A 523 0.07 16.01 38.23
CA ILE A 523 0.02 17.24 39.01
C ILE A 523 0.07 18.49 38.15
N VAL A 524 0.21 18.33 36.83
CA VAL A 524 0.30 19.47 35.92
C VAL A 524 -1.06 19.93 35.42
N LEU A 525 -2.13 19.19 35.69
CA LEU A 525 -3.46 19.56 35.25
C LEU A 525 -4.10 20.50 36.28
N PRO A 526 -4.68 21.64 35.85
CA PRO A 526 -4.95 22.72 36.80
C PRO A 526 -5.94 22.37 37.90
N LEU A 527 -7.24 22.32 37.57
CA LEU A 527 -8.22 21.62 38.39
C LEU A 527 -9.33 21.12 37.49
N ARG A 528 -9.45 21.74 36.31
CA ARG A 528 -10.53 21.43 35.39
C ARG A 528 -10.26 20.15 34.62
N TRP A 529 -8.98 19.85 34.36
CA TRP A 529 -8.59 18.61 33.72
C TRP A 529 -8.38 17.48 34.70
N LEU A 530 -8.07 17.80 35.96
CA LEU A 530 -8.06 16.78 37.00
C LEU A 530 -9.42 16.13 37.15
N THR A 531 -10.50 16.92 36.96
CA THR A 531 -11.84 16.36 37.05
C THR A 531 -12.12 15.40 35.90
N TYR A 532 -11.72 15.76 34.68
CA TYR A 532 -11.84 14.83 33.56
C TYR A 532 -11.01 13.57 33.80
N TYR A 533 -9.81 13.74 34.36
CA TYR A 533 -8.95 12.60 34.62
C TYR A 533 -9.56 11.65 35.65
N LYS A 534 -10.13 12.21 36.72
CA LYS A 534 -10.69 11.39 37.79
C LYS A 534 -12.08 10.86 37.46
N LEU A 535 -12.78 11.48 36.51
CA LEU A 535 -14.05 10.97 36.03
C LEU A 535 -13.90 10.12 34.77
N ASN A 536 -12.69 10.00 34.24
CA ASN A 536 -12.41 9.22 33.04
C ASN A 536 -13.27 9.67 31.86
N THR A 537 -13.38 10.99 31.71
CA THR A 537 -14.09 11.60 30.60
C THR A 537 -13.16 12.61 29.93
N TYR A 538 -13.68 13.29 28.92
CA TYR A 538 -12.93 14.31 28.19
C TYR A 538 -13.92 15.31 27.62
N PRO A 539 -13.49 16.54 27.37
CA PRO A 539 -14.37 17.51 26.72
C PRO A 539 -14.33 17.36 25.20
N SER A 540 -15.40 17.82 24.56
CA SER A 540 -15.47 17.77 23.11
C SER A 540 -14.58 18.85 22.50
N LEU A 541 -14.40 18.77 21.18
CA LEU A 541 -13.60 19.76 20.49
C LEU A 541 -14.23 21.14 20.53
N LEU A 542 -15.55 21.23 20.71
CA LEU A 542 -16.21 22.53 20.73
C LEU A 542 -15.90 23.27 22.03
N GLU A 543 -16.07 22.61 23.17
CA GLU A 543 -15.72 23.20 24.45
C GLU A 543 -14.23 23.15 24.75
N LEU A 544 -13.43 22.55 23.87
CA LEU A 544 -11.99 22.58 24.00
C LEU A 544 -11.44 23.96 23.63
N THR A 545 -10.24 24.24 24.10
CA THR A 545 -9.61 25.54 23.95
C THR A 545 -8.15 25.33 23.59
N GLU A 546 -7.55 26.30 22.90
CA GLU A 546 -6.12 26.24 22.61
C GLU A 546 -5.30 26.19 23.90
N ARG A 547 -5.74 26.93 24.92
CA ARG A 547 -5.13 26.84 26.23
C ARG A 547 -5.19 25.42 26.78
N ASP A 548 -6.30 24.72 26.52
CA ASP A 548 -6.42 23.33 26.96
C ASP A 548 -5.38 22.45 26.27
N LEU A 549 -5.14 22.67 24.97
CA LEU A 549 -4.14 21.88 24.27
C LEU A 549 -2.73 22.19 24.75
N ILE A 550 -2.46 23.46 25.06
CA ILE A 550 -1.15 23.80 25.61
C ILE A 550 -0.96 23.17 26.98
N VAL A 551 -2.02 23.10 27.78
CA VAL A 551 -1.94 22.45 29.08
C VAL A 551 -1.71 20.95 28.91
N LEU A 552 -2.42 20.31 27.97
CA LEU A 552 -2.27 18.88 27.74
C LEU A 552 -0.91 18.52 27.17
N SER A 553 -0.24 19.45 26.48
CA SER A 553 1.09 19.18 25.96
C SER A 553 2.10 18.85 27.05
N GLY A 554 1.84 19.21 28.29
CA GLY A 554 2.72 18.91 29.39
C GLY A 554 2.49 17.57 30.05
N LEU A 555 1.60 16.75 29.49
CA LEU A 555 1.28 15.46 30.07
C LEU A 555 2.27 14.41 29.61
N ARG A 556 2.80 13.64 30.55
CA ARG A 556 3.62 12.48 30.27
C ARG A 556 2.87 11.23 30.72
N PHE A 557 3.26 10.10 30.16
CA PHE A 557 2.51 8.87 30.32
C PHE A 557 3.40 7.74 30.81
N TYR A 558 2.76 6.72 31.37
CA TYR A 558 3.38 5.46 31.68
C TYR A 558 3.12 4.48 30.54
N ARG A 559 3.77 3.32 30.61
CA ARG A 559 3.62 2.34 29.56
C ARG A 559 2.22 1.72 29.59
N GLU A 560 1.53 1.79 28.46
CA GLU A 560 0.27 1.11 28.27
C GLU A 560 0.40 -0.14 27.41
N PHE A 561 1.03 0.00 26.26
CA PHE A 561 1.26 -1.10 25.35
C PHE A 561 2.68 -1.65 25.51
N ARG A 562 2.83 -2.92 25.20
CA ARG A 562 4.08 -3.62 25.38
C ARG A 562 4.68 -4.00 24.03
N LEU A 563 6.00 -3.95 23.95
CA LEU A 563 6.69 -4.38 22.74
C LEU A 563 6.79 -5.91 22.71
N PRO A 564 6.61 -6.52 21.54
CA PRO A 564 6.83 -7.97 21.45
C PRO A 564 8.30 -8.31 21.62
N LYS A 565 8.56 -9.34 22.42
CA LYS A 565 9.94 -9.71 22.71
C LYS A 565 10.54 -10.61 21.64
N LYS A 566 9.73 -11.38 20.94
CA LYS A 566 10.19 -12.22 19.85
C LYS A 566 9.71 -11.63 18.52
N VAL A 567 10.62 -11.60 17.55
CA VAL A 567 10.32 -10.93 16.29
C VAL A 567 9.35 -11.76 15.47
N ASP A 568 8.41 -11.08 14.82
CA ASP A 568 7.51 -11.72 13.87
C ASP A 568 8.24 -11.83 12.54
N LEU A 569 8.65 -13.05 12.19
CA LEU A 569 9.41 -13.24 10.96
C LEU A 569 8.58 -13.00 9.71
N GLU A 570 7.25 -13.00 9.83
CA GLU A 570 6.42 -12.73 8.65
C GLU A 570 6.46 -11.27 8.27
N MET A 571 6.56 -10.37 9.25
CA MET A 571 6.59 -8.94 8.99
C MET A 571 7.97 -8.45 8.60
N ILE A 572 9.02 -9.23 8.85
CA ILE A 572 10.39 -8.76 8.66
C ILE A 572 11.05 -9.41 7.45
N ILE A 573 10.46 -10.44 6.87
CA ILE A 573 10.97 -11.12 5.69
C ILE A 573 10.19 -10.67 4.47
N ASN A 574 10.89 -10.40 3.37
CA ASN A 574 10.23 -10.12 2.10
C ASN A 574 11.21 -10.45 0.98
N ASP A 575 10.83 -10.15 -0.25
CA ASP A 575 11.61 -10.47 -1.44
C ASP A 575 12.31 -9.25 -2.04
N LYS A 576 12.47 -8.19 -1.27
CA LYS A 576 13.12 -6.98 -1.73
C LYS A 576 14.61 -7.04 -1.43
N ALA A 577 15.30 -5.94 -1.72
CA ALA A 577 16.74 -5.84 -1.51
C ALA A 577 17.03 -5.11 -0.21
N ILE A 578 18.20 -5.43 0.35
CA ILE A 578 18.67 -4.81 1.58
C ILE A 578 19.84 -3.92 1.24
N SER A 579 19.99 -2.83 1.98
CA SER A 579 21.14 -1.97 1.75
C SER A 579 22.35 -2.52 2.51
N PRO A 580 23.53 -2.49 1.91
CA PRO A 580 24.73 -2.91 2.63
C PRO A 580 25.11 -1.88 3.69
N PRO A 581 25.96 -2.25 4.65
CA PRO A 581 26.41 -1.28 5.64
C PRO A 581 27.14 -0.11 4.99
N LYS A 582 27.44 0.89 5.81
CA LYS A 582 28.14 2.07 5.31
C LYS A 582 29.52 1.71 4.77
N ASN A 583 30.18 0.74 5.40
CA ASN A 583 31.52 0.35 4.96
C ASN A 583 31.47 -0.46 3.67
N LEU A 584 30.36 -1.15 3.42
CA LEU A 584 30.20 -1.99 2.24
C LEU A 584 29.26 -1.37 1.22
N ILE A 585 29.15 -0.05 1.22
CA ILE A 585 28.20 0.62 0.32
C ILE A 585 28.75 0.71 -1.10
N TRP A 586 30.05 0.56 -1.29
CA TRP A 586 30.64 0.60 -2.62
C TRP A 586 30.42 -0.68 -3.39
N THR A 587 29.87 -1.72 -2.77
CA THR A 587 29.52 -2.95 -3.46
C THR A 587 28.23 -2.82 -4.25
N SER A 588 27.55 -1.68 -4.17
CA SER A 588 26.34 -1.42 -4.93
C SER A 588 26.64 -0.86 -6.32
N PHE A 589 27.90 -0.68 -6.67
CA PHE A 589 28.34 -0.19 -7.96
C PHE A 589 29.28 -1.19 -8.61
N PRO A 590 29.36 -1.19 -9.93
CA PRO A 590 30.32 -2.07 -10.61
C PRO A 590 31.75 -1.76 -10.19
N ARG A 591 32.60 -2.79 -10.23
CA ARG A 591 34.01 -2.59 -9.91
C ARG A 591 34.68 -1.66 -10.90
N ASN A 592 34.23 -1.67 -12.16
CA ASN A 592 34.81 -0.79 -13.17
C ASN A 592 34.53 0.67 -12.86
N TYR A 593 33.35 0.96 -12.30
CA TYR A 593 32.97 2.33 -12.00
C TYR A 593 33.59 2.85 -10.70
N MET A 594 34.16 1.99 -9.90
CA MET A 594 34.76 2.36 -8.63
C MET A 594 36.28 2.50 -8.77
N PRO A 595 36.89 3.42 -8.03
CA PRO A 595 38.34 3.58 -8.13
C PRO A 595 39.06 2.33 -7.65
N SER A 596 40.35 2.24 -8.00
CA SER A 596 41.13 1.07 -7.62
C SER A 596 41.29 0.96 -6.11
N HIS A 597 41.46 2.10 -5.43
CA HIS A 597 41.56 2.06 -3.98
C HIS A 597 40.25 1.62 -3.35
N ILE A 598 39.12 2.00 -3.95
CA ILE A 598 37.83 1.54 -3.44
C ILE A 598 37.68 0.04 -3.66
N GLN A 599 38.19 -0.49 -4.76
CA GLN A 599 38.11 -1.93 -5.01
C GLN A 599 38.96 -2.70 -4.01
N ASN A 600 40.20 -2.25 -3.77
CA ASN A 600 41.03 -2.89 -2.76
C ASN A 600 40.39 -2.80 -1.38
N TYR A 601 39.80 -1.66 -1.06
CA TYR A 601 39.16 -1.50 0.24
C TYR A 601 37.97 -2.44 0.40
N ILE A 602 37.19 -2.63 -0.67
CA ILE A 602 36.07 -3.55 -0.60
C ILE A 602 36.56 -4.98 -0.41
N GLU A 603 37.59 -5.37 -1.15
CA GLU A 603 38.09 -6.73 -1.00
C GLU A 603 38.72 -6.96 0.38
N HIS A 604 39.19 -5.90 1.04
CA HIS A 604 39.69 -6.04 2.41
C HIS A 604 38.59 -5.95 3.47
N GLU A 605 37.53 -5.19 3.19
CA GLU A 605 36.48 -4.98 4.18
C GLU A 605 35.45 -6.10 4.17
N LYS A 606 35.31 -6.83 3.06
CA LYS A 606 34.44 -7.99 3.09
C LYS A 606 34.91 -9.05 4.08
N LEU A 607 36.19 -9.06 4.42
CA LEU A 607 36.75 -9.96 5.42
C LEU A 607 36.42 -9.52 6.84
N LYS A 608 35.76 -8.39 7.02
CA LYS A 608 35.42 -7.87 8.34
C LYS A 608 33.93 -7.86 8.60
N PHE A 609 33.12 -8.36 7.69
CA PHE A 609 31.68 -8.39 7.84
C PHE A 609 31.18 -9.83 7.73
N SER A 610 29.99 -10.06 8.26
CA SER A 610 29.40 -11.39 8.20
C SER A 610 28.71 -11.59 6.85
N GLU A 611 28.26 -12.82 6.61
CA GLU A 611 27.58 -13.12 5.35
C GLU A 611 26.19 -12.50 5.29
N SER A 612 25.61 -12.14 6.42
CA SER A 612 24.37 -11.38 6.40
C SER A 612 24.61 -9.92 6.03
N ASP A 613 25.73 -9.35 6.45
CA ASP A 613 26.06 -7.97 6.11
C ASP A 613 26.54 -7.83 4.68
N LYS A 614 26.75 -8.94 3.97
CA LYS A 614 27.15 -8.93 2.57
C LYS A 614 26.08 -9.56 1.69
N SER A 615 24.81 -9.29 1.96
CA SER A 615 23.70 -10.07 1.41
C SER A 615 23.04 -9.43 0.20
N ARG A 616 22.74 -8.14 0.25
CA ARG A 616 22.09 -7.40 -0.83
C ARG A 616 20.62 -7.78 -1.00
N ARG A 617 20.15 -8.77 -0.26
CA ARG A 617 18.74 -9.15 -0.24
C ARG A 617 18.30 -9.34 1.19
N VAL A 618 17.03 -9.05 1.47
CA VAL A 618 16.50 -9.22 2.81
C VAL A 618 16.44 -10.69 3.20
N LEU A 619 15.89 -11.51 2.30
CA LEU A 619 15.72 -12.93 2.59
C LEU A 619 17.05 -13.58 2.96
N GLU A 620 18.07 -13.40 2.12
CA GLU A 620 19.36 -14.00 2.43
C GLU A 620 20.10 -13.25 3.52
N TYR A 621 19.73 -12.00 3.78
CA TYR A 621 20.24 -11.32 4.97
C TYR A 621 19.83 -12.05 6.23
N TYR A 622 18.60 -12.57 6.27
CA TYR A 622 18.15 -13.31 7.44
C TYR A 622 18.51 -14.80 7.38
N LEU A 623 18.63 -15.36 6.18
CA LEU A 623 18.95 -16.79 6.06
C LEU A 623 20.41 -17.07 6.42
N ARG A 624 21.31 -16.14 6.13
CA ARG A 624 22.73 -16.34 6.36
C ARG A 624 23.17 -15.97 7.76
N ASP A 625 22.25 -15.60 8.64
CA ASP A 625 22.58 -15.14 9.99
C ASP A 625 22.73 -16.36 10.89
N ASN A 626 23.97 -16.83 11.05
CA ASN A 626 24.24 -17.96 11.92
C ASN A 626 24.14 -17.61 13.40
N LYS A 627 24.06 -16.33 13.73
CA LYS A 627 23.92 -15.88 15.12
C LYS A 627 22.59 -15.18 15.36
N PHE A 628 21.57 -15.49 14.57
CA PHE A 628 20.28 -14.85 14.69
C PHE A 628 19.58 -15.26 15.98
N ASN A 629 19.02 -14.28 16.67
CA ASN A 629 18.22 -14.51 17.85
C ASN A 629 16.87 -13.81 17.68
N GLU A 630 15.82 -14.47 18.14
CA GLU A 630 14.47 -13.91 18.00
C GLU A 630 14.25 -12.69 18.86
N CYS A 631 15.05 -12.50 19.91
CA CYS A 631 14.97 -11.33 20.78
C CYS A 631 16.04 -10.29 20.43
N ASP A 632 16.52 -10.29 19.19
CA ASP A 632 17.56 -9.34 18.78
C ASP A 632 16.97 -7.97 18.50
N LEU A 633 15.84 -7.92 17.81
CA LEU A 633 15.19 -6.63 17.54
C LEU A 633 14.72 -5.98 18.83
N TYR A 634 14.15 -6.77 19.74
CA TYR A 634 13.71 -6.23 21.02
C TYR A 634 14.87 -5.63 21.80
N ASN A 635 16.02 -6.32 21.81
CA ASN A 635 17.18 -5.81 22.53
C ASN A 635 17.77 -4.59 21.84
N CYS A 636 17.72 -4.55 20.50
CA CYS A 636 18.21 -3.38 19.77
C CYS A 636 17.33 -2.17 20.06
N VAL A 637 16.03 -2.39 20.24
CA VAL A 637 15.13 -1.27 20.51
C VAL A 637 15.26 -0.81 21.95
N VAL A 638 15.34 -1.75 22.90
CA VAL A 638 15.45 -1.37 24.31
C VAL A 638 16.77 -0.67 24.56
N ASN A 639 17.87 -1.20 24.03
CA ASN A 639 19.20 -0.65 24.26
C ASN A 639 19.55 0.48 23.30
N GLN A 640 18.69 0.77 22.33
CA GLN A 640 18.92 1.81 21.33
C GLN A 640 20.23 1.57 20.59
N SER A 641 20.40 0.34 20.10
CA SER A 641 21.60 -0.01 19.34
C SER A 641 21.62 0.64 17.97
N TYR A 642 20.50 1.17 17.51
CA TYR A 642 20.43 1.88 16.24
C TYR A 642 20.90 3.32 16.34
N LEU A 643 21.04 3.85 17.55
CA LEU A 643 21.52 5.22 17.73
C LEU A 643 23.03 5.26 17.54
N ASN A 644 23.49 6.22 16.72
CA ASN A 644 24.91 6.47 16.53
C ASN A 644 25.63 5.22 16.01
N ASN A 645 25.00 4.51 15.11
CA ASN A 645 25.55 3.29 14.56
C ASN A 645 26.43 3.63 13.36
N PRO A 646 27.69 3.18 13.34
CA PRO A 646 28.56 3.49 12.20
C PRO A 646 28.15 2.80 10.90
N ASN A 647 27.26 1.81 10.96
CA ASN A 647 26.84 1.08 9.77
C ASN A 647 25.63 1.70 9.09
N HIS A 648 25.12 2.81 9.61
CA HIS A 648 23.89 3.37 9.09
C HIS A 648 24.14 4.18 7.82
N VAL A 649 23.29 3.95 6.82
CA VAL A 649 23.37 4.64 5.53
C VAL A 649 21.98 4.57 4.92
N VAL A 650 21.65 5.56 4.11
CA VAL A 650 20.39 5.58 3.37
C VAL A 650 20.71 5.50 1.89
N SER A 651 20.37 4.37 1.28
CA SER A 651 20.61 4.12 -0.12
C SER A 651 19.35 4.48 -0.91
N LEU A 652 19.52 5.29 -1.95
CA LEU A 652 18.41 5.72 -2.79
C LEU A 652 18.50 5.07 -4.15
N THR A 653 17.38 4.52 -4.62
CA THR A 653 17.30 3.85 -5.90
C THR A 653 16.20 4.49 -6.73
N GLY A 654 16.46 4.66 -8.03
CA GLY A 654 15.53 5.29 -8.95
C GLY A 654 14.10 4.78 -8.89
N LYS A 655 13.91 3.55 -8.41
CA LYS A 655 12.58 2.96 -8.27
C LYS A 655 11.64 3.84 -7.46
N ARG A 663 9.46 6.73 -6.46
CA ARG A 663 10.16 8.01 -6.40
C ARG A 663 11.29 7.95 -5.38
N MET A 664 12.46 7.49 -5.82
CA MET A 664 13.64 7.36 -4.97
C MET A 664 13.36 6.46 -3.76
N PHE A 665 13.12 5.19 -4.07
CA PHE A 665 12.91 4.18 -3.03
C PHE A 665 14.14 4.10 -2.14
N ALA A 666 13.96 4.38 -0.86
CA ALA A 666 15.06 4.47 0.09
C ALA A 666 15.28 3.16 0.82
N MET A 667 16.55 2.81 1.03
CA MET A 667 16.93 1.59 1.72
C MET A 667 17.90 1.92 2.84
N GLN A 668 17.97 1.03 3.82
CA GLN A 668 18.92 1.11 4.91
C GLN A 668 19.27 -0.31 5.34
N PRO A 669 20.36 -0.49 6.07
CA PRO A 669 20.76 -1.84 6.49
C PRO A 669 19.69 -2.54 7.33
N GLY A 670 19.99 -3.80 7.66
CA GLY A 670 18.95 -4.68 8.20
C GLY A 670 18.47 -4.28 9.58
N MET A 671 19.39 -3.89 10.46
CA MET A 671 19.02 -3.48 11.81
C MET A 671 18.05 -2.31 11.79
N PHE A 672 18.38 -1.29 11.00
CA PHE A 672 17.57 -0.07 10.98
C PHE A 672 16.26 -0.30 10.23
N ARG A 673 16.26 -1.17 9.23
CA ARG A 673 15.02 -1.55 8.58
C ARG A 673 14.11 -2.29 9.55
N GLN A 674 14.69 -3.18 10.36
CA GLN A 674 13.95 -3.82 11.45
C GLN A 674 13.29 -2.79 12.36
N VAL A 675 14.07 -1.80 12.80
CA VAL A 675 13.55 -0.78 13.71
C VAL A 675 12.43 0.01 13.05
N GLN A 676 12.60 0.38 11.78
CA GLN A 676 11.57 1.11 11.07
C GLN A 676 10.28 0.32 10.97
N ILE A 677 10.39 -0.94 10.55
CA ILE A 677 9.20 -1.79 10.42
C ILE A 677 8.53 -1.99 11.76
N LEU A 678 9.32 -2.13 12.83
CA LEU A 678 8.73 -2.33 14.15
C LEU A 678 7.98 -1.10 14.62
N ALA A 679 8.55 0.09 14.41
CA ALA A 679 7.85 1.31 14.80
C ALA A 679 6.55 1.47 14.01
N GLU A 680 6.60 1.22 12.71
CA GLU A 680 5.37 1.36 11.91
C GLU A 680 4.33 0.33 12.30
N LYS A 681 4.75 -0.90 12.61
CA LYS A 681 3.81 -1.94 13.03
C LYS A 681 3.19 -1.61 14.38
N MET A 682 4.00 -1.10 15.32
CA MET A 682 3.48 -0.74 16.62
C MET A 682 2.45 0.38 16.49
N ILE A 683 2.74 1.39 15.66
CA ILE A 683 1.74 2.42 15.40
C ILE A 683 0.47 1.80 14.83
N ALA A 684 0.62 1.04 13.74
CA ALA A 684 -0.54 0.48 13.05
C ALA A 684 -1.42 -0.36 13.96
N GLU A 685 -0.83 -1.06 14.93
CA GLU A 685 -1.60 -1.99 15.73
C GLU A 685 -1.93 -1.48 17.13
N ASN A 686 -1.42 -0.33 17.54
CA ASN A 686 -1.79 0.23 18.84
C ASN A 686 -2.42 1.61 18.77
N ILE A 687 -1.94 2.47 17.88
CA ILE A 687 -2.30 3.87 17.90
C ILE A 687 -3.33 4.23 16.83
N LEU A 688 -3.33 3.54 15.68
CA LEU A 688 -4.26 3.87 14.60
C LEU A 688 -5.72 3.66 14.98
N GLN A 689 -6.00 2.98 16.10
CA GLN A 689 -7.37 2.86 16.58
C GLN A 689 -7.91 4.18 17.10
N PHE A 690 -7.03 5.08 17.54
CA PHE A 690 -7.44 6.39 18.02
C PHE A 690 -7.59 7.41 16.89
N PHE A 691 -7.19 7.05 15.68
CA PHE A 691 -7.26 7.93 14.52
C PHE A 691 -8.01 7.20 13.41
N PRO A 692 -9.34 7.09 13.53
CA PRO A 692 -10.10 6.25 12.60
C PRO A 692 -10.14 6.78 11.18
N GLU A 693 -9.76 8.04 10.93
CA GLU A 693 -9.72 8.56 9.57
C GLU A 693 -8.39 8.30 8.89
N SER A 694 -7.51 7.51 9.50
CA SER A 694 -6.25 7.12 8.88
C SER A 694 -6.40 5.92 7.94
N LEU A 695 -7.61 5.42 7.75
CA LEU A 695 -7.88 4.34 6.81
C LEU A 695 -7.51 4.74 5.39
N ASN A 725 -29.15 30.88 12.04
CA ASN A 725 -28.13 30.43 11.10
C ASN A 725 -28.69 30.32 9.68
N ASN A 726 -29.72 29.48 9.53
CA ASN A 726 -30.50 29.35 8.30
C ASN A 726 -29.72 28.62 7.21
N TYR A 727 -28.44 28.33 7.46
CA TYR A 727 -27.62 27.63 6.47
C TYR A 727 -26.34 27.12 7.13
N ILE A 728 -25.99 25.87 6.85
CA ILE A 728 -24.74 25.27 7.30
C ILE A 728 -23.82 25.20 6.08
N SER A 729 -22.83 26.08 6.05
CA SER A 729 -21.90 26.11 4.93
C SER A 729 -21.10 24.81 4.86
N LYS A 730 -20.69 24.45 3.65
CA LYS A 730 -19.92 23.23 3.44
C LYS A 730 -18.93 23.45 2.30
N CYS A 731 -17.72 22.93 2.47
CA CYS A 731 -16.71 22.99 1.43
C CYS A 731 -15.85 21.75 1.54
N SER A 732 -14.91 21.61 0.61
CA SER A 732 -14.01 20.48 0.58
C SER A 732 -12.63 20.97 0.15
N ILE A 733 -11.60 20.55 0.86
CA ILE A 733 -10.22 20.90 0.54
C ILE A 733 -9.43 19.62 0.35
N ILE A 734 -8.79 19.49 -0.81
CA ILE A 734 -8.03 18.29 -1.16
C ILE A 734 -6.56 18.68 -1.22
N THR A 735 -5.74 18.06 -0.37
CA THR A 735 -4.32 18.37 -0.26
C THR A 735 -3.51 17.15 -0.66
N ASP A 736 -2.35 17.39 -1.26
CA ASP A 736 -1.43 16.34 -1.68
C ASP A 736 -0.35 16.21 -0.62
N LEU A 737 -0.34 15.09 0.10
CA LEU A 737 0.63 14.85 1.17
C LEU A 737 1.79 13.97 0.72
N SER A 738 2.13 14.01 -0.57
CA SER A 738 3.19 13.15 -1.09
C SER A 738 4.56 13.59 -0.61
N LYS A 739 4.82 14.91 -0.56
CA LYS A 739 6.06 15.46 -0.04
C LYS A 739 5.89 16.05 1.35
N PHE A 740 4.88 15.59 2.09
CA PHE A 740 4.65 16.07 3.44
C PHE A 740 5.78 15.68 4.39
N ASN A 741 6.47 14.58 4.09
CA ASN A 741 7.49 14.07 5.00
C ASN A 741 8.72 14.97 5.01
N GLN A 742 9.07 15.57 3.86
CA GLN A 742 10.31 16.33 3.77
C GLN A 742 10.32 17.57 4.66
N ALA A 743 9.15 18.10 4.99
CA ALA A 743 9.06 19.26 5.86
C ALA A 743 9.12 18.91 7.33
N PHE A 744 8.95 17.65 7.68
CA PHE A 744 8.95 17.22 9.07
C PHE A 744 10.37 17.21 9.63
N ARG A 745 10.52 17.76 10.82
CA ARG A 745 11.77 17.76 11.56
C ARG A 745 11.56 17.02 12.87
N TYR A 746 12.63 16.89 13.65
CA TYR A 746 12.47 16.31 14.97
C TYR A 746 11.48 17.12 15.79
N GLU A 747 11.58 18.45 15.73
CA GLU A 747 10.80 19.32 16.60
C GLU A 747 9.30 19.25 16.32
N THR A 748 8.89 18.70 15.19
CA THR A 748 7.47 18.59 14.87
C THR A 748 6.93 17.16 14.92
N SER A 749 7.71 16.17 14.51
CA SER A 749 7.23 14.80 14.54
C SER A 749 7.52 14.11 15.87
N CYS A 750 8.60 14.46 16.54
CA CYS A 750 8.98 13.72 17.72
C CYS A 750 8.36 14.29 19.00
N ILE A 751 7.73 15.47 18.93
CA ILE A 751 6.89 15.89 20.04
C ILE A 751 5.70 14.95 20.24
N CYS A 752 5.32 14.21 19.20
CA CYS A 752 4.30 13.18 19.25
C CYS A 752 4.88 11.77 19.31
N SER A 753 6.01 11.56 18.63
CA SER A 753 6.73 10.30 18.79
C SER A 753 7.15 10.08 20.24
N ASP A 754 7.36 11.14 21.01
CA ASP A 754 7.70 10.98 22.43
C ASP A 754 6.51 10.46 23.22
N VAL A 755 5.31 10.96 22.91
CA VAL A 755 4.10 10.41 23.52
C VAL A 755 3.99 8.92 23.20
N LEU A 756 4.24 8.57 21.94
CA LEU A 756 4.19 7.15 21.56
C LEU A 756 5.27 6.33 22.25
N ASP A 757 6.44 6.92 22.48
CA ASP A 757 7.51 6.24 23.20
C ASP A 757 7.12 5.97 24.64
N GLU A 758 6.55 6.98 25.30
CA GLU A 758 6.14 6.81 26.69
C GLU A 758 5.00 5.80 26.82
N LEU A 759 4.08 5.80 25.86
CA LEU A 759 3.00 4.83 25.89
C LEU A 759 3.48 3.40 25.72
N HIS A 760 4.69 3.19 25.20
CA HIS A 760 5.24 1.87 24.98
C HIS A 760 6.38 1.55 25.94
N GLY A 761 6.65 2.44 26.91
CA GLY A 761 7.71 2.19 27.86
C GLY A 761 9.10 2.19 27.27
N VAL A 762 9.24 2.68 26.04
CA VAL A 762 10.50 2.66 25.32
C VAL A 762 10.88 4.10 25.01
N GLN A 763 12.11 4.29 24.56
CA GLN A 763 12.61 5.61 24.23
C GLN A 763 13.30 5.58 22.88
N SER A 764 12.93 6.53 22.02
CA SER A 764 13.49 6.76 20.69
C SER A 764 13.13 5.68 19.68
N LEU A 765 12.19 4.78 19.99
CA LEU A 765 11.79 3.80 18.99
C LEU A 765 10.96 4.47 17.89
N PHE A 766 9.96 5.26 18.28
CA PHE A 766 9.17 6.00 17.31
C PHE A 766 9.83 7.29 16.88
N SER A 767 10.90 7.70 17.58
CA SER A 767 11.69 8.88 17.23
C SER A 767 12.97 8.51 16.50
N TRP A 768 13.09 7.26 16.03
CA TRP A 768 14.36 6.76 15.51
C TRP A 768 14.83 7.51 14.27
N LEU A 769 13.90 7.99 13.44
CA LEU A 769 14.28 8.55 12.15
C LEU A 769 15.04 9.85 12.31
N HIS A 770 14.46 10.81 13.01
CA HIS A 770 15.05 12.12 13.16
C HIS A 770 16.18 12.15 14.18
N LEU A 771 16.52 11.02 14.78
CA LEU A 771 17.67 10.93 15.66
C LEU A 771 18.87 10.26 15.02
N THR A 772 18.65 9.47 13.97
CA THR A 772 19.70 8.68 13.33
C THR A 772 20.04 9.14 11.92
N ILE A 773 19.04 9.54 11.14
CA ILE A 773 19.23 9.92 9.74
C ILE A 773 20.03 11.21 9.60
N PRO A 774 19.85 12.21 10.46
CA PRO A 774 20.70 13.41 10.35
C PRO A 774 22.18 13.14 10.42
N HIS A 775 22.60 11.98 10.93
CA HIS A 775 24.01 11.67 11.14
C HIS A 775 24.56 10.71 10.11
N VAL A 776 23.78 10.36 9.09
CA VAL A 776 24.22 9.41 8.07
C VAL A 776 24.35 10.16 6.75
N THR A 777 24.81 9.43 5.74
CA THR A 777 24.98 9.99 4.41
C THR A 777 23.90 9.44 3.49
N ILE A 778 23.29 10.33 2.71
CA ILE A 778 22.26 9.98 1.75
C ILE A 778 22.94 9.83 0.39
N ILE A 779 22.94 8.62 -0.15
CA ILE A 779 23.69 8.33 -1.37
C ILE A 779 22.76 7.67 -2.38
N CYS A 780 22.90 8.07 -3.64
CA CYS A 780 22.21 7.40 -4.74
C CYS A 780 23.00 6.16 -5.11
N THR A 781 22.42 4.99 -4.88
CA THR A 781 23.12 3.73 -5.06
C THR A 781 22.62 2.95 -6.28
N TYR A 782 22.13 3.64 -7.29
CA TYR A 782 21.82 2.95 -8.53
C TYR A 782 23.12 2.48 -9.18
N ARG A 783 23.04 1.37 -9.91
CA ARG A 783 24.23 0.73 -10.44
C ARG A 783 25.03 1.68 -11.31
N HIS A 784 24.38 2.39 -12.22
CA HIS A 784 25.06 3.24 -13.18
C HIS A 784 25.10 4.70 -12.76
N ALA A 785 24.89 4.98 -11.47
CA ALA A 785 24.97 6.33 -10.93
C ALA A 785 25.95 6.36 -9.76
N PRO A 786 27.22 6.11 -10.00
CA PRO A 786 28.20 6.14 -8.92
C PRO A 786 28.62 7.56 -8.61
N PRO A 787 29.11 7.82 -7.40
CA PRO A 787 29.66 9.13 -7.08
C PRO A 787 31.13 9.22 -7.43
N TYR A 788 31.62 10.45 -7.48
CA TYR A 788 33.06 10.66 -7.61
C TYR A 788 33.70 10.58 -6.23
N ILE A 789 34.54 9.59 -6.03
CA ILE A 789 35.22 9.36 -4.76
C ILE A 789 36.65 9.85 -4.93
N GLY A 790 36.99 10.92 -4.22
CA GLY A 790 38.33 11.46 -4.31
C GLY A 790 39.35 10.46 -3.77
N ASP A 791 40.51 10.44 -4.42
CA ASP A 791 41.57 9.54 -4.00
C ASP A 791 41.93 9.79 -2.54
N HIS A 792 42.28 8.70 -1.84
CA HIS A 792 42.62 8.60 -0.43
C HIS A 792 41.39 8.69 0.47
N ILE A 793 40.21 8.96 -0.06
CA ILE A 793 38.98 8.98 0.72
C ILE A 793 38.26 7.67 0.49
N VAL A 794 37.91 6.99 1.58
CA VAL A 794 37.25 5.70 1.48
C VAL A 794 36.04 5.57 2.39
N ASP A 795 35.85 6.46 3.36
CA ASP A 795 34.66 6.49 4.19
C ASP A 795 33.57 7.28 3.47
N LEU A 796 32.35 6.75 3.48
CA LEU A 796 31.26 7.42 2.79
C LEU A 796 30.96 8.77 3.44
N ASN A 797 31.07 8.86 4.76
CA ASN A 797 30.86 10.12 5.46
C ASN A 797 31.97 11.13 5.21
N ASN A 798 33.03 10.73 4.51
CA ASN A 798 34.11 11.64 4.13
C ASN A 798 34.10 11.98 2.65
N VAL A 799 33.34 11.25 1.84
CA VAL A 799 33.23 11.56 0.42
C VAL A 799 32.53 12.91 0.27
N ASP A 800 33.04 13.72 -0.67
CA ASP A 800 32.53 15.07 -0.84
C ASP A 800 31.05 15.06 -1.22
N GLU A 801 30.30 15.97 -0.63
CA GLU A 801 28.91 16.14 -1.01
C GLU A 801 28.82 16.62 -2.46
N GLN A 802 27.89 16.04 -3.21
CA GLN A 802 27.82 16.25 -4.64
C GLN A 802 26.43 15.88 -5.12
N SER A 803 26.26 15.78 -6.43
CA SER A 803 24.99 15.32 -6.98
C SER A 803 24.78 13.85 -6.63
N GLY A 804 23.66 13.54 -6.00
CA GLY A 804 23.38 12.19 -5.58
C GLY A 804 24.11 11.74 -4.34
N LEU A 805 24.64 12.68 -3.55
CA LEU A 805 25.38 12.33 -2.34
C LEU A 805 25.40 13.55 -1.44
N TYR A 806 24.67 13.48 -0.32
CA TYR A 806 24.66 14.59 0.62
C TYR A 806 24.44 14.06 2.03
N ARG A 807 24.70 14.92 3.01
CA ARG A 807 24.58 14.61 4.42
C ARG A 807 23.59 15.55 5.08
N TYR A 808 23.41 15.37 6.39
CA TYR A 808 22.59 16.24 7.24
C TYR A 808 21.17 16.35 6.73
N HIS A 809 20.62 15.21 6.32
CA HIS A 809 19.23 15.11 5.91
C HIS A 809 18.37 15.19 7.15
N MET A 810 17.74 16.34 7.37
CA MET A 810 16.97 16.57 8.58
C MET A 810 15.60 15.90 8.49
N GLY A 811 15.66 14.58 8.32
CA GLY A 811 14.49 13.72 8.40
C GLY A 811 13.46 13.90 7.31
N GLY A 812 12.52 12.97 7.25
CA GLY A 812 11.53 12.95 6.21
C GLY A 812 11.85 12.03 5.05
N ILE A 813 12.17 10.78 5.34
CA ILE A 813 12.32 9.76 4.31
C ILE A 813 10.93 9.24 3.97
N GLU A 814 10.63 9.16 2.68
CA GLU A 814 9.30 8.77 2.24
C GLU A 814 9.03 7.30 2.53
N GLY A 815 7.83 7.03 3.01
CA GLY A 815 7.44 5.66 3.36
C GLY A 815 7.69 5.30 4.79
N TRP A 816 8.91 5.51 5.26
CA TRP A 816 9.24 5.31 6.65
C TRP A 816 8.46 6.31 7.50
N CYS A 817 7.97 5.86 8.66
CA CYS A 817 7.24 6.72 9.60
C CYS A 817 6.03 7.38 8.97
N GLN A 818 5.38 6.72 8.01
CA GLN A 818 4.25 7.33 7.33
C GLN A 818 3.00 7.41 8.19
N LYS A 819 2.75 6.38 9.01
CA LYS A 819 1.56 6.38 9.85
C LYS A 819 1.67 7.43 10.96
N LEU A 820 2.89 7.64 11.46
CA LEU A 820 3.12 8.71 12.44
C LEU A 820 2.76 10.07 11.85
N TRP A 821 3.23 10.36 10.64
CA TRP A 821 2.93 11.64 10.03
C TRP A 821 1.46 11.75 9.63
N THR A 822 0.82 10.62 9.31
CA THR A 822 -0.61 10.64 9.05
C THR A 822 -1.39 11.04 10.30
N ILE A 823 -1.08 10.43 11.43
CA ILE A 823 -1.82 10.75 12.65
C ILE A 823 -1.47 12.15 13.14
N GLU A 824 -0.26 12.63 12.84
CA GLU A 824 0.06 14.02 13.15
C GLU A 824 -0.71 14.99 12.26
N ALA A 825 -0.93 14.63 11.00
CA ALA A 825 -1.78 15.45 10.15
C ALA A 825 -3.22 15.47 10.66
N ILE A 826 -3.70 14.34 11.16
CA ILE A 826 -5.04 14.29 11.74
C ILE A 826 -5.13 15.17 12.99
N SER A 827 -4.09 15.13 13.83
CA SER A 827 -4.04 15.99 15.01
C SER A 827 -4.04 17.46 14.62
N LEU A 828 -3.25 17.81 13.61
CA LEU A 828 -3.23 19.20 13.14
C LEU A 828 -4.56 19.60 12.54
N LEU A 829 -5.29 18.66 11.94
CA LEU A 829 -6.61 18.99 11.41
C LEU A 829 -7.60 19.25 12.53
N ASP A 830 -7.51 18.49 13.63
CA ASP A 830 -8.31 18.82 14.80
C ASP A 830 -7.94 20.20 15.36
N LEU A 831 -6.65 20.52 15.37
CA LEU A 831 -6.22 21.82 15.85
C LEU A 831 -6.75 22.94 14.96
N ILE A 832 -6.77 22.72 13.65
CA ILE A 832 -7.32 23.69 12.70
C ILE A 832 -8.82 23.84 12.89
N SER A 833 -9.52 22.73 13.08
CA SER A 833 -10.97 22.78 13.33
C SER A 833 -11.27 23.56 14.61
N LEU A 834 -10.40 23.44 15.61
CA LEU A 834 -10.57 24.21 16.84
C LEU A 834 -10.29 25.68 16.61
N LYS A 835 -9.27 26.00 15.81
CA LYS A 835 -8.92 27.40 15.58
C LYS A 835 -9.92 28.09 14.66
N GLY A 836 -10.42 27.38 13.65
CA GLY A 836 -11.37 27.95 12.72
C GLY A 836 -12.82 27.86 13.13
N LYS A 837 -13.12 27.08 14.17
CA LYS A 837 -14.47 26.94 14.70
C LYS A 837 -15.43 26.36 13.65
N PHE A 838 -14.94 25.39 12.89
CA PHE A 838 -15.76 24.64 11.94
C PHE A 838 -15.52 23.16 12.12
N SER A 839 -16.50 22.36 11.73
CA SER A 839 -16.37 20.92 11.77
C SER A 839 -15.52 20.43 10.60
N ILE A 840 -14.80 19.34 10.82
CA ILE A 840 -13.91 18.76 9.83
C ILE A 840 -14.14 17.25 9.80
N THR A 841 -14.26 16.71 8.59
CA THR A 841 -14.38 15.27 8.36
C THR A 841 -13.23 14.88 7.44
N ALA A 842 -12.08 14.56 8.03
CA ALA A 842 -10.88 14.24 7.27
C ALA A 842 -10.88 12.78 6.86
N LEU A 843 -10.18 12.50 5.76
CA LEU A 843 -9.94 11.13 5.31
C LEU A 843 -8.60 11.12 4.58
N ILE A 844 -7.57 10.64 5.26
CA ILE A 844 -6.21 10.61 4.73
C ILE A 844 -5.94 9.20 4.23
N ASN A 845 -5.92 9.04 2.90
CA ASN A 845 -5.67 7.76 2.26
C ASN A 845 -4.33 7.84 1.53
N GLY A 846 -3.25 7.54 2.25
CA GLY A 846 -1.93 7.54 1.66
C GLY A 846 -1.35 8.93 1.46
N ASP A 847 -1.14 9.30 0.20
CA ASP A 847 -0.54 10.57 -0.17
C ASP A 847 -1.58 11.61 -0.58
N ASN A 848 -2.76 11.57 0.04
CA ASN A 848 -3.84 12.47 -0.37
C ASN A 848 -4.84 12.53 0.76
N GLN A 849 -5.13 13.73 1.27
CA GLN A 849 -6.10 13.93 2.31
C GLN A 849 -7.28 14.74 1.78
N SER A 850 -8.49 14.37 2.18
CA SER A 850 -9.71 15.08 1.84
C SER A 850 -10.32 15.64 3.11
N ILE A 851 -10.65 16.92 3.09
CA ILE A 851 -11.16 17.63 4.27
C ILE A 851 -12.55 18.12 3.94
N ASP A 852 -13.57 17.50 4.54
CA ASP A 852 -14.94 17.98 4.45
C ASP A 852 -15.19 18.94 5.60
N ILE A 853 -15.36 20.23 5.28
CA ILE A 853 -15.52 21.28 6.27
C ILE A 853 -16.97 21.73 6.29
N SER A 854 -17.50 21.89 7.50
CA SER A 854 -18.86 22.35 7.72
C SER A 854 -18.84 23.47 8.76
N LYS A 855 -19.65 24.49 8.53
CA LYS A 855 -19.71 25.59 9.48
C LYS A 855 -21.07 26.28 9.44
N PRO A 856 -21.82 26.27 10.54
CA PRO A 856 -23.09 27.01 10.57
C PRO A 856 -22.87 28.51 10.55
N ILE A 857 -23.25 29.16 9.46
CA ILE A 857 -23.16 30.60 9.32
C ILE A 857 -24.57 31.17 9.26
N ARG A 858 -24.65 32.50 9.24
CA ARG A 858 -25.91 33.20 8.99
C ARG A 858 -25.73 34.01 7.71
N LEU A 859 -26.62 33.79 6.76
CA LEU A 859 -26.47 34.37 5.43
C LEU A 859 -26.69 35.88 5.48
N MET A 860 -25.79 36.61 4.83
CA MET A 860 -25.90 38.06 4.80
C MET A 860 -27.02 38.50 3.86
N GLU A 861 -27.13 39.81 3.68
CA GLU A 861 -28.19 40.37 2.84
C GLU A 861 -27.98 39.96 1.39
N GLY A 862 -28.81 39.04 0.91
CA GLY A 862 -28.79 38.61 -0.47
C GLY A 862 -27.69 37.63 -0.82
N GLN A 863 -27.11 36.95 0.15
CA GLN A 863 -26.00 36.03 -0.10
C GLN A 863 -26.55 34.64 -0.41
N THR A 864 -26.06 34.04 -1.49
CA THR A 864 -26.49 32.72 -1.90
C THR A 864 -25.68 31.64 -1.17
N HIS A 865 -26.19 30.41 -1.22
CA HIS A 865 -25.51 29.29 -0.58
C HIS A 865 -24.15 29.04 -1.21
N ALA A 866 -24.04 29.21 -2.53
CA ALA A 866 -22.77 28.96 -3.22
C ALA A 866 -21.72 29.99 -2.83
N GLN A 867 -22.11 31.26 -2.72
CA GLN A 867 -21.17 32.28 -2.27
C GLN A 867 -20.68 31.99 -0.86
N ALA A 868 -21.59 31.53 0.01
CA ALA A 868 -21.21 31.20 1.37
C ALA A 868 -20.25 30.01 1.42
N ASP A 869 -20.52 28.98 0.61
CA ASP A 869 -19.61 27.83 0.56
C ASP A 869 -18.24 28.24 0.04
N TYR A 870 -18.20 29.10 -0.98
CA TYR A 870 -16.91 29.53 -1.53
C TYR A 870 -16.14 30.38 -0.53
N LEU A 871 -16.84 31.25 0.21
CA LEU A 871 -16.19 32.05 1.22
C LEU A 871 -15.65 31.18 2.35
N LEU A 872 -16.43 30.18 2.77
CA LEU A 872 -15.94 29.23 3.76
C LEU A 872 -14.69 28.52 3.26
N ALA A 873 -14.71 28.09 2.00
CA ALA A 873 -13.56 27.41 1.42
C ALA A 873 -12.34 28.31 1.42
N LEU A 874 -12.52 29.59 1.08
CA LEU A 874 -11.38 30.51 1.04
C LEU A 874 -10.81 30.75 2.42
N ASN A 875 -11.67 30.98 3.42
CA ASN A 875 -11.17 31.22 4.77
C ASN A 875 -10.53 29.97 5.35
N SER A 876 -11.13 28.80 5.13
CA SER A 876 -10.56 27.55 5.61
C SER A 876 -9.23 27.26 4.92
N LEU A 877 -9.09 27.63 3.65
CA LEU A 877 -7.82 27.48 2.95
C LEU A 877 -6.76 28.39 3.56
N LYS A 878 -7.12 29.64 3.83
CA LYS A 878 -6.20 30.55 4.53
C LYS A 878 -5.73 29.93 5.85
N LEU A 879 -6.67 29.39 6.63
CA LEU A 879 -6.32 28.86 7.94
C LEU A 879 -5.47 27.60 7.83
N LEU A 880 -5.84 26.69 6.93
CA LEU A 880 -5.05 25.49 6.70
C LEU A 880 -3.62 25.83 6.30
N TYR A 881 -3.48 26.78 5.37
CA TYR A 881 -2.15 27.25 4.98
C TYR A 881 -1.39 27.81 6.18
N LYS A 882 -2.05 28.66 6.96
CA LYS A 882 -1.38 29.32 8.09
C LYS A 882 -0.89 28.30 9.10
N GLU A 883 -1.69 27.29 9.41
CA GLU A 883 -1.30 26.33 10.44
C GLU A 883 -0.24 25.36 9.94
N TYR A 884 -0.39 24.87 8.71
CA TYR A 884 0.65 24.02 8.13
C TYR A 884 1.97 24.76 8.05
N ALA A 885 1.93 26.06 7.74
CA ALA A 885 3.16 26.84 7.74
C ALA A 885 3.67 27.08 9.16
N GLY A 886 2.75 27.09 10.13
CA GLY A 886 3.17 27.17 11.52
C GLY A 886 4.01 25.98 11.94
N ILE A 887 3.64 24.78 11.47
CA ILE A 887 4.42 23.58 11.79
C ILE A 887 5.40 23.23 10.68
N GLY A 888 5.71 24.17 9.79
CA GLY A 888 6.83 24.02 8.89
C GLY A 888 6.55 23.46 7.52
N HIS A 889 5.29 23.23 7.16
CA HIS A 889 4.95 22.72 5.84
C HIS A 889 4.38 23.85 5.00
N LYS A 890 5.03 24.15 3.88
CA LYS A 890 4.57 25.18 2.96
C LYS A 890 3.70 24.52 1.89
N LEU A 891 2.38 24.59 2.08
CA LEU A 891 1.47 24.17 1.04
C LEU A 891 1.64 25.04 -0.21
N LYS A 892 1.48 24.41 -1.36
CA LYS A 892 1.57 25.08 -2.65
C LYS A 892 0.23 25.00 -3.36
N GLY A 893 -0.08 26.03 -4.16
CA GLY A 893 -1.36 26.08 -4.84
C GLY A 893 -1.58 24.95 -5.82
N THR A 894 -0.51 24.27 -6.23
CA THR A 894 -0.64 23.15 -7.17
C THR A 894 -1.07 21.87 -6.46
N GLU A 895 -0.73 21.73 -5.18
CA GLU A 895 -1.09 20.53 -4.44
C GLU A 895 -2.50 20.59 -3.90
N THR A 896 -2.96 21.78 -3.49
CA THR A 896 -4.22 21.94 -2.81
C THR A 896 -5.23 22.62 -3.73
N TYR A 897 -6.46 22.11 -3.73
CA TYR A 897 -7.56 22.77 -4.40
C TYR A 897 -8.82 22.63 -3.55
N ILE A 898 -9.66 23.66 -3.59
CA ILE A 898 -10.91 23.67 -2.85
C ILE A 898 -12.03 23.22 -3.77
N SER A 899 -13.00 22.50 -3.20
CA SER A 899 -14.17 22.03 -3.91
C SER A 899 -15.38 22.19 -2.99
N ARG A 900 -16.55 21.86 -3.51
CA ARG A 900 -17.78 21.98 -2.74
C ARG A 900 -18.52 20.67 -2.57
N ASP A 901 -18.76 19.94 -3.65
CA ASP A 901 -19.64 18.78 -3.62
C ASP A 901 -19.00 17.56 -4.25
N MET A 902 -18.12 17.78 -5.22
CA MET A 902 -17.52 16.69 -5.97
C MET A 902 -16.71 15.77 -5.04
N GLN A 903 -17.05 14.49 -5.05
CA GLN A 903 -16.39 13.49 -4.21
C GLN A 903 -15.33 12.79 -5.06
N PHE A 904 -14.08 13.20 -4.88
CA PHE A 904 -12.95 12.61 -5.60
C PHE A 904 -11.97 12.08 -4.57
N MET A 905 -12.19 10.82 -4.15
CA MET A 905 -11.34 10.17 -3.18
C MET A 905 -10.97 8.78 -3.68
N SER A 906 -9.73 8.38 -3.43
CA SER A 906 -9.21 7.07 -3.85
C SER A 906 -9.26 6.92 -5.36
N LYS A 907 -9.05 8.02 -6.08
CA LYS A 907 -8.97 8.06 -7.54
C LYS A 907 -10.27 7.66 -8.22
N THR A 908 -11.41 7.85 -7.57
CA THR A 908 -12.70 7.52 -8.16
C THR A 908 -13.54 8.78 -8.31
N ILE A 909 -14.20 8.91 -9.45
CA ILE A 909 -15.13 10.01 -9.70
C ILE A 909 -16.51 9.56 -9.27
N GLN A 910 -17.16 10.36 -8.43
CA GLN A 910 -18.43 10.00 -7.83
C GLN A 910 -19.25 11.28 -7.71
N HIS A 911 -20.32 11.39 -8.48
CA HIS A 911 -21.07 12.64 -8.60
C HIS A 911 -22.56 12.34 -8.47
N ASN A 912 -23.22 13.01 -7.53
CA ASN A 912 -24.65 12.87 -7.27
C ASN A 912 -25.02 11.44 -6.92
N GLY A 913 -24.11 10.74 -6.23
CA GLY A 913 -24.36 9.38 -5.82
C GLY A 913 -23.96 8.32 -6.82
N VAL A 914 -23.74 8.68 -8.07
CA VAL A 914 -23.39 7.72 -9.11
C VAL A 914 -21.87 7.64 -9.22
N TYR A 915 -21.38 6.43 -9.43
CA TYR A 915 -19.95 6.17 -9.54
C TYR A 915 -19.54 6.13 -11.01
N TYR A 916 -18.41 6.75 -11.32
CA TYR A 916 -17.90 6.84 -12.68
C TYR A 916 -16.54 6.16 -12.75
N PRO A 917 -16.47 4.93 -13.26
CA PRO A 917 -15.23 4.17 -13.17
C PRO A 917 -14.22 4.55 -14.25
N ALA A 918 -12.96 4.29 -13.93
CA ALA A 918 -11.89 4.23 -14.92
C ALA A 918 -11.50 2.76 -15.03
N SER A 919 -12.24 2.02 -15.86
CA SER A 919 -12.08 0.58 -15.99
C SER A 919 -11.20 0.18 -17.16
N ILE A 920 -11.10 1.02 -18.19
CA ILE A 920 -10.17 0.76 -19.28
C ILE A 920 -8.73 0.92 -18.78
N LYS A 921 -8.53 1.76 -17.77
CA LYS A 921 -7.20 1.96 -17.20
C LYS A 921 -6.69 0.73 -16.46
N LYS A 922 -7.59 -0.12 -15.97
CA LYS A 922 -7.20 -1.31 -15.23
C LYS A 922 -6.77 -2.46 -16.14
N VAL A 923 -7.18 -2.44 -17.40
CA VAL A 923 -6.94 -3.53 -18.33
C VAL A 923 -6.03 -3.11 -19.48
N LEU A 924 -5.15 -2.14 -19.24
CA LEU A 924 -4.26 -1.68 -20.31
C LEU A 924 -3.15 -2.67 -20.57
N ARG A 925 -2.72 -3.42 -19.54
CA ARG A 925 -1.61 -4.34 -19.65
C ARG A 925 -2.04 -5.79 -19.80
N VAL A 926 -3.29 -6.04 -20.19
CA VAL A 926 -3.75 -7.39 -20.39
C VAL A 926 -3.07 -7.96 -21.62
N GLY A 927 -2.30 -9.03 -21.43
CA GLY A 927 -1.56 -9.66 -22.49
C GLY A 927 -1.19 -11.07 -22.08
N PRO A 928 -0.36 -11.74 -22.88
CA PRO A 928 -0.14 -13.18 -22.66
C PRO A 928 0.44 -13.56 -21.30
N TRP A 929 1.68 -13.19 -21.03
CA TRP A 929 2.39 -13.72 -19.87
C TRP A 929 2.42 -12.69 -18.73
N ILE A 930 1.25 -12.32 -18.24
CA ILE A 930 1.15 -11.23 -17.28
C ILE A 930 1.13 -11.78 -15.87
N ASN A 931 1.83 -11.09 -14.97
CA ASN A 931 1.73 -11.31 -13.53
C ASN A 931 1.96 -12.78 -13.18
N THR A 932 3.08 -13.32 -13.66
CA THR A 932 3.35 -14.74 -13.49
C THR A 932 4.84 -14.95 -13.26
N ILE A 933 5.18 -16.13 -12.74
CA ILE A 933 6.56 -16.52 -12.46
C ILE A 933 6.93 -17.64 -13.42
N LEU A 934 8.03 -17.45 -14.15
CA LEU A 934 8.53 -18.42 -15.13
C LEU A 934 7.53 -18.68 -16.25
N ASP A 935 6.69 -17.68 -16.54
CA ASP A 935 5.71 -17.75 -17.62
C ASP A 935 4.72 -18.91 -17.41
N ASP A 936 4.17 -18.99 -16.21
CA ASP A 936 3.20 -20.02 -15.91
C ASP A 936 1.91 -19.77 -16.69
N PHE A 937 1.46 -20.79 -17.42
CA PHE A 937 0.27 -20.68 -18.26
C PHE A 937 -0.97 -20.41 -17.43
N LYS A 938 -1.16 -21.17 -16.35
CA LYS A 938 -2.40 -21.08 -15.59
C LYS A 938 -2.50 -19.75 -14.85
N VAL A 939 -1.41 -19.28 -14.26
CA VAL A 939 -1.44 -18.00 -13.58
C VAL A 939 -1.67 -16.88 -14.58
N SER A 940 -1.16 -17.03 -15.81
CA SER A 940 -1.43 -16.05 -16.85
C SER A 940 -2.91 -15.98 -17.20
N LEU A 941 -3.54 -17.14 -17.38
CA LEU A 941 -4.97 -17.16 -17.66
C LEU A 941 -5.77 -16.56 -16.51
N GLU A 942 -5.41 -16.90 -15.28
CA GLU A 942 -6.12 -16.37 -14.11
C GLU A 942 -5.93 -14.86 -14.01
N SER A 943 -4.75 -14.36 -14.32
CA SER A 943 -4.51 -12.92 -14.27
C SER A 943 -5.30 -12.20 -15.36
N ILE A 944 -5.35 -12.77 -16.57
CA ILE A 944 -6.16 -12.19 -17.63
C ILE A 944 -7.61 -12.09 -17.19
N GLY A 945 -8.15 -13.18 -16.65
CA GLY A 945 -9.54 -13.16 -16.21
C GLY A 945 -9.79 -12.16 -15.09
N SER A 946 -8.92 -12.16 -14.07
CA SER A 946 -9.08 -11.26 -12.94
C SER A 946 -9.01 -9.80 -13.38
N LEU A 947 -8.09 -9.46 -14.27
CA LEU A 947 -7.98 -8.09 -14.74
C LEU A 947 -9.19 -7.71 -15.59
N THR A 948 -9.55 -8.54 -16.57
CA THR A 948 -10.66 -8.21 -17.45
C THR A 948 -12.00 -8.19 -16.74
N GLN A 949 -12.08 -8.78 -15.54
CA GLN A 949 -13.35 -8.77 -14.79
C GLN A 949 -13.73 -7.37 -14.33
N GLU A 950 -12.81 -6.41 -14.36
CA GLU A 950 -13.12 -5.05 -13.93
C GLU A 950 -13.91 -4.29 -14.97
N LEU A 951 -13.95 -4.76 -16.22
CA LEU A 951 -14.85 -4.17 -17.21
C LEU A 951 -16.30 -4.53 -16.95
N GLU A 952 -16.57 -5.53 -16.12
CA GLU A 952 -17.90 -5.90 -15.70
C GLU A 952 -18.23 -5.48 -14.28
N TYR A 953 -17.27 -5.59 -13.37
CA TYR A 953 -17.51 -5.18 -11.99
C TYR A 953 -17.63 -3.66 -11.88
N ARG A 954 -16.76 -2.93 -12.58
CA ARG A 954 -16.81 -1.47 -12.60
C ARG A 954 -17.50 -0.93 -13.85
N GLY A 955 -17.06 -1.37 -15.03
CA GLY A 955 -17.63 -0.89 -16.27
C GLY A 955 -19.08 -1.28 -16.50
N GLU A 956 -19.59 -2.22 -15.72
CA GLU A 956 -21.00 -2.64 -15.79
C GLU A 956 -21.36 -3.20 -17.16
N SER A 957 -20.42 -3.91 -17.77
CA SER A 957 -20.65 -4.55 -19.07
C SER A 957 -20.18 -5.99 -18.99
N LEU A 958 -21.13 -6.92 -18.97
CA LEU A 958 -20.78 -8.33 -18.99
C LEU A 958 -20.18 -8.73 -20.33
N LEU A 959 -20.78 -8.27 -21.42
CA LEU A 959 -20.35 -8.72 -22.75
C LEU A 959 -19.01 -8.13 -23.16
N CYS A 960 -18.77 -6.86 -22.86
CA CYS A 960 -17.48 -6.27 -23.24
C CYS A 960 -16.35 -6.94 -22.49
N SER A 961 -16.53 -7.15 -21.18
CA SER A 961 -15.56 -7.89 -20.39
C SER A 961 -15.34 -9.29 -20.95
N LEU A 962 -16.45 -9.98 -21.28
CA LEU A 962 -16.34 -11.36 -21.76
C LEU A 962 -15.58 -11.42 -23.08
N ILE A 963 -15.93 -10.56 -24.03
CA ILE A 963 -15.30 -10.61 -25.35
C ILE A 963 -13.85 -10.18 -25.29
N PHE A 964 -13.52 -9.19 -24.46
CA PHE A 964 -12.13 -8.78 -24.31
C PHE A 964 -11.31 -9.89 -23.67
N ARG A 965 -11.83 -10.48 -22.60
CA ARG A 965 -11.16 -11.59 -21.95
C ARG A 965 -10.96 -12.74 -22.92
N ASN A 966 -11.94 -13.01 -23.78
CA ASN A 966 -11.80 -14.12 -24.71
C ASN A 966 -10.83 -13.80 -25.83
N VAL A 967 -10.76 -12.54 -26.28
CA VAL A 967 -9.73 -12.12 -27.21
C VAL A 967 -8.36 -12.49 -26.65
N TRP A 968 -8.09 -12.08 -25.41
CA TRP A 968 -6.75 -12.28 -24.89
C TRP A 968 -6.49 -13.70 -24.40
N LEU A 969 -7.53 -14.42 -23.98
CA LEU A 969 -7.38 -15.83 -23.64
C LEU A 969 -7.12 -16.67 -24.87
N TYR A 970 -7.83 -16.38 -25.97
CA TYR A 970 -7.55 -17.06 -27.23
C TYR A 970 -6.14 -16.75 -27.71
N ASN A 971 -5.71 -15.49 -27.61
CA ASN A 971 -4.34 -15.17 -27.94
C ASN A 971 -3.37 -16.04 -27.14
N GLN A 972 -3.53 -16.01 -25.82
CA GLN A 972 -2.64 -16.77 -24.93
C GLN A 972 -2.60 -18.26 -25.30
N ILE A 973 -3.76 -18.87 -25.51
CA ILE A 973 -3.82 -20.32 -25.67
C ILE A 973 -3.43 -20.74 -27.08
N ALA A 974 -4.08 -20.17 -28.10
CA ALA A 974 -3.89 -20.62 -29.46
C ALA A 974 -2.68 -20.02 -30.15
N LEU A 975 -2.26 -18.80 -29.79
CA LEU A 975 -1.23 -18.11 -30.55
C LEU A 975 0.10 -17.99 -29.82
N GLN A 976 0.10 -17.78 -28.51
CA GLN A 976 1.34 -17.54 -27.78
C GLN A 976 1.84 -18.76 -27.01
N LEU A 977 1.04 -19.82 -26.91
CA LEU A 977 1.45 -20.98 -26.13
C LEU A 977 2.54 -21.78 -26.81
N LYS A 978 2.65 -21.68 -28.14
CA LYS A 978 3.70 -22.36 -28.88
C LYS A 978 5.00 -21.58 -28.89
N ASN A 979 5.06 -20.43 -28.24
CA ASN A 979 6.24 -19.59 -28.18
C ASN A 979 6.71 -19.40 -26.74
N HIS A 980 6.70 -20.46 -25.96
CA HIS A 980 7.12 -20.39 -24.57
C HIS A 980 8.64 -20.30 -24.49
N ALA A 981 9.12 -19.42 -23.61
CA ALA A 981 10.57 -19.16 -23.55
C ALA A 981 11.34 -20.33 -22.95
N LEU A 982 10.67 -21.16 -22.15
CA LEU A 982 11.31 -22.30 -21.50
C LEU A 982 10.74 -23.64 -21.90
N CYS A 983 9.54 -23.66 -22.47
CA CYS A 983 8.79 -24.88 -22.77
C CYS A 983 8.41 -24.87 -24.24
N ASN A 984 9.39 -24.72 -25.13
CA ASN A 984 9.26 -24.08 -26.43
C ASN A 984 7.91 -24.30 -27.11
N ASN A 985 7.50 -25.56 -27.30
CA ASN A 985 6.15 -25.80 -27.78
C ASN A 985 5.53 -27.03 -27.12
N LYS A 986 6.07 -27.49 -25.99
CA LYS A 986 5.52 -28.65 -25.31
C LYS A 986 4.13 -28.36 -24.77
N LEU A 987 3.90 -27.14 -24.28
CA LEU A 987 2.58 -26.79 -23.77
C LEU A 987 1.54 -26.79 -24.88
N TYR A 988 1.93 -26.38 -26.09
CA TYR A 988 0.99 -26.37 -27.20
C TYR A 988 0.68 -27.79 -27.66
N LEU A 989 1.68 -28.68 -27.68
CA LEU A 989 1.41 -30.07 -27.99
C LEU A 989 0.50 -30.71 -26.94
N ASP A 990 0.70 -30.35 -25.67
CA ASP A 990 -0.18 -30.84 -24.62
C ASP A 990 -1.59 -30.34 -24.81
N ILE A 991 -1.76 -29.06 -25.15
CA ILE A 991 -3.11 -28.53 -25.34
C ILE A 991 -3.75 -29.15 -26.57
N LEU A 992 -2.97 -29.52 -27.57
CA LEU A 992 -3.54 -30.20 -28.73
C LEU A 992 -3.99 -31.62 -28.36
N LYS A 993 -3.20 -32.30 -27.53
CA LYS A 993 -3.65 -33.59 -26.98
C LYS A 993 -4.96 -33.43 -26.23
N VAL A 994 -5.07 -32.38 -25.41
CA VAL A 994 -6.29 -32.17 -24.64
C VAL A 994 -7.47 -31.87 -25.56
N LEU A 995 -7.24 -31.12 -26.63
CA LEU A 995 -8.33 -30.80 -27.54
C LEU A 995 -8.79 -32.02 -28.32
N LYS A 996 -7.85 -32.88 -28.73
CA LYS A 996 -8.25 -34.13 -29.37
C LYS A 996 -9.01 -35.02 -28.42
N HIS A 997 -8.59 -35.06 -27.15
CA HIS A 997 -9.30 -35.85 -26.16
C HIS A 997 -10.70 -35.31 -25.93
N LEU A 998 -10.86 -33.99 -25.91
CA LEU A 998 -12.19 -33.40 -25.75
C LEU A 998 -13.07 -33.67 -26.96
N LYS A 999 -12.47 -33.65 -28.16
CA LYS A 999 -13.21 -33.96 -29.37
C LYS A 999 -13.70 -35.40 -29.37
N THR A 1000 -12.86 -36.32 -28.88
CA THR A 1000 -13.26 -37.72 -28.80
C THR A 1000 -14.29 -37.95 -27.71
N PHE A 1001 -14.15 -37.24 -26.58
CA PHE A 1001 -15.04 -37.46 -25.44
C PHE A 1001 -16.42 -36.90 -25.71
N PHE A 1002 -16.52 -35.63 -26.10
CA PHE A 1002 -17.79 -34.96 -26.30
C PHE A 1002 -18.30 -35.07 -27.73
N ASN A 1003 -17.67 -35.91 -28.56
CA ASN A 1003 -18.10 -36.14 -29.93
C ASN A 1003 -18.27 -34.82 -30.69
N LEU A 1004 -17.21 -34.04 -30.70
CA LEU A 1004 -17.23 -32.71 -31.31
C LEU A 1004 -16.79 -32.80 -32.77
N ASP A 1005 -17.03 -31.70 -33.50
CA ASP A 1005 -16.81 -31.70 -34.94
C ASP A 1005 -15.32 -31.62 -35.29
N ASN A 1006 -14.58 -30.74 -34.64
CA ASN A 1006 -13.18 -30.52 -34.99
C ASN A 1006 -12.45 -29.99 -33.76
N ILE A 1007 -11.21 -29.56 -33.97
CA ILE A 1007 -10.40 -29.01 -32.89
C ILE A 1007 -10.78 -27.58 -32.55
N ASP A 1008 -11.48 -26.88 -33.45
CA ASP A 1008 -11.95 -25.55 -33.14
C ASP A 1008 -13.09 -25.58 -32.12
N THR A 1009 -14.06 -26.49 -32.33
CA THR A 1009 -15.10 -26.69 -31.34
C THR A 1009 -14.51 -27.17 -30.01
N ALA A 1010 -13.49 -28.02 -30.08
CA ALA A 1010 -12.84 -28.49 -28.85
C ALA A 1010 -12.15 -27.36 -28.11
N LEU A 1011 -11.55 -26.41 -28.84
CA LEU A 1011 -10.93 -25.27 -28.18
C LEU A 1011 -11.98 -24.34 -27.59
N THR A 1012 -13.08 -24.13 -28.31
CA THR A 1012 -14.19 -23.34 -27.76
C THR A 1012 -14.71 -23.95 -26.48
N LEU A 1013 -14.77 -25.28 -26.41
CA LEU A 1013 -15.23 -25.95 -25.20
C LEU A 1013 -14.19 -25.87 -24.09
N TYR A 1014 -12.92 -26.09 -24.43
CA TYR A 1014 -11.85 -26.02 -23.43
C TYR A 1014 -11.79 -24.64 -22.78
N MET A 1015 -11.97 -23.59 -23.57
CA MET A 1015 -11.87 -22.23 -23.06
C MET A 1015 -13.08 -21.84 -22.23
N ASN A 1016 -14.10 -22.68 -22.14
CA ASN A 1016 -15.27 -22.45 -21.31
C ASN A 1016 -15.38 -23.41 -20.14
N LEU A 1017 -14.55 -24.44 -20.08
CA LEU A 1017 -14.54 -25.35 -18.96
C LEU A 1017 -13.77 -24.75 -17.79
N PRO A 1018 -14.18 -25.04 -16.55
CA PRO A 1018 -13.50 -24.46 -15.39
C PRO A 1018 -12.06 -24.92 -15.29
N MET A 1019 -11.22 -24.04 -14.74
CA MET A 1019 -9.83 -24.42 -14.48
C MET A 1019 -9.70 -25.40 -13.33
N LEU A 1020 -10.75 -25.58 -12.54
CA LEU A 1020 -10.70 -26.59 -11.48
C LEU A 1020 -10.61 -27.99 -12.07
N PHE A 1021 -11.32 -28.23 -13.17
CA PHE A 1021 -11.31 -29.53 -13.84
C PHE A 1021 -10.19 -29.64 -14.87
N GLY A 1022 -9.38 -28.61 -15.04
CA GLY A 1022 -8.34 -28.60 -16.04
C GLY A 1022 -8.65 -27.81 -17.29
N GLY A 1023 -9.79 -27.14 -17.34
CA GLY A 1023 -10.14 -26.31 -18.47
C GLY A 1023 -9.38 -25.01 -18.48
N GLY A 1024 -9.85 -24.09 -19.31
CA GLY A 1024 -9.15 -22.83 -19.49
C GLY A 1024 -9.97 -21.60 -19.21
N ASP A 1025 -11.03 -21.74 -18.42
CA ASP A 1025 -11.89 -20.61 -18.11
C ASP A 1025 -11.57 -20.09 -16.72
N PRO A 1026 -10.91 -18.94 -16.59
CA PRO A 1026 -10.58 -18.43 -15.26
C PRO A 1026 -11.77 -17.84 -14.51
N ASN A 1027 -12.85 -17.51 -15.21
CA ASN A 1027 -13.99 -16.80 -14.61
C ASN A 1027 -15.21 -17.69 -14.68
N LEU A 1028 -15.63 -18.21 -13.54
CA LEU A 1028 -16.84 -19.03 -13.49
C LEU A 1028 -18.08 -18.14 -13.65
N LEU A 1029 -19.19 -18.77 -14.01
CA LEU A 1029 -20.39 -18.01 -14.33
C LEU A 1029 -21.00 -17.34 -13.11
N TYR A 1030 -20.79 -17.90 -11.92
CA TYR A 1030 -21.31 -17.26 -10.71
C TYR A 1030 -20.64 -15.91 -10.47
N ARG A 1031 -19.40 -15.76 -10.92
CA ARG A 1031 -18.66 -14.52 -10.71
C ARG A 1031 -19.29 -13.33 -11.40
N SER A 1032 -20.20 -13.57 -12.35
CA SER A 1032 -20.93 -12.50 -13.02
C SER A 1032 -22.13 -12.03 -12.23
N PHE A 1033 -22.51 -12.75 -11.18
CA PHE A 1033 -23.69 -12.45 -10.39
C PHE A 1033 -23.42 -12.23 -8.91
N TYR A 1034 -22.40 -12.86 -8.36
CA TYR A 1034 -21.96 -12.54 -7.01
C TYR A 1034 -20.46 -12.83 -6.91
N ARG A 1035 -19.79 -12.05 -6.07
CA ARG A 1035 -18.32 -12.07 -6.07
C ARG A 1035 -17.76 -13.24 -5.28
N ARG A 1036 -18.39 -13.62 -4.16
CA ARG A 1036 -17.85 -14.65 -3.29
C ARG A 1036 -18.77 -15.87 -3.28
N THR A 1037 -18.19 -17.01 -2.92
CA THR A 1037 -18.92 -18.26 -2.81
C THR A 1037 -18.27 -19.10 -1.74
N PRO A 1038 -19.04 -19.88 -0.99
CA PRO A 1038 -18.46 -20.79 0.01
C PRO A 1038 -18.15 -22.20 -0.49
N ASP A 1039 -18.29 -22.47 -1.79
CA ASP A 1039 -18.05 -23.80 -2.32
C ASP A 1039 -17.69 -23.65 -3.79
N PHE A 1040 -16.39 -23.77 -4.09
CA PHE A 1040 -15.92 -23.65 -5.47
C PHE A 1040 -16.24 -24.88 -6.32
N LEU A 1041 -16.37 -26.04 -5.69
CA LEU A 1041 -16.63 -27.26 -6.47
C LEU A 1041 -18.05 -27.27 -7.03
N THR A 1042 -19.03 -26.88 -6.22
CA THR A 1042 -20.41 -26.81 -6.73
C THR A 1042 -20.51 -25.76 -7.83
N GLU A 1043 -19.80 -24.64 -7.69
CA GLU A 1043 -19.84 -23.62 -8.72
C GLU A 1043 -19.17 -24.10 -10.01
N ALA A 1044 -18.07 -24.86 -9.88
CA ALA A 1044 -17.43 -25.40 -11.07
C ALA A 1044 -18.33 -26.42 -11.77
N ILE A 1045 -18.99 -27.28 -11.01
CA ILE A 1045 -19.89 -28.27 -11.61
C ILE A 1045 -21.08 -27.58 -12.27
N VAL A 1046 -21.60 -26.52 -11.65
CA VAL A 1046 -22.74 -25.81 -12.20
C VAL A 1046 -22.33 -25.06 -13.47
N HIS A 1047 -21.15 -24.44 -13.45
CA HIS A 1047 -20.62 -23.81 -14.64
C HIS A 1047 -20.46 -24.82 -15.77
N SER A 1048 -19.99 -26.02 -15.45
CA SER A 1048 -19.82 -27.03 -16.49
C SER A 1048 -21.17 -27.50 -17.04
N VAL A 1049 -22.18 -27.62 -16.18
CA VAL A 1049 -23.51 -27.99 -16.65
C VAL A 1049 -24.06 -26.91 -17.59
N PHE A 1050 -23.92 -25.65 -17.19
CA PHE A 1050 -24.43 -24.55 -18.01
C PHE A 1050 -23.69 -24.46 -19.33
N ILE A 1051 -22.38 -24.73 -19.32
CA ILE A 1051 -21.60 -24.66 -20.55
C ILE A 1051 -21.93 -25.82 -21.48
N LEU A 1052 -22.06 -27.03 -20.93
CA LEU A 1052 -22.39 -28.18 -21.75
C LEU A 1052 -23.83 -28.16 -22.24
N SER A 1053 -24.70 -27.36 -21.62
CA SER A 1053 -26.03 -27.15 -22.18
C SER A 1053 -25.97 -26.51 -23.57
N TYR A 1054 -24.85 -25.87 -23.91
CA TYR A 1054 -24.69 -25.26 -25.23
C TYR A 1054 -24.57 -26.32 -26.32
N TYR A 1055 -24.10 -27.51 -25.97
CA TYR A 1055 -23.93 -28.61 -26.91
C TYR A 1055 -25.02 -29.67 -26.78
N THR A 1056 -25.46 -29.95 -25.55
CA THR A 1056 -26.49 -30.94 -25.31
C THR A 1056 -27.90 -30.38 -25.43
N ASN A 1057 -28.04 -29.07 -25.62
CA ASN A 1057 -29.34 -28.42 -25.81
C ASN A 1057 -30.28 -28.67 -24.64
N HIS A 1058 -29.71 -28.79 -23.44
CA HIS A 1058 -30.51 -28.87 -22.24
C HIS A 1058 -31.06 -27.49 -21.90
N ASP A 1059 -32.22 -27.47 -21.26
CA ASP A 1059 -32.89 -26.24 -20.87
C ASP A 1059 -32.56 -25.95 -19.41
N LEU A 1060 -31.99 -24.77 -19.15
CA LEU A 1060 -31.61 -24.38 -17.80
C LEU A 1060 -32.77 -23.82 -16.99
N LYS A 1061 -33.96 -23.93 -17.51
CA LYS A 1061 -35.12 -23.51 -16.75
C LYS A 1061 -35.90 -24.75 -16.31
N ASP A 1062 -35.54 -25.92 -16.84
CA ASP A 1062 -36.20 -27.17 -16.49
C ASP A 1062 -35.36 -27.93 -15.46
N LYS A 1063 -36.05 -28.80 -14.73
CA LYS A 1063 -35.38 -29.82 -13.94
C LYS A 1063 -34.45 -30.64 -14.85
N LEU A 1064 -33.35 -31.12 -14.27
CA LEU A 1064 -32.43 -31.96 -15.04
C LEU A 1064 -33.14 -33.19 -15.56
N GLN A 1065 -32.85 -33.55 -16.80
CA GLN A 1065 -33.53 -34.63 -17.49
C GLN A 1065 -32.54 -35.41 -18.34
N ASP A 1066 -32.82 -36.70 -18.47
CA ASP A 1066 -32.17 -37.52 -19.48
C ASP A 1066 -32.97 -37.39 -20.77
N LEU A 1067 -32.35 -36.86 -21.82
CA LEU A 1067 -33.17 -36.57 -22.99
C LEU A 1067 -32.85 -37.49 -24.17
N SER A 1068 -31.68 -37.33 -24.79
CA SER A 1068 -31.11 -38.35 -25.65
C SER A 1068 -29.59 -38.32 -25.53
N ASP A 1069 -29.07 -37.16 -25.11
CA ASP A 1069 -27.65 -36.87 -25.17
C ASP A 1069 -27.03 -37.19 -23.83
N ASP A 1070 -26.08 -38.13 -23.82
CA ASP A 1070 -25.38 -38.52 -22.61
C ASP A 1070 -24.11 -37.73 -22.38
N ARG A 1071 -23.92 -36.59 -23.06
CA ARG A 1071 -22.70 -35.82 -22.91
C ARG A 1071 -22.56 -35.27 -21.50
N LEU A 1072 -23.61 -34.60 -21.00
CA LEU A 1072 -23.59 -34.15 -19.62
C LEU A 1072 -23.60 -35.33 -18.66
N ASN A 1073 -24.30 -36.40 -19.03
CA ASN A 1073 -24.25 -37.63 -18.24
C ASN A 1073 -22.84 -38.19 -18.18
N LYS A 1074 -22.14 -38.24 -19.31
CA LYS A 1074 -20.77 -38.72 -19.33
C LYS A 1074 -19.86 -37.85 -18.49
N PHE A 1075 -20.01 -36.52 -18.60
CA PHE A 1075 -19.20 -35.62 -17.80
C PHE A 1075 -19.42 -35.83 -16.31
N LEU A 1076 -20.68 -35.91 -15.89
CA LEU A 1076 -20.97 -36.07 -14.47
C LEU A 1076 -20.54 -37.44 -13.96
N THR A 1077 -20.65 -38.49 -14.79
CA THR A 1077 -20.16 -39.80 -14.42
C THR A 1077 -18.65 -39.77 -14.21
N CYS A 1078 -17.92 -39.16 -15.15
CA CYS A 1078 -16.47 -39.04 -14.99
C CYS A 1078 -16.11 -38.20 -13.78
N ILE A 1079 -16.96 -37.24 -13.41
CA ILE A 1079 -16.68 -36.38 -12.26
C ILE A 1079 -16.86 -37.16 -10.96
N ILE A 1080 -17.90 -37.98 -10.87
CA ILE A 1080 -18.14 -38.73 -9.63
C ILE A 1080 -17.40 -40.05 -9.58
N THR A 1081 -17.05 -40.62 -10.73
CA THR A 1081 -16.32 -41.89 -10.79
C THR A 1081 -14.85 -41.61 -11.02
N PHE A 1082 -14.02 -42.01 -10.06
CA PHE A 1082 -12.57 -42.00 -10.24
C PHE A 1082 -11.97 -42.95 -9.22
N ASP A 1083 -10.69 -43.26 -9.42
CA ASP A 1083 -9.98 -44.13 -8.50
C ASP A 1083 -9.57 -43.34 -7.26
N LYS A 1084 -9.98 -43.82 -6.10
CA LYS A 1084 -9.65 -43.14 -4.86
C LYS A 1084 -8.18 -43.31 -4.53
N ASN A 1085 -7.55 -42.22 -4.13
CA ASN A 1085 -6.12 -42.22 -3.84
C ASN A 1085 -5.77 -41.11 -2.85
N PRO A 1086 -6.29 -41.16 -1.62
CA PRO A 1086 -6.02 -40.07 -0.67
C PRO A 1086 -4.64 -40.18 -0.07
N ASN A 1087 -4.01 -39.03 0.16
CA ASN A 1087 -2.69 -38.97 0.75
C ASN A 1087 -2.57 -37.65 1.51
N ALA A 1088 -2.31 -37.75 2.82
CA ALA A 1088 -2.16 -36.59 3.69
C ALA A 1088 -3.39 -35.68 3.60
N GLU A 1089 -4.56 -36.26 3.89
CA GLU A 1089 -5.81 -35.56 3.66
C GLU A 1089 -6.05 -34.47 4.68
N PHE A 1090 -5.65 -34.67 5.93
CA PHE A 1090 -5.99 -33.71 6.96
C PHE A 1090 -5.09 -32.48 6.92
N VAL A 1091 -3.79 -32.65 6.69
CA VAL A 1091 -2.92 -31.49 6.55
C VAL A 1091 -3.25 -30.72 5.28
N THR A 1092 -3.74 -31.40 4.24
CA THR A 1092 -4.12 -30.70 3.02
C THR A 1092 -5.42 -29.92 3.21
N LEU A 1093 -6.39 -30.51 3.92
CA LEU A 1093 -7.61 -29.78 4.24
C LEU A 1093 -7.36 -28.68 5.25
N MET A 1094 -6.27 -28.78 6.03
CA MET A 1094 -5.85 -27.66 6.86
C MET A 1094 -5.31 -26.53 6.00
N ARG A 1095 -4.46 -26.87 5.04
CA ARG A 1095 -3.88 -25.83 4.18
C ARG A 1095 -4.94 -25.22 3.25
N ASP A 1096 -5.83 -26.05 2.72
CA ASP A 1096 -6.92 -25.57 1.87
C ASP A 1096 -8.19 -26.36 2.20
N PRO A 1097 -9.10 -25.79 2.98
CA PRO A 1097 -10.32 -26.52 3.35
C PRO A 1097 -11.18 -26.92 2.16
N GLN A 1098 -10.96 -26.35 0.97
CA GLN A 1098 -11.73 -26.68 -0.21
C GLN A 1098 -10.97 -27.57 -1.19
N ALA A 1099 -9.82 -28.11 -0.78
CA ALA A 1099 -9.05 -29.00 -1.63
C ALA A 1099 -9.86 -30.24 -1.96
N LEU A 1100 -9.45 -30.93 -3.03
CA LEU A 1100 -10.17 -32.09 -3.52
C LEU A 1100 -9.46 -33.40 -3.21
N GLY A 1101 -8.21 -33.56 -3.58
CA GLY A 1101 -7.49 -34.80 -3.33
C GLY A 1101 -7.72 -35.82 -4.42
N SER A 1102 -6.97 -36.93 -4.31
CA SER A 1102 -6.98 -38.00 -5.31
C SER A 1102 -6.63 -37.48 -6.70
N GLU A 1103 -5.87 -36.38 -6.75
CA GLU A 1103 -5.43 -35.76 -8.01
C GLU A 1103 -6.63 -35.37 -8.87
N ARG A 1104 -7.65 -34.81 -8.23
CA ARG A 1104 -8.86 -34.39 -8.92
C ARG A 1104 -8.88 -32.89 -9.20
N GLN A 1105 -7.80 -32.19 -8.90
CA GLN A 1105 -7.74 -30.75 -9.14
C GLN A 1105 -6.33 -30.37 -9.57
N ALA A 1106 -6.21 -29.17 -10.13
CA ALA A 1106 -4.92 -28.70 -10.61
C ALA A 1106 -4.05 -28.23 -9.46
N LYS A 1107 -2.76 -28.51 -9.55
CA LYS A 1107 -1.83 -28.14 -8.50
C LYS A 1107 -1.33 -26.71 -8.70
N ILE A 1108 -0.95 -26.08 -7.60
CA ILE A 1108 -0.42 -24.73 -7.61
C ILE A 1108 1.06 -24.78 -7.28
N THR A 1109 1.74 -23.66 -7.51
CA THR A 1109 3.20 -23.64 -7.35
C THR A 1109 3.64 -23.82 -5.91
N SER A 1110 2.80 -23.47 -4.94
CA SER A 1110 3.21 -23.61 -3.55
C SER A 1110 3.26 -25.08 -3.12
N GLU A 1111 2.43 -25.93 -3.71
CA GLU A 1111 2.50 -27.35 -3.41
C GLU A 1111 3.67 -28.01 -4.13
N ILE A 1112 3.95 -27.59 -5.36
CA ILE A 1112 5.02 -28.19 -6.15
C ILE A 1112 6.38 -27.75 -5.65
N ASN A 1113 6.48 -26.52 -5.14
CA ASN A 1113 7.78 -25.94 -4.82
C ASN A 1113 8.16 -26.09 -3.35
N ARG A 1114 7.26 -26.54 -2.48
CA ARG A 1114 7.54 -26.46 -1.05
C ARG A 1114 8.64 -27.42 -0.62
N LEU A 1115 8.74 -28.59 -1.26
CA LEU A 1115 9.81 -29.51 -0.91
C LEU A 1115 11.17 -28.95 -1.30
N ALA A 1116 11.25 -28.28 -2.46
CA ALA A 1116 12.47 -27.59 -2.83
C ALA A 1116 12.80 -26.48 -1.86
N VAL A 1117 11.78 -25.74 -1.43
CA VAL A 1117 12.01 -24.65 -0.47
C VAL A 1117 12.59 -25.19 0.82
N THR A 1118 12.06 -26.31 1.32
CA THR A 1118 12.58 -26.85 2.56
C THR A 1118 13.95 -27.48 2.39
N GLU A 1119 14.23 -28.06 1.21
CA GLU A 1119 15.57 -28.56 0.94
C GLU A 1119 16.58 -27.42 0.92
N VAL A 1120 16.18 -26.25 0.41
CA VAL A 1120 17.08 -25.09 0.40
C VAL A 1120 17.24 -24.53 1.80
N LEU A 1121 16.14 -24.47 2.57
CA LEU A 1121 16.19 -23.88 3.90
C LEU A 1121 16.93 -24.76 4.89
N SER A 1122 16.95 -26.07 4.67
CA SER A 1122 17.68 -26.96 5.57
C SER A 1122 19.18 -26.69 5.58
N THR A 1123 19.69 -26.03 4.55
CA THR A 1123 21.10 -25.69 4.46
C THR A 1123 21.38 -24.24 4.82
N ALA A 1124 20.41 -23.53 5.36
CA ALA A 1124 20.61 -22.14 5.72
C ALA A 1124 21.46 -22.05 6.99
N PRO A 1125 22.38 -21.08 7.06
CA PRO A 1125 23.15 -20.91 8.30
C PRO A 1125 22.29 -20.50 9.49
N ASN A 1126 21.16 -19.83 9.25
CA ASN A 1126 20.23 -19.50 10.32
C ASN A 1126 19.60 -20.77 10.87
N LYS A 1127 19.81 -21.04 12.15
CA LYS A 1127 19.35 -22.30 12.74
C LYS A 1127 17.85 -22.35 12.94
N ILE A 1128 17.17 -21.20 12.96
CA ILE A 1128 15.71 -21.20 13.04
C ILE A 1128 15.11 -21.79 11.78
N PHE A 1129 15.44 -21.21 10.63
CA PHE A 1129 14.95 -21.73 9.36
C PHE A 1129 15.47 -23.14 9.09
N SER A 1130 16.74 -23.37 9.39
CA SER A 1130 17.33 -24.69 9.18
C SER A 1130 16.57 -25.76 9.97
N LYS A 1131 16.36 -25.52 11.27
CA LYS A 1131 15.73 -26.54 12.10
C LYS A 1131 14.24 -26.68 11.81
N SER A 1132 13.57 -25.59 11.39
CA SER A 1132 12.17 -25.73 11.03
C SER A 1132 12.01 -26.46 9.70
N ALA A 1133 13.00 -26.35 8.81
CA ALA A 1133 12.91 -27.03 7.52
C ALA A 1133 13.37 -28.47 7.60
N GLN A 1134 14.27 -28.79 8.53
CA GLN A 1134 14.68 -30.18 8.70
C GLN A 1134 13.56 -31.03 9.29
N HIS A 1135 12.70 -30.44 10.10
CA HIS A 1135 11.58 -31.14 10.73
C HIS A 1135 10.28 -30.89 9.99
N TYR A 1136 10.34 -30.48 8.72
CA TYR A 1136 9.14 -30.10 7.99
C TYR A 1136 8.29 -31.31 7.61
N THR A 1137 8.93 -32.35 7.08
CA THR A 1137 8.19 -33.54 6.66
C THR A 1137 7.55 -34.24 7.85
N THR A 1138 8.31 -34.39 8.94
CA THR A 1138 7.74 -35.04 10.13
C THR A 1138 6.70 -34.16 10.80
N THR A 1139 6.85 -32.84 10.74
CA THR A 1139 5.80 -31.97 11.27
C THR A 1139 4.53 -32.09 10.46
N GLU A 1140 4.64 -32.22 9.14
CA GLU A 1140 3.45 -32.46 8.34
C GLU A 1140 2.82 -33.81 8.66
N ILE A 1141 3.64 -34.83 8.88
CA ILE A 1141 3.11 -36.14 9.22
C ILE A 1141 2.39 -36.11 10.56
N ASP A 1142 2.91 -35.36 11.54
CA ASP A 1142 2.27 -35.28 12.84
C ASP A 1142 1.01 -34.43 12.79
N LEU A 1143 1.07 -33.31 12.06
CA LEU A 1143 -0.09 -32.45 11.87
C LEU A 1143 -1.22 -33.18 11.13
N ASN A 1144 -0.88 -34.13 10.26
CA ASN A 1144 -1.91 -34.97 9.67
C ASN A 1144 -2.51 -35.94 10.68
N ASP A 1145 -1.78 -36.28 11.74
CA ASP A 1145 -2.25 -37.24 12.72
C ASP A 1145 -3.00 -36.60 13.89
N ILE A 1146 -2.84 -35.29 14.10
CA ILE A 1146 -3.49 -34.63 15.23
C ILE A 1146 -5.00 -34.85 15.19
N MET A 1147 -5.64 -34.44 14.08
CA MET A 1147 -7.10 -34.40 14.00
C MET A 1147 -7.64 -35.45 13.04
N GLN A 1148 -7.01 -36.61 12.96
CA GLN A 1148 -7.39 -37.62 11.97
C GLN A 1148 -8.45 -38.59 12.48
N ASN A 1149 -8.70 -38.65 13.79
CA ASN A 1149 -9.70 -39.55 14.33
C ASN A 1149 -10.97 -38.82 14.78
N ILE A 1150 -11.10 -37.55 14.44
CA ILE A 1150 -12.36 -36.83 14.62
C ILE A 1150 -13.24 -37.18 13.42
N GLU A 1151 -14.25 -38.02 13.65
CA GLU A 1151 -14.90 -38.75 12.57
C GLU A 1151 -15.76 -37.88 11.66
N PRO A 1152 -16.43 -36.84 12.16
CA PRO A 1152 -16.96 -35.83 11.23
C PRO A 1152 -15.87 -34.84 10.88
N THR A 1153 -15.55 -34.74 9.60
CA THR A 1153 -14.47 -33.88 9.15
C THR A 1153 -15.01 -32.48 8.88
N TYR A 1154 -14.50 -31.50 9.63
CA TYR A 1154 -14.84 -30.09 9.42
C TYR A 1154 -13.58 -29.37 8.97
N PRO A 1155 -13.38 -29.18 7.67
CA PRO A 1155 -12.11 -28.57 7.20
C PRO A 1155 -11.90 -27.14 7.66
N HIS A 1156 -12.96 -26.40 7.98
CA HIS A 1156 -12.76 -25.04 8.49
C HIS A 1156 -12.32 -25.06 9.95
N GLY A 1157 -12.87 -25.97 10.75
CA GLY A 1157 -12.31 -26.22 12.06
C GLY A 1157 -10.89 -26.72 12.00
N LEU A 1158 -10.58 -27.54 10.98
CA LEU A 1158 -9.20 -27.96 10.77
C LEU A 1158 -8.30 -26.77 10.46
N ARG A 1159 -8.81 -25.80 9.68
CA ARG A 1159 -8.03 -24.60 9.40
C ARG A 1159 -7.81 -23.78 10.67
N VAL A 1160 -8.81 -23.74 11.56
CA VAL A 1160 -8.63 -23.03 12.82
C VAL A 1160 -7.60 -23.74 13.69
N VAL A 1161 -7.61 -25.07 13.70
CA VAL A 1161 -6.58 -25.83 14.42
C VAL A 1161 -5.21 -25.56 13.84
N TYR A 1162 -5.12 -25.45 12.51
CA TYR A 1162 -3.86 -25.29 11.82
C TYR A 1162 -3.28 -23.90 12.04
N GLU A 1163 -4.14 -22.88 12.12
CA GLU A 1163 -3.70 -21.51 12.32
C GLU A 1163 -3.31 -21.21 13.76
N SER A 1164 -3.66 -22.08 14.70
CA SER A 1164 -3.30 -21.92 16.10
C SER A 1164 -1.98 -22.58 16.46
N LEU A 1165 -1.39 -23.30 15.52
CA LEU A 1165 -0.15 -24.01 15.76
C LEU A 1165 1.02 -23.27 15.12
N PRO A 1166 2.24 -23.45 15.64
CA PRO A 1166 3.38 -22.69 15.10
C PRO A 1166 3.81 -23.12 13.71
N PHE A 1167 3.28 -24.24 13.19
CA PHE A 1167 3.60 -24.64 11.83
C PHE A 1167 2.99 -23.71 10.79
N TYR A 1168 2.01 -22.91 11.19
CA TYR A 1168 1.38 -21.99 10.25
C TYR A 1168 2.32 -20.87 9.84
N LYS A 1169 3.10 -20.35 10.79
CA LYS A 1169 4.08 -19.31 10.46
C LYS A 1169 5.20 -19.85 9.59
N ALA A 1170 5.69 -21.05 9.90
CA ALA A 1170 6.68 -21.69 9.04
C ALA A 1170 6.13 -21.90 7.64
N GLU A 1171 4.88 -22.36 7.55
CA GLU A 1171 4.24 -22.54 6.25
C GLU A 1171 4.11 -21.24 5.48
N LYS A 1172 3.82 -20.13 6.18
CA LYS A 1172 3.73 -18.85 5.50
C LYS A 1172 5.09 -18.40 4.99
N ILE A 1173 6.15 -18.60 5.78
CA ILE A 1173 7.50 -18.28 5.32
C ILE A 1173 7.85 -19.10 4.09
N VAL A 1174 7.54 -20.40 4.12
CA VAL A 1174 7.86 -21.28 3.00
C VAL A 1174 7.05 -20.91 1.76
N ASN A 1175 5.79 -20.55 1.94
CA ASN A 1175 4.96 -20.16 0.80
C ASN A 1175 5.39 -18.84 0.21
N LEU A 1176 5.90 -17.92 1.04
CA LEU A 1176 6.48 -16.69 0.52
C LEU A 1176 7.73 -16.98 -0.29
N ILE A 1177 8.60 -17.87 0.22
CA ILE A 1177 9.82 -18.19 -0.49
C ILE A 1177 9.54 -18.94 -1.78
N SER A 1178 8.50 -19.77 -1.81
CA SER A 1178 8.23 -20.61 -2.98
C SER A 1178 7.72 -19.83 -4.18
N GLY A 1179 7.30 -18.59 -4.00
CA GLY A 1179 6.91 -17.75 -5.11
C GLY A 1179 8.06 -17.06 -5.81
N THR A 1180 9.28 -17.34 -5.39
CA THR A 1180 10.47 -16.76 -6.00
C THR A 1180 10.83 -17.52 -7.26
N LYS A 1181 11.49 -16.82 -8.18
CA LYS A 1181 12.15 -17.47 -9.30
C LYS A 1181 13.43 -18.14 -8.80
N SER A 1182 13.66 -19.38 -9.23
CA SER A 1182 14.88 -20.10 -8.88
C SER A 1182 15.05 -20.23 -7.38
N ILE A 1183 14.18 -21.01 -6.74
CA ILE A 1183 14.28 -21.24 -5.29
C ILE A 1183 15.64 -21.79 -4.92
N THR A 1184 16.24 -22.62 -5.76
CA THR A 1184 17.49 -23.27 -5.36
C THR A 1184 18.66 -22.29 -5.37
N ASN A 1185 18.55 -21.19 -6.13
CA ASN A 1185 19.62 -20.20 -6.20
C ASN A 1185 19.41 -19.05 -5.22
N ILE A 1186 18.69 -19.28 -4.13
CA ILE A 1186 18.45 -18.22 -3.15
C ILE A 1186 19.72 -17.90 -2.37
N LEU A 1187 20.49 -18.93 -2.03
CA LEU A 1187 21.74 -18.75 -1.29
C LEU A 1187 22.96 -18.91 -2.19
N GLU A 1188 22.83 -18.51 -3.46
CA GLU A 1188 23.91 -18.64 -4.43
C GLU A 1188 24.41 -17.30 -4.98
N LYS A 1189 23.74 -16.19 -4.67
CA LYS A 1189 24.12 -14.86 -5.15
C LYS A 1189 24.15 -14.83 -6.68
N THR A 1190 23.00 -15.09 -7.28
CA THR A 1190 22.88 -15.10 -8.73
C THR A 1190 21.46 -14.77 -9.13
N SER A 1191 21.32 -14.04 -10.23
CA SER A 1191 20.02 -13.76 -10.82
C SER A 1191 19.58 -14.81 -11.81
N ALA A 1192 20.39 -15.85 -12.01
CA ALA A 1192 20.05 -16.93 -12.93
C ALA A 1192 19.04 -17.87 -12.30
N ILE A 1193 18.46 -18.72 -13.13
CA ILE A 1193 17.49 -19.72 -12.72
C ILE A 1193 18.09 -21.10 -12.95
N ASP A 1194 17.98 -21.96 -11.94
CA ASP A 1194 18.51 -23.31 -12.05
C ASP A 1194 17.63 -24.15 -12.97
N LEU A 1195 18.26 -25.07 -13.68
CA LEU A 1195 17.52 -25.92 -14.62
C LEU A 1195 16.56 -26.85 -13.90
N THR A 1196 16.82 -27.20 -12.63
CA THR A 1196 15.88 -28.02 -11.89
C THR A 1196 14.58 -27.27 -11.62
N ASP A 1197 14.68 -25.97 -11.34
CA ASP A 1197 13.47 -25.16 -11.19
C ASP A 1197 12.70 -25.07 -12.50
N ILE A 1198 13.42 -24.93 -13.61
CA ILE A 1198 12.78 -24.89 -14.92
C ILE A 1198 12.06 -26.20 -15.20
N ASP A 1199 12.70 -27.32 -14.90
CA ASP A 1199 12.08 -28.62 -15.15
C ASP A 1199 10.88 -28.85 -14.24
N ARG A 1200 10.97 -28.40 -12.98
CA ARG A 1200 9.84 -28.52 -12.06
C ARG A 1200 8.65 -27.71 -12.56
N ALA A 1201 8.90 -26.46 -12.97
CA ALA A 1201 7.82 -25.63 -13.50
C ALA A 1201 7.26 -26.20 -14.79
N THR A 1202 8.11 -26.77 -15.63
CA THR A 1202 7.64 -27.34 -16.89
C THR A 1202 6.75 -28.56 -16.65
N GLU A 1203 7.21 -29.48 -15.79
CA GLU A 1203 6.41 -30.63 -15.42
C GLU A 1203 5.08 -30.21 -14.82
N MET A 1204 5.09 -29.19 -13.96
CA MET A 1204 3.86 -28.70 -13.36
C MET A 1204 2.91 -28.15 -14.41
N MET A 1205 3.42 -27.33 -15.33
CA MET A 1205 2.59 -26.77 -16.39
C MET A 1205 1.98 -27.87 -17.26
N ARG A 1206 2.79 -28.86 -17.63
CA ARG A 1206 2.29 -29.91 -18.52
C ARG A 1206 1.23 -30.76 -17.83
N LYS A 1207 1.44 -31.11 -16.56
CA LYS A 1207 0.42 -31.87 -15.84
C LYS A 1207 -0.86 -31.04 -15.69
N ASN A 1208 -0.73 -29.75 -15.38
CA ASN A 1208 -1.91 -28.91 -15.23
C ASN A 1208 -2.68 -28.79 -16.55
N ILE A 1209 -1.96 -28.73 -17.67
CA ILE A 1209 -2.63 -28.62 -18.96
C ILE A 1209 -3.37 -29.90 -19.30
N THR A 1210 -2.71 -31.05 -19.10
CA THR A 1210 -3.31 -32.33 -19.48
C THR A 1210 -4.19 -32.93 -18.40
N LEU A 1211 -4.44 -32.20 -17.30
CA LEU A 1211 -5.32 -32.70 -16.25
C LEU A 1211 -6.69 -33.12 -16.78
N LEU A 1212 -7.23 -32.37 -17.74
CA LEU A 1212 -8.58 -32.64 -18.22
C LEU A 1212 -8.67 -33.96 -18.96
N ILE A 1213 -7.53 -34.55 -19.32
CA ILE A 1213 -7.52 -35.89 -19.90
C ILE A 1213 -7.69 -36.94 -18.81
N ARG A 1214 -7.09 -36.71 -17.64
CA ARG A 1214 -7.19 -37.67 -16.55
C ARG A 1214 -8.49 -37.53 -15.77
N ILE A 1215 -9.11 -36.34 -15.79
CA ILE A 1215 -10.39 -36.18 -15.11
C ILE A 1215 -11.53 -36.74 -15.96
N LEU A 1216 -11.43 -36.66 -17.29
CA LEU A 1216 -12.47 -37.15 -18.19
C LEU A 1216 -11.91 -38.30 -19.01
N PRO A 1217 -11.84 -39.52 -18.45
CA PRO A 1217 -11.34 -40.65 -19.22
C PRO A 1217 -12.31 -41.03 -20.34
N LEU A 1218 -11.75 -41.55 -21.43
CA LEU A 1218 -12.58 -41.92 -22.58
C LEU A 1218 -13.47 -43.10 -22.29
N ASP A 1219 -13.04 -44.03 -21.43
CA ASP A 1219 -13.88 -45.14 -21.00
C ASP A 1219 -14.84 -44.74 -19.88
N CYS A 1220 -14.90 -43.46 -19.55
CA CYS A 1220 -15.75 -42.93 -18.48
C CYS A 1220 -15.44 -43.55 -17.12
N ASN A 1221 -14.34 -44.30 -17.03
CA ASN A 1221 -13.83 -44.87 -15.78
C ASN A 1221 -14.78 -45.92 -15.21
N ARG A 1222 -15.93 -46.11 -15.86
CA ARG A 1222 -16.89 -47.12 -15.44
C ARG A 1222 -17.71 -47.53 -16.65
N ASP A 1223 -17.44 -48.73 -17.18
CA ASP A 1223 -18.40 -49.40 -18.04
C ASP A 1223 -19.18 -50.48 -17.29
N LYS A 1224 -18.72 -50.86 -16.10
CA LYS A 1224 -19.48 -51.75 -15.24
C LYS A 1224 -20.59 -51.00 -14.51
N ARG A 1225 -20.24 -49.90 -13.83
CA ARG A 1225 -21.23 -48.97 -13.30
C ARG A 1225 -21.76 -48.12 -14.44
N GLU A 1226 -23.06 -48.25 -14.73
CA GLU A 1226 -23.65 -47.58 -15.86
C GLU A 1226 -23.56 -46.06 -15.73
N ILE A 1227 -23.84 -45.37 -16.84
CA ILE A 1227 -23.75 -43.92 -16.84
C ILE A 1227 -24.70 -43.34 -15.81
N LEU A 1228 -24.32 -42.18 -15.25
CA LEU A 1228 -25.13 -41.54 -14.22
C LEU A 1228 -26.46 -41.09 -14.79
N SER A 1229 -27.51 -41.22 -13.99
CA SER A 1229 -28.84 -40.75 -14.37
C SER A 1229 -29.11 -39.40 -13.71
N MET A 1230 -29.39 -38.39 -14.52
CA MET A 1230 -29.65 -37.05 -14.03
C MET A 1230 -31.11 -36.82 -13.65
N GLU A 1231 -31.86 -37.89 -13.42
CA GLU A 1231 -33.24 -37.76 -12.95
C GLU A 1231 -33.25 -37.61 -11.43
N ASN A 1232 -33.81 -36.50 -10.95
CA ASN A 1232 -33.82 -36.17 -9.53
C ASN A 1232 -32.41 -36.16 -8.96
N LEU A 1233 -31.50 -35.52 -9.69
CA LEU A 1233 -30.11 -35.40 -9.29
C LEU A 1233 -29.88 -34.05 -8.63
N SER A 1234 -29.31 -34.07 -7.43
CA SER A 1234 -28.91 -32.87 -6.72
C SER A 1234 -27.46 -32.58 -7.04
N ILE A 1235 -27.18 -31.37 -7.55
CA ILE A 1235 -25.81 -31.00 -7.88
C ILE A 1235 -25.00 -30.84 -6.59
N THR A 1236 -25.65 -30.44 -5.50
CA THR A 1236 -24.95 -30.30 -4.23
C THR A 1236 -24.68 -31.63 -3.56
N GLU A 1237 -25.60 -32.59 -3.65
CA GLU A 1237 -25.31 -33.93 -3.19
C GLU A 1237 -24.17 -34.55 -4.00
N LEU A 1238 -24.15 -34.28 -5.30
CA LEU A 1238 -23.06 -34.77 -6.14
C LEU A 1238 -21.73 -34.12 -5.77
N SER A 1239 -21.75 -32.82 -5.45
CA SER A 1239 -20.53 -32.14 -5.02
C SER A 1239 -20.03 -32.69 -3.70
N LYS A 1240 -20.93 -32.92 -2.76
CA LYS A 1240 -20.54 -33.52 -1.48
C LYS A 1240 -19.95 -34.91 -1.70
N TYR A 1241 -20.57 -35.71 -2.56
CA TYR A 1241 -20.06 -37.05 -2.85
C TYR A 1241 -18.67 -36.98 -3.48
N VAL A 1242 -18.47 -36.06 -4.42
CA VAL A 1242 -17.17 -35.94 -5.06
C VAL A 1242 -16.11 -35.53 -4.06
N ARG A 1243 -16.42 -34.56 -3.21
CA ARG A 1243 -15.45 -34.09 -2.23
C ARG A 1243 -15.12 -35.18 -1.20
N GLU A 1244 -16.12 -35.97 -0.81
CA GLU A 1244 -15.86 -37.03 0.16
C GLU A 1244 -15.12 -38.21 -0.45
N ARG A 1245 -15.46 -38.58 -1.68
CA ARG A 1245 -14.79 -39.70 -2.32
C ARG A 1245 -13.35 -39.37 -2.68
N SER A 1246 -13.10 -38.12 -3.08
CA SER A 1246 -11.74 -37.74 -3.44
C SER A 1246 -10.79 -37.80 -2.25
N TRP A 1247 -11.32 -37.67 -1.04
CA TRP A 1247 -10.54 -37.81 0.18
C TRP A 1247 -10.76 -39.15 0.86
N SER A 1248 -11.67 -39.97 0.35
CA SER A 1248 -12.01 -41.26 0.94
C SER A 1248 -12.48 -41.11 2.38
N LEU A 1249 -13.13 -39.99 2.67
CA LEU A 1249 -13.77 -39.74 3.94
C LEU A 1249 -15.26 -40.05 3.84
N SER A 1250 -15.91 -40.17 4.99
CA SER A 1250 -17.32 -40.52 5.04
C SER A 1250 -18.23 -39.32 5.17
N ASN A 1251 -17.84 -38.32 5.97
CA ASN A 1251 -18.64 -37.12 6.17
C ASN A 1251 -17.72 -35.93 6.23
N ILE A 1252 -17.98 -34.94 5.38
CA ILE A 1252 -17.27 -33.66 5.39
C ILE A 1252 -18.34 -32.58 5.56
N VAL A 1253 -18.35 -31.93 6.72
CA VAL A 1253 -19.41 -31.01 7.07
C VAL A 1253 -18.94 -29.58 6.89
N GLY A 1254 -19.91 -28.69 6.67
CA GLY A 1254 -19.65 -27.25 6.69
C GLY A 1254 -18.88 -26.70 5.52
N VAL A 1255 -18.75 -27.45 4.42
CA VAL A 1255 -18.05 -26.97 3.23
C VAL A 1255 -19.00 -26.84 2.05
N THR A 1256 -19.79 -27.87 1.78
CA THR A 1256 -20.69 -27.84 0.62
C THR A 1256 -21.87 -26.93 0.88
N SER A 1257 -22.16 -26.07 -0.11
CA SER A 1257 -23.24 -25.11 -0.05
C SER A 1257 -23.83 -24.99 -1.44
N PRO A 1258 -25.14 -24.76 -1.56
CA PRO A 1258 -25.75 -24.67 -2.89
C PRO A 1258 -25.21 -23.50 -3.69
N SER A 1259 -25.28 -23.63 -5.01
CA SER A 1259 -24.95 -22.55 -5.93
C SER A 1259 -26.22 -21.77 -6.21
N ILE A 1260 -26.23 -20.49 -5.82
CA ILE A 1260 -27.45 -19.69 -5.96
C ILE A 1260 -27.78 -19.44 -7.43
N MET A 1261 -26.76 -19.40 -8.29
CA MET A 1261 -27.01 -19.28 -9.73
C MET A 1261 -27.79 -20.47 -10.25
N TYR A 1262 -27.55 -21.65 -9.69
CA TYR A 1262 -28.24 -22.87 -10.09
C TYR A 1262 -29.51 -23.11 -9.30
N THR A 1263 -29.51 -22.79 -8.00
CA THR A 1263 -30.64 -23.11 -7.15
C THR A 1263 -31.86 -22.24 -7.44
N MET A 1264 -31.63 -21.03 -7.91
CA MET A 1264 -32.71 -20.04 -8.06
C MET A 1264 -33.24 -20.06 -9.48
N ASP A 1265 -34.57 -20.20 -9.60
CA ASP A 1265 -35.27 -20.09 -10.87
C ASP A 1265 -35.77 -18.66 -11.02
N ILE A 1266 -35.55 -18.07 -12.19
CA ILE A 1266 -35.80 -16.65 -12.42
C ILE A 1266 -37.16 -16.50 -13.06
N LYS A 1267 -38.04 -15.74 -12.40
CA LYS A 1267 -39.37 -15.45 -12.90
C LYS A 1267 -39.56 -13.94 -12.94
N TYR A 1268 -40.43 -13.49 -13.83
CA TYR A 1268 -40.73 -12.08 -13.98
C TYR A 1268 -42.19 -11.74 -13.73
N THR A 1269 -43.03 -12.73 -13.47
CA THR A 1269 -44.44 -12.51 -13.17
C THR A 1269 -44.77 -13.20 -11.85
N THR A 1270 -45.73 -12.62 -11.14
CA THR A 1270 -46.13 -13.18 -9.84
C THR A 1270 -46.85 -14.51 -10.04
N SER A 1271 -46.44 -15.53 -9.30
CA SER A 1271 -47.06 -16.84 -9.37
C SER A 1271 -48.38 -16.84 -8.60
N THR A 1272 -48.92 -18.05 -8.40
CA THR A 1272 -50.11 -18.21 -7.56
C THR A 1272 -49.88 -17.60 -6.18
N ILE A 1273 -48.84 -18.07 -5.48
CA ILE A 1273 -48.29 -17.41 -4.31
C ILE A 1273 -46.81 -17.20 -4.58
N SER A 1274 -46.27 -16.08 -4.09
CA SER A 1274 -44.92 -15.68 -4.50
C SER A 1274 -43.90 -16.77 -4.22
N SER A 1275 -43.68 -17.09 -2.95
CA SER A 1275 -42.82 -18.19 -2.53
C SER A 1275 -41.43 -18.09 -3.15
N GLY A 1276 -40.88 -16.88 -3.16
CA GLY A 1276 -39.52 -16.66 -3.61
C GLY A 1276 -39.02 -15.32 -3.12
N ILE A 1277 -37.77 -15.02 -3.46
CA ILE A 1277 -37.20 -13.70 -3.21
C ILE A 1277 -37.67 -12.75 -4.29
N ILE A 1278 -38.25 -11.63 -3.89
CA ILE A 1278 -38.78 -10.63 -4.81
C ILE A 1278 -37.85 -9.44 -4.80
N ILE A 1279 -37.18 -9.21 -5.93
CA ILE A 1279 -36.35 -8.03 -6.12
C ILE A 1279 -37.10 -7.08 -7.03
N GLU A 1280 -37.40 -5.89 -6.51
CA GLU A 1280 -38.16 -4.89 -7.24
C GLU A 1280 -37.27 -3.69 -7.55
N LYS A 1281 -37.57 -3.03 -8.67
CA LYS A 1281 -36.88 -1.81 -9.06
C LYS A 1281 -37.65 -0.62 -8.49
N TYR A 1282 -37.01 0.11 -7.57
CA TYR A 1282 -37.63 1.31 -7.03
C TYR A 1282 -37.42 2.54 -7.89
N ASN A 1283 -36.42 2.53 -8.76
CA ASN A 1283 -36.29 3.58 -9.76
C ASN A 1283 -37.54 3.63 -10.63
N VAL A 1284 -37.86 4.82 -11.11
CA VAL A 1284 -39.03 4.98 -11.97
C VAL A 1284 -38.69 4.84 -13.45
N ASN A 1285 -37.43 5.01 -13.82
CA ASN A 1285 -37.00 4.86 -15.19
C ASN A 1285 -36.81 3.39 -15.54
N SER A 1286 -36.88 3.08 -16.83
CA SER A 1286 -36.67 1.74 -17.31
C SER A 1286 -35.20 1.34 -17.37
N LEU A 1287 -34.29 2.26 -17.04
CA LEU A 1287 -32.86 1.98 -16.99
C LEU A 1287 -32.32 2.51 -15.67
N THR A 1288 -31.41 1.76 -15.06
CA THR A 1288 -30.83 2.13 -13.78
C THR A 1288 -29.32 2.27 -13.81
N ARG A 1289 -28.66 2.01 -14.93
CA ARG A 1289 -27.21 2.17 -15.01
C ARG A 1289 -26.87 3.65 -15.07
N GLY A 1290 -25.94 4.07 -14.22
CA GLY A 1290 -25.64 5.47 -14.12
C GLY A 1290 -26.62 6.28 -13.30
N GLU A 1291 -27.55 5.62 -12.62
CA GLU A 1291 -28.55 6.27 -11.79
C GLU A 1291 -28.48 5.71 -10.37
N ARG A 1292 -29.02 6.47 -9.42
CA ARG A 1292 -29.06 6.09 -8.03
C ARG A 1292 -30.49 6.07 -7.53
N GLY A 1293 -30.78 5.14 -6.63
CA GLY A 1293 -32.11 5.01 -6.08
C GLY A 1293 -32.17 5.31 -4.59
N PRO A 1294 -33.35 5.18 -4.01
CA PRO A 1294 -33.52 5.55 -2.59
C PRO A 1294 -33.03 4.49 -1.61
N THR A 1295 -32.81 3.27 -2.06
CA THR A 1295 -32.46 2.17 -1.17
C THR A 1295 -31.01 2.33 -0.70
N LYS A 1296 -30.69 1.66 0.40
CA LYS A 1296 -29.34 1.61 0.95
C LYS A 1296 -28.47 0.64 0.13
N PRO A 1297 -27.20 0.97 -0.08
CA PRO A 1297 -26.33 0.06 -0.83
C PRO A 1297 -26.26 -1.31 -0.18
N TRP A 1298 -26.16 -2.34 -1.02
CA TRP A 1298 -26.02 -3.72 -0.56
C TRP A 1298 -24.53 -4.06 -0.49
N VAL A 1299 -24.09 -4.49 0.68
CA VAL A 1299 -22.68 -4.71 0.94
C VAL A 1299 -22.31 -6.19 0.97
N GLY A 1300 -23.25 -7.07 1.25
CA GLY A 1300 -22.90 -8.45 1.58
C GLY A 1300 -23.01 -8.64 3.07
N SER A 1301 -21.86 -8.64 3.76
CA SER A 1301 -21.84 -8.55 5.22
C SER A 1301 -22.60 -9.68 5.88
N SER A 1302 -22.09 -10.90 5.76
CA SER A 1302 -22.70 -12.07 6.38
C SER A 1302 -23.03 -11.83 7.85
N THR A 1303 -24.04 -12.53 8.33
CA THR A 1303 -24.44 -12.43 9.73
C THR A 1303 -23.28 -12.83 10.63
N GLN A 1304 -23.04 -12.03 11.65
CA GLN A 1304 -21.85 -12.19 12.49
C GLN A 1304 -22.14 -13.04 13.72
N GLU A 1305 -21.07 -13.39 14.41
CA GLU A 1305 -21.14 -14.21 15.61
C GLU A 1305 -21.80 -13.46 16.76
N LYS A 1306 -22.34 -14.21 17.71
CA LYS A 1306 -22.73 -13.68 19.01
C LYS A 1306 -21.72 -14.16 20.03
N LYS A 1307 -20.91 -13.25 20.55
CA LYS A 1307 -19.85 -13.59 21.48
C LYS A 1307 -19.80 -12.57 22.61
N THR A 1308 -19.62 -13.06 23.83
CA THR A 1308 -19.45 -12.21 24.99
C THR A 1308 -17.96 -12.03 25.25
N MET A 1309 -17.50 -10.79 25.18
CA MET A 1309 -16.09 -10.50 25.43
C MET A 1309 -15.84 -10.42 26.93
N PRO A 1310 -14.83 -11.09 27.44
CA PRO A 1310 -14.50 -10.97 28.87
C PRO A 1310 -13.84 -9.64 29.16
N VAL A 1311 -14.03 -9.17 30.39
CA VAL A 1311 -13.50 -7.87 30.81
C VAL A 1311 -12.10 -8.09 31.36
N TYR A 1312 -11.10 -7.59 30.65
CA TYR A 1312 -9.73 -7.59 31.13
C TYR A 1312 -8.95 -6.52 30.37
N ASN A 1313 -7.70 -6.33 30.78
CA ASN A 1313 -6.85 -5.29 30.21
C ASN A 1313 -6.17 -5.83 28.97
N ARG A 1314 -6.68 -5.47 27.80
CA ARG A 1314 -6.20 -6.05 26.56
C ARG A 1314 -4.93 -5.37 26.04
N GLN A 1315 -4.66 -4.14 26.47
CA GLN A 1315 -3.43 -3.48 26.07
C GLN A 1315 -2.21 -4.12 26.73
N VAL A 1316 -2.42 -4.95 27.76
CA VAL A 1316 -1.31 -5.67 28.39
C VAL A 1316 -0.81 -6.77 27.46
N LEU A 1317 -1.68 -7.30 26.61
CA LEU A 1317 -1.32 -8.35 25.66
C LEU A 1317 -1.01 -7.76 24.30
N THR A 1318 -0.05 -8.35 23.61
CA THR A 1318 0.25 -7.96 22.24
C THR A 1318 -0.87 -8.41 21.31
N LYS A 1319 -0.72 -8.10 20.02
CA LYS A 1319 -1.76 -8.46 19.06
C LYS A 1319 -1.73 -9.94 18.74
N LYS A 1320 -0.53 -10.53 18.66
CA LYS A 1320 -0.44 -11.97 18.39
C LYS A 1320 -1.00 -12.80 19.53
N GLN A 1321 -0.82 -12.34 20.77
CA GLN A 1321 -1.36 -13.07 21.92
C GLN A 1321 -2.89 -13.05 21.91
N ARG A 1322 -3.48 -11.90 21.59
CA ARG A 1322 -4.94 -11.84 21.51
C ARG A 1322 -5.47 -12.61 20.31
N ASP A 1323 -4.73 -12.64 19.20
CA ASP A 1323 -5.12 -13.47 18.07
C ASP A 1323 -5.10 -14.95 18.42
N GLN A 1324 -4.06 -15.39 19.14
CA GLN A 1324 -3.98 -16.77 19.61
C GLN A 1324 -5.13 -17.09 20.57
N ILE A 1325 -5.47 -16.14 21.45
CA ILE A 1325 -6.60 -16.35 22.36
C ILE A 1325 -7.89 -16.50 21.59
N ASP A 1326 -8.09 -15.68 20.55
CA ASP A 1326 -9.29 -15.80 19.73
C ASP A 1326 -9.34 -17.15 19.00
N LEU A 1327 -8.20 -17.61 18.49
CA LEU A 1327 -8.16 -18.91 17.83
C LEU A 1327 -8.50 -20.03 18.80
N LEU A 1328 -7.95 -19.98 20.01
CA LEU A 1328 -8.22 -21.02 20.99
C LEU A 1328 -9.66 -20.98 21.47
N ALA A 1329 -10.26 -19.79 21.54
CA ALA A 1329 -11.68 -19.70 21.87
C ALA A 1329 -12.52 -20.31 20.76
N LYS A 1330 -12.16 -20.06 19.50
CA LYS A 1330 -12.89 -20.67 18.39
C LYS A 1330 -12.75 -22.19 18.42
N LEU A 1331 -11.58 -22.69 18.85
CA LEU A 1331 -11.41 -24.13 18.96
C LEU A 1331 -12.24 -24.71 20.09
N ASP A 1332 -12.32 -23.99 21.21
CA ASP A 1332 -13.18 -24.43 22.31
C ASP A 1332 -14.65 -24.37 21.93
N TRP A 1333 -15.00 -23.51 20.97
CA TRP A 1333 -16.38 -23.42 20.50
C TRP A 1333 -16.71 -24.55 19.54
N VAL A 1334 -15.89 -24.72 18.49
CA VAL A 1334 -16.19 -25.71 17.46
C VAL A 1334 -16.07 -27.12 18.00
N TYR A 1335 -14.95 -27.42 18.65
CA TYR A 1335 -14.64 -28.77 19.09
C TYR A 1335 -14.93 -28.99 20.57
N ALA A 1336 -16.00 -28.37 21.07
CA ALA A 1336 -16.39 -28.54 22.47
C ALA A 1336 -16.87 -29.95 22.77
N SER A 1337 -17.16 -30.75 21.75
CA SER A 1337 -17.80 -32.04 21.94
C SER A 1337 -16.89 -33.23 21.67
N ILE A 1338 -15.60 -32.99 21.42
CA ILE A 1338 -14.69 -34.10 21.25
C ILE A 1338 -14.42 -34.74 22.61
N ASP A 1339 -14.07 -36.02 22.60
CA ASP A 1339 -13.89 -36.77 23.84
C ASP A 1339 -12.62 -36.36 24.58
N ASN A 1340 -11.73 -35.62 23.94
CA ASN A 1340 -10.42 -35.25 24.48
C ASN A 1340 -10.29 -33.75 24.70
N LYS A 1341 -11.42 -33.04 24.85
CA LYS A 1341 -11.40 -31.60 24.75
C LYS A 1341 -10.58 -30.95 25.86
N ASP A 1342 -10.66 -31.49 27.07
CA ASP A 1342 -9.89 -30.91 28.17
C ASP A 1342 -8.40 -31.02 27.92
N GLU A 1343 -7.92 -32.22 27.55
CA GLU A 1343 -6.51 -32.42 27.27
C GLU A 1343 -6.06 -31.61 26.05
N PHE A 1344 -6.90 -31.58 25.01
CA PHE A 1344 -6.60 -30.81 23.81
C PHE A 1344 -6.41 -29.33 24.13
N MET A 1345 -7.38 -28.74 24.82
CA MET A 1345 -7.29 -27.32 25.15
C MET A 1345 -6.18 -27.03 26.14
N GLU A 1346 -5.92 -27.95 27.08
CA GLU A 1346 -4.83 -27.76 28.02
C GLU A 1346 -3.49 -27.72 27.31
N GLU A 1347 -3.26 -28.67 26.40
CA GLU A 1347 -1.99 -28.68 25.67
C GLU A 1347 -1.87 -27.48 24.76
N LEU A 1348 -2.96 -27.06 24.12
CA LEU A 1348 -2.91 -25.89 23.25
C LEU A 1348 -2.60 -24.63 24.06
N SER A 1349 -3.21 -24.48 25.24
CA SER A 1349 -2.98 -23.31 26.06
C SER A 1349 -1.57 -23.28 26.63
N ILE A 1350 -1.06 -24.46 27.05
CA ILE A 1350 0.30 -24.52 27.57
C ILE A 1350 1.31 -24.24 26.46
N GLY A 1351 1.10 -24.81 25.28
CA GLY A 1351 2.07 -24.71 24.22
C GLY A 1351 2.10 -23.36 23.52
N THR A 1352 0.93 -22.79 23.26
CA THR A 1352 0.86 -21.55 22.48
C THR A 1352 0.76 -20.30 23.35
N LEU A 1353 0.17 -20.40 24.54
CA LEU A 1353 -0.01 -19.24 25.39
C LEU A 1353 0.79 -19.28 26.69
N GLY A 1354 1.30 -20.44 27.07
CA GLY A 1354 2.03 -20.58 28.31
C GLY A 1354 1.18 -20.63 29.56
N LEU A 1355 -0.13 -20.41 29.44
CA LEU A 1355 -1.04 -20.48 30.56
C LEU A 1355 -1.71 -21.85 30.61
N THR A 1356 -2.23 -22.20 31.78
CA THR A 1356 -3.07 -23.38 31.87
C THR A 1356 -4.43 -23.09 31.25
N TYR A 1357 -5.18 -24.15 31.00
CA TYR A 1357 -6.49 -23.98 30.38
C TYR A 1357 -7.45 -23.22 31.28
N GLU A 1358 -7.39 -23.46 32.60
CA GLU A 1358 -8.28 -22.74 33.50
C GLU A 1358 -7.92 -21.27 33.61
N LYS A 1359 -6.67 -20.91 33.36
CA LYS A 1359 -6.29 -19.50 33.36
C LYS A 1359 -6.55 -18.86 32.01
N ALA A 1360 -6.24 -19.56 30.91
CA ALA A 1360 -6.45 -19.00 29.58
C ALA A 1360 -7.93 -18.87 29.25
N LYS A 1361 -8.77 -19.73 29.81
CA LYS A 1361 -10.20 -19.72 29.49
C LYS A 1361 -10.88 -18.43 29.94
N LYS A 1362 -10.35 -17.73 30.94
CA LYS A 1362 -10.94 -16.47 31.37
C LYS A 1362 -10.73 -15.36 30.37
N LEU A 1363 -9.91 -15.57 29.34
CA LEU A 1363 -9.71 -14.60 28.28
C LEU A 1363 -10.44 -14.98 26.99
N PHE A 1364 -11.08 -16.14 26.95
CA PHE A 1364 -11.72 -16.62 25.74
C PHE A 1364 -13.06 -15.91 25.56
N PRO A 1365 -13.36 -15.38 24.37
CA PRO A 1365 -14.73 -14.97 24.08
C PRO A 1365 -15.66 -16.18 24.06
N GLN A 1366 -16.76 -16.08 24.79
CA GLN A 1366 -17.75 -17.14 24.83
C GLN A 1366 -18.78 -16.92 23.73
N TYR A 1367 -19.00 -17.94 22.91
CA TYR A 1367 -19.82 -17.81 21.72
C TYR A 1367 -21.25 -18.24 22.03
N LEU A 1368 -22.19 -17.33 21.81
CA LEU A 1368 -23.61 -17.59 22.02
C LEU A 1368 -24.29 -18.18 20.79
N SER A 1369 -23.66 -18.10 19.63
CA SER A 1369 -24.18 -18.73 18.43
C SER A 1369 -23.97 -20.24 18.52
N VAL A 1370 -25.05 -20.99 18.34
CA VAL A 1370 -24.97 -22.44 18.45
C VAL A 1370 -24.31 -23.05 17.21
N ASN A 1371 -24.67 -22.55 16.02
CA ASN A 1371 -24.18 -23.10 14.77
C ASN A 1371 -22.84 -22.46 14.43
N TYR A 1372 -21.75 -23.21 14.63
CA TYR A 1372 -20.45 -22.78 14.13
C TYR A 1372 -20.23 -23.14 12.67
N LEU A 1373 -21.11 -23.94 12.07
CA LEU A 1373 -21.04 -24.18 10.64
C LEU A 1373 -21.49 -22.98 9.84
N HIS A 1374 -22.35 -22.13 10.41
CA HIS A 1374 -22.75 -20.87 9.80
C HIS A 1374 -21.83 -19.73 10.17
N ARG A 1375 -21.49 -19.61 11.45
CA ARG A 1375 -20.96 -18.36 11.99
C ARG A 1375 -19.46 -18.36 12.21
N LEU A 1376 -18.77 -19.49 12.06
CA LEU A 1376 -17.34 -19.50 12.33
C LEU A 1376 -16.60 -18.57 11.39
N THR A 1377 -15.71 -17.76 11.95
CA THR A 1377 -14.93 -16.78 11.20
C THR A 1377 -13.51 -17.33 11.02
N VAL A 1378 -13.19 -17.74 9.80
CA VAL A 1378 -11.88 -18.24 9.46
C VAL A 1378 -11.37 -17.44 8.27
N SER A 1379 -10.05 -17.53 8.04
CA SER A 1379 -9.49 -16.94 6.82
C SER A 1379 -10.00 -17.66 5.58
N SER A 1380 -10.44 -18.90 5.72
CA SER A 1380 -10.92 -19.72 4.61
C SER A 1380 -12.41 -19.55 4.34
N ARG A 1381 -13.05 -18.58 4.99
CA ARG A 1381 -14.47 -18.35 4.80
C ARG A 1381 -14.71 -16.89 4.43
N PRO A 1382 -15.57 -16.61 3.44
CA PRO A 1382 -15.83 -15.22 3.08
C PRO A 1382 -16.59 -14.48 4.16
N CYS A 1383 -16.13 -13.27 4.46
CA CYS A 1383 -16.82 -12.42 5.43
C CYS A 1383 -17.98 -11.66 4.81
N GLU A 1384 -17.83 -11.21 3.57
CA GLU A 1384 -18.87 -10.50 2.86
C GLU A 1384 -19.23 -11.28 1.61
N PHE A 1385 -20.46 -11.07 1.13
CA PHE A 1385 -20.94 -11.69 -0.10
C PHE A 1385 -21.52 -10.60 -0.99
N PRO A 1386 -20.67 -9.86 -1.69
CA PRO A 1386 -21.15 -8.76 -2.53
C PRO A 1386 -21.66 -9.26 -3.88
N ALA A 1387 -22.43 -8.40 -4.52
CA ALA A 1387 -22.89 -8.66 -5.87
C ALA A 1387 -21.85 -8.21 -6.88
N SER A 1388 -21.98 -8.70 -8.11
CA SER A 1388 -21.07 -8.31 -9.19
C SER A 1388 -21.56 -7.03 -9.87
N ILE A 1389 -21.75 -6.00 -9.05
CA ILE A 1389 -22.47 -4.80 -9.46
C ILE A 1389 -21.94 -3.67 -8.59
N PRO A 1390 -21.75 -2.46 -9.13
CA PRO A 1390 -21.24 -1.37 -8.29
C PRO A 1390 -22.19 -1.04 -7.15
N ALA A 1391 -21.63 -0.55 -6.04
CA ALA A 1391 -22.42 -0.31 -4.85
C ALA A 1391 -23.48 0.76 -5.07
N TYR A 1392 -23.20 1.75 -5.92
CA TYR A 1392 -24.20 2.77 -6.22
C TYR A 1392 -25.43 2.17 -6.88
N ARG A 1393 -25.25 1.06 -7.60
CA ARG A 1393 -26.33 0.50 -8.40
C ARG A 1393 -27.29 -0.34 -7.57
N THR A 1394 -26.80 -0.93 -6.47
CA THR A 1394 -27.66 -1.70 -5.58
C THR A 1394 -28.75 -0.85 -4.96
N THR A 1395 -28.58 0.47 -4.94
CA THR A 1395 -29.53 1.40 -4.36
C THR A 1395 -30.81 1.54 -5.16
N ASN A 1396 -30.85 1.01 -6.38
CA ASN A 1396 -32.02 1.12 -7.22
C ASN A 1396 -33.06 0.05 -6.95
N TYR A 1397 -32.71 -0.98 -6.19
CA TYR A 1397 -33.55 -2.16 -6.07
C TYR A 1397 -33.87 -2.46 -4.61
N HIS A 1398 -35.05 -3.04 -4.41
CA HIS A 1398 -35.52 -3.45 -3.10
C HIS A 1398 -35.79 -4.95 -3.15
N PHE A 1399 -35.29 -5.68 -2.15
CA PHE A 1399 -35.48 -7.12 -2.09
C PHE A 1399 -36.42 -7.50 -0.95
N ASP A 1400 -37.12 -8.61 -1.13
CA ASP A 1400 -38.10 -9.10 -0.17
C ASP A 1400 -37.94 -10.61 -0.04
N THR A 1401 -37.35 -11.07 1.07
CA THR A 1401 -37.15 -12.50 1.32
C THR A 1401 -38.21 -13.07 2.25
N SER A 1402 -39.39 -12.46 2.28
CA SER A 1402 -40.49 -12.94 3.12
C SER A 1402 -41.19 -14.15 2.54
N PRO A 1403 -41.52 -14.19 1.24
CA PRO A 1403 -42.23 -15.38 0.72
C PRO A 1403 -41.38 -16.63 0.69
N ILE A 1404 -40.05 -16.50 0.64
CA ILE A 1404 -39.21 -17.68 0.68
C ILE A 1404 -39.03 -18.17 2.11
N ASN A 1405 -39.19 -17.28 3.10
CA ASN A 1405 -39.01 -17.66 4.49
C ASN A 1405 -40.08 -18.64 4.94
N ARG A 1406 -41.34 -18.42 4.52
CA ARG A 1406 -42.40 -19.32 4.92
C ARG A 1406 -42.21 -20.71 4.31
N ILE A 1407 -41.74 -20.77 3.07
CA ILE A 1407 -41.46 -22.06 2.44
C ILE A 1407 -40.32 -22.77 3.15
N LEU A 1408 -39.25 -22.02 3.44
CA LEU A 1408 -38.09 -22.63 4.08
C LEU A 1408 -38.40 -23.09 5.49
N THR A 1409 -39.29 -22.40 6.20
CA THR A 1409 -39.66 -22.82 7.55
C THR A 1409 -40.75 -23.88 7.57
N GLU A 1410 -41.56 -24.01 6.53
CA GLU A 1410 -42.46 -25.13 6.48
C GLU A 1410 -41.77 -26.40 6.00
N LYS A 1411 -40.62 -26.28 5.35
CA LYS A 1411 -39.86 -27.48 5.01
C LYS A 1411 -38.83 -27.86 6.06
N TYR A 1412 -38.11 -26.88 6.62
CA TYR A 1412 -37.02 -27.11 7.56
C TYR A 1412 -37.28 -26.36 8.85
N GLY A 1413 -38.43 -26.58 9.46
CA GLY A 1413 -38.84 -25.81 10.62
C GLY A 1413 -37.82 -25.70 11.73
N ASP A 1414 -37.29 -24.50 11.93
CA ASP A 1414 -36.34 -24.20 13.01
C ASP A 1414 -35.07 -25.04 12.91
N GLU A 1415 -34.68 -25.41 11.69
CA GLU A 1415 -33.45 -26.14 11.45
C GLU A 1415 -32.60 -25.37 10.46
N ASP A 1416 -31.29 -25.32 10.72
CA ASP A 1416 -30.39 -24.54 9.89
C ASP A 1416 -30.09 -25.25 8.59
N ILE A 1417 -29.99 -24.48 7.51
CA ILE A 1417 -29.74 -24.98 6.16
C ILE A 1417 -28.54 -24.24 5.59
N ASP A 1418 -27.97 -24.81 4.53
CA ASP A 1418 -26.67 -24.37 4.03
C ASP A 1418 -26.75 -23.35 2.89
N ILE A 1419 -27.93 -22.79 2.63
CA ILE A 1419 -28.09 -21.80 1.56
C ILE A 1419 -27.75 -20.42 2.12
N VAL A 1420 -26.90 -19.70 1.41
CA VAL A 1420 -26.45 -18.39 1.86
C VAL A 1420 -27.46 -17.33 1.45
N PHE A 1421 -27.83 -16.46 2.40
CA PHE A 1421 -28.83 -15.43 2.16
C PHE A 1421 -28.25 -14.25 1.39
N GLN A 1422 -27.06 -13.79 1.80
CA GLN A 1422 -26.45 -12.64 1.17
C GLN A 1422 -26.17 -12.90 -0.31
N ASN A 1423 -25.73 -14.11 -0.65
CA ASN A 1423 -25.53 -14.44 -2.05
C ASN A 1423 -26.85 -14.54 -2.79
N CYS A 1424 -27.93 -14.89 -2.10
CA CYS A 1424 -29.24 -14.94 -2.74
C CYS A 1424 -29.73 -13.55 -3.11
N ILE A 1425 -29.38 -12.53 -2.33
CA ILE A 1425 -29.75 -11.17 -2.74
C ILE A 1425 -28.76 -10.60 -3.75
N SER A 1426 -27.48 -10.94 -3.61
CA SER A 1426 -26.49 -10.53 -4.61
C SER A 1426 -26.86 -11.04 -5.99
N PHE A 1427 -27.31 -12.29 -6.07
CA PHE A 1427 -27.76 -12.86 -7.34
C PHE A 1427 -28.88 -12.03 -7.95
N GLY A 1428 -29.87 -11.66 -7.14
CA GLY A 1428 -31.01 -10.92 -7.67
C GLY A 1428 -30.64 -9.52 -8.13
N LEU A 1429 -29.77 -8.84 -7.40
CA LEU A 1429 -29.35 -7.51 -7.81
C LEU A 1429 -28.54 -7.55 -9.11
N SER A 1430 -27.49 -8.38 -9.13
CA SER A 1430 -26.73 -8.53 -10.37
C SER A 1430 -27.60 -9.03 -11.51
N LEU A 1431 -28.66 -9.76 -11.20
CA LEU A 1431 -29.55 -10.28 -12.22
C LEU A 1431 -30.37 -9.17 -12.84
N MET A 1432 -30.91 -8.28 -12.00
CA MET A 1432 -31.56 -7.08 -12.51
C MET A 1432 -30.62 -6.31 -13.43
N SER A 1433 -29.37 -6.15 -13.01
CA SER A 1433 -28.40 -5.42 -13.83
C SER A 1433 -28.15 -6.11 -15.16
N VAL A 1434 -27.96 -7.43 -15.15
CA VAL A 1434 -27.63 -8.16 -16.37
C VAL A 1434 -28.82 -8.21 -17.32
N VAL A 1435 -30.04 -8.33 -16.78
CA VAL A 1435 -31.22 -8.32 -17.63
C VAL A 1435 -31.39 -6.95 -18.28
N GLU A 1436 -31.08 -5.87 -17.55
CA GLU A 1436 -31.08 -4.56 -18.19
C GLU A 1436 -30.03 -4.49 -19.29
N GLN A 1437 -28.83 -5.04 -19.05
CA GLN A 1437 -27.79 -5.04 -20.07
C GLN A 1437 -28.26 -5.75 -21.35
N PHE A 1438 -28.89 -6.90 -21.20
CA PHE A 1438 -29.20 -7.73 -22.36
C PHE A 1438 -30.52 -7.39 -23.03
N THR A 1439 -31.44 -6.71 -22.34
CA THR A 1439 -32.74 -6.41 -22.91
C THR A 1439 -33.00 -4.92 -23.14
N ASN A 1440 -32.08 -4.05 -22.76
CA ASN A 1440 -32.21 -2.60 -22.85
C ASN A 1440 -33.35 -2.07 -22.00
N VAL A 1441 -33.91 -2.86 -21.10
CA VAL A 1441 -34.94 -2.40 -20.18
C VAL A 1441 -34.78 -3.16 -18.87
N CYS A 1442 -34.75 -2.43 -17.77
CA CYS A 1442 -34.67 -3.06 -16.46
C CYS A 1442 -36.04 -3.62 -16.09
N PRO A 1443 -36.11 -4.87 -15.64
CA PRO A 1443 -37.41 -5.45 -15.28
C PRO A 1443 -37.95 -4.83 -14.00
N ASN A 1444 -39.28 -4.76 -13.91
CA ASN A 1444 -39.91 -4.15 -12.74
C ASN A 1444 -39.69 -5.00 -11.50
N ARG A 1445 -39.76 -6.32 -11.64
CA ARG A 1445 -39.50 -7.21 -10.54
C ARG A 1445 -38.88 -8.50 -11.06
N ILE A 1446 -38.07 -9.13 -10.22
CA ILE A 1446 -37.48 -10.44 -10.49
C ILE A 1446 -37.75 -11.32 -9.28
N ILE A 1447 -38.23 -12.54 -9.52
CA ILE A 1447 -38.62 -13.47 -8.47
C ILE A 1447 -37.74 -14.70 -8.56
N LEU A 1448 -36.97 -14.95 -7.50
CA LEU A 1448 -36.05 -16.08 -7.44
C LEU A 1448 -36.72 -17.21 -6.64
N ILE A 1449 -37.01 -18.31 -7.32
CA ILE A 1449 -37.69 -19.46 -6.72
C ILE A 1449 -36.65 -20.56 -6.52
N PRO A 1450 -36.43 -21.03 -5.30
CA PRO A 1450 -35.35 -21.98 -5.05
C PRO A 1450 -35.73 -23.42 -5.36
N LYS A 1451 -34.72 -24.17 -5.80
CA LYS A 1451 -34.83 -25.62 -5.93
C LYS A 1451 -34.58 -26.22 -4.55
N LEU A 1452 -35.62 -26.80 -3.94
CA LEU A 1452 -35.50 -27.26 -2.57
C LEU A 1452 -34.66 -28.52 -2.45
N ASN A 1453 -34.50 -29.28 -3.54
CA ASN A 1453 -33.65 -30.47 -3.49
C ASN A 1453 -32.18 -30.13 -3.52
N GLU A 1454 -31.82 -28.87 -3.75
CA GLU A 1454 -30.45 -28.42 -3.67
C GLU A 1454 -30.07 -27.90 -2.29
N ILE A 1455 -31.05 -27.69 -1.42
CA ILE A 1455 -30.83 -27.17 -0.08
C ILE A 1455 -30.89 -28.32 0.91
N HIS A 1456 -29.90 -28.38 1.79
CA HIS A 1456 -29.81 -29.43 2.79
C HIS A 1456 -29.60 -28.81 4.16
N LEU A 1457 -29.75 -29.62 5.20
CA LEU A 1457 -29.55 -29.15 6.56
C LEU A 1457 -28.06 -28.94 6.81
N MET A 1458 -27.74 -27.91 7.60
CA MET A 1458 -26.38 -27.69 8.09
C MET A 1458 -26.47 -27.49 9.60
N LYS A 1459 -26.47 -28.61 10.33
CA LYS A 1459 -26.54 -28.61 11.78
C LYS A 1459 -25.17 -28.98 12.34
N PRO A 1460 -24.70 -28.28 13.37
CA PRO A 1460 -23.37 -28.56 13.91
C PRO A 1460 -23.30 -29.96 14.49
N PRO A 1461 -22.28 -30.73 14.13
CA PRO A 1461 -22.24 -32.15 14.50
C PRO A 1461 -21.77 -32.34 15.94
N ILE A 1462 -21.84 -33.60 16.36
CA ILE A 1462 -21.28 -34.04 17.63
C ILE A 1462 -20.01 -34.82 17.30
N PHE A 1463 -18.85 -34.21 17.51
CA PHE A 1463 -17.59 -34.79 17.09
C PHE A 1463 -17.20 -35.94 18.01
N THR A 1464 -16.78 -37.06 17.41
CA THR A 1464 -16.34 -38.22 18.16
C THR A 1464 -14.88 -38.52 17.84
N GLY A 1465 -14.17 -39.04 18.83
CA GLY A 1465 -12.77 -39.37 18.69
C GLY A 1465 -11.89 -38.48 19.55
N ASP A 1466 -10.65 -38.93 19.73
CA ASP A 1466 -9.67 -38.24 20.54
C ASP A 1466 -8.63 -37.57 19.65
N VAL A 1467 -8.26 -36.34 20.00
CA VAL A 1467 -7.15 -35.68 19.34
C VAL A 1467 -5.85 -36.36 19.76
N ASP A 1468 -4.96 -36.57 18.80
CA ASP A 1468 -3.63 -37.11 19.09
C ASP A 1468 -2.86 -36.05 19.85
N ILE A 1469 -2.78 -36.18 21.17
CA ILE A 1469 -2.12 -35.18 21.99
C ILE A 1469 -0.61 -35.26 21.84
N HIS A 1470 -0.07 -36.48 21.69
CA HIS A 1470 1.37 -36.63 21.48
C HIS A 1470 1.79 -35.95 20.19
N LYS A 1471 1.03 -36.15 19.11
CA LYS A 1471 1.34 -35.50 17.84
C LYS A 1471 1.16 -33.99 17.92
N LEU A 1472 0.15 -33.54 18.68
CA LEU A 1472 -0.04 -32.10 18.86
C LEU A 1472 1.16 -31.46 19.53
N LYS A 1473 1.61 -32.04 20.65
CA LYS A 1473 2.74 -31.44 21.36
C LYS A 1473 4.04 -31.63 20.60
N GLN A 1474 4.14 -32.68 19.76
CA GLN A 1474 5.34 -32.80 18.92
C GLN A 1474 5.34 -31.77 17.80
N VAL A 1475 4.18 -31.40 17.27
CA VAL A 1475 4.11 -30.29 16.33
C VAL A 1475 4.53 -29.00 17.02
N ILE A 1476 4.03 -28.78 18.23
CA ILE A 1476 4.38 -27.56 18.96
C ILE A 1476 5.87 -27.51 19.27
N GLN A 1477 6.46 -28.67 19.57
CA GLN A 1477 7.85 -28.75 19.98
C GLN A 1477 8.82 -28.72 18.80
N LYS A 1478 8.40 -29.23 17.64
CA LYS A 1478 9.28 -29.21 16.47
C LYS A 1478 9.37 -27.81 15.88
N GLN A 1479 8.25 -27.12 15.77
CA GLN A 1479 8.20 -25.78 15.20
C GLN A 1479 8.14 -24.69 16.28
N HIS A 1480 8.79 -24.93 17.42
CA HIS A 1480 8.74 -24.00 18.54
C HIS A 1480 9.35 -22.65 18.20
N MET A 1481 10.23 -22.58 17.21
CA MET A 1481 10.89 -21.33 16.85
C MET A 1481 9.94 -20.31 16.26
N PHE A 1482 8.68 -20.68 16.02
CA PHE A 1482 7.67 -19.77 15.48
C PHE A 1482 6.51 -19.57 16.45
N LEU A 1483 6.61 -20.08 17.67
CA LEU A 1483 5.58 -19.87 18.65
C LEU A 1483 5.54 -18.39 19.04
N PRO A 1484 4.34 -17.86 19.33
CA PRO A 1484 4.26 -16.46 19.74
C PRO A 1484 4.82 -16.23 21.13
N ASP A 1485 4.79 -14.99 21.60
CA ASP A 1485 5.18 -14.72 22.98
C ASP A 1485 4.19 -15.36 23.94
N LYS A 1486 4.70 -15.88 25.04
CA LYS A 1486 3.86 -16.49 26.05
C LYS A 1486 3.39 -15.45 27.06
N ILE A 1487 2.14 -15.58 27.48
CA ILE A 1487 1.57 -14.67 28.47
C ILE A 1487 2.25 -14.96 29.80
N SER A 1488 3.04 -14.01 30.28
CA SER A 1488 3.85 -14.22 31.47
C SER A 1488 2.99 -14.19 32.72
N LEU A 1489 3.62 -14.47 33.86
CA LEU A 1489 2.97 -14.25 35.14
C LEU A 1489 2.85 -12.75 35.42
N THR A 1490 3.93 -12.01 35.20
CA THR A 1490 3.89 -10.56 35.27
C THR A 1490 2.86 -9.97 34.31
N GLN A 1491 2.64 -10.60 33.16
CA GLN A 1491 1.65 -10.13 32.21
C GLN A 1491 0.24 -10.61 32.56
N TYR A 1492 0.11 -11.74 33.26
CA TYR A 1492 -1.20 -12.23 33.62
C TYR A 1492 -1.75 -11.57 34.88
N VAL A 1493 -0.87 -11.06 35.74
CA VAL A 1493 -1.37 -10.36 36.92
C VAL A 1493 -1.90 -8.98 36.54
N GLU A 1494 -1.34 -8.37 35.50
CA GLU A 1494 -1.81 -7.07 35.01
C GLU A 1494 -3.08 -7.16 34.20
N LEU A 1495 -3.61 -8.37 33.96
CA LEU A 1495 -4.75 -8.52 33.07
C LEU A 1495 -6.06 -8.17 33.75
N PHE A 1496 -6.18 -8.40 35.05
CA PHE A 1496 -7.45 -8.23 35.76
C PHE A 1496 -7.37 -7.18 36.86
N LEU A 1497 -6.41 -6.27 36.78
CA LEU A 1497 -6.30 -5.20 37.75
C LEU A 1497 -7.33 -4.11 37.47
N ASN B 128 -7.07 43.38 55.72
CA ASN B 128 -5.81 42.93 55.14
C ASN B 128 -5.76 43.26 53.65
N ASP B 129 -4.89 44.20 53.28
CA ASP B 129 -4.63 44.55 51.89
C ASP B 129 -3.31 43.98 51.40
N ASN B 130 -2.77 42.97 52.08
CA ASN B 130 -1.47 42.40 51.75
C ASN B 130 -1.59 41.19 50.82
N ILE B 131 -2.54 40.29 51.09
CA ILE B 131 -2.73 39.12 50.25
C ILE B 131 -3.04 39.52 48.81
N THR B 132 -3.80 40.61 48.64
CA THR B 132 -4.09 41.09 47.30
C THR B 132 -2.83 41.60 46.61
N ALA B 133 -1.95 42.29 47.35
CA ALA B 133 -0.69 42.73 46.74
C ALA B 133 0.20 41.56 46.37
N ARG B 134 0.27 40.55 47.23
CA ARG B 134 1.05 39.36 46.92
C ARG B 134 0.52 38.68 45.66
N LEU B 135 -0.79 38.47 45.59
CA LEU B 135 -1.38 37.82 44.42
C LEU B 135 -1.22 38.68 43.18
N ASP B 136 -1.26 40.01 43.32
CA ASP B 136 -1.07 40.89 42.17
C ASP B 136 0.34 40.79 41.62
N ARG B 137 1.35 40.80 42.50
CA ARG B 137 2.72 40.60 42.05
C ARG B 137 2.90 39.22 41.41
N ILE B 138 2.29 38.20 42.00
CA ILE B 138 2.39 36.85 41.46
C ILE B 138 1.80 36.79 40.06
N ASP B 139 0.64 37.42 39.86
CA ASP B 139 0.00 37.40 38.54
C ASP B 139 0.76 38.25 37.53
N GLU B 140 1.40 39.33 38.00
CA GLU B 140 2.27 40.10 37.13
C GLU B 140 3.42 39.25 36.61
N LYS B 141 4.09 38.53 37.52
CA LYS B 141 5.21 37.70 37.09
C LYS B 141 4.74 36.53 36.23
N LEU B 142 3.54 36.01 36.49
CA LEU B 142 3.01 34.94 35.66
C LEU B 142 2.71 35.41 34.24
N SER B 143 2.10 36.58 34.10
CA SER B 143 1.88 37.15 32.79
C SER B 143 3.20 37.44 32.09
N GLU B 144 4.20 37.90 32.84
CA GLU B 144 5.50 38.18 32.24
C GLU B 144 6.19 36.90 31.77
N ILE B 145 6.01 35.79 32.49
CA ILE B 145 6.59 34.52 32.06
C ILE B 145 5.86 33.98 30.84
N LEU B 146 4.53 34.06 30.84
CA LEU B 146 3.78 33.54 29.71
C LEU B 146 3.98 34.37 28.45
N GLY B 147 4.21 35.68 28.59
CA GLY B 147 4.52 36.49 27.43
C GLY B 147 5.82 36.07 26.77
N MET B 148 6.85 35.90 27.59
CA MET B 148 8.14 35.42 27.07
C MET B 148 8.02 34.03 26.48
N LEU B 149 7.12 33.20 27.03
CA LEU B 149 6.93 31.86 26.47
C LEU B 149 6.18 31.89 25.15
N HIS B 150 5.29 32.85 24.96
CA HIS B 150 4.49 32.92 23.74
C HIS B 150 5.14 33.75 22.64
N THR B 151 6.15 34.56 22.95
CA THR B 151 6.96 35.21 21.93
C THR B 151 8.26 34.47 21.66
N LEU B 152 8.28 33.16 21.85
CA LEU B 152 9.49 32.35 21.82
C LEU B 152 9.46 31.46 20.59
N VAL B 153 10.49 31.57 19.74
CA VAL B 153 10.55 30.88 18.47
C VAL B 153 11.62 29.80 18.53
N VAL B 154 11.30 28.61 18.04
CA VAL B 154 12.23 27.48 17.98
C VAL B 154 12.74 27.35 16.55
N ALA B 155 14.06 27.37 16.38
CA ALA B 155 14.70 27.08 15.12
C ALA B 155 15.14 25.62 15.13
N SER B 156 14.70 24.85 14.13
CA SER B 156 14.96 23.42 14.12
C SER B 156 16.46 23.15 14.02
N ALA B 157 16.88 22.03 14.59
CA ALA B 157 18.26 21.60 14.47
C ALA B 157 18.56 21.22 13.03
N GLY B 158 19.76 21.55 12.57
CA GLY B 158 20.14 21.28 11.20
C GLY B 158 21.61 21.47 10.96
N PRO B 159 22.02 21.45 9.69
CA PRO B 159 23.45 21.60 9.37
C PRO B 159 23.97 22.96 9.82
N THR B 160 25.27 23.02 10.05
CA THR B 160 25.92 24.28 10.37
C THR B 160 26.18 25.07 9.09
N SER B 161 26.80 26.24 9.24
CA SER B 161 27.14 27.03 8.06
C SER B 161 28.20 26.34 7.22
N ALA B 162 29.18 25.70 7.85
CA ALA B 162 30.27 25.04 7.17
C ALA B 162 29.96 23.60 6.77
N ARG B 163 28.72 23.16 6.97
CA ARG B 163 28.30 21.80 6.60
C ARG B 163 29.20 20.74 7.23
N ASP B 164 29.65 21.01 8.45
CA ASP B 164 30.53 20.09 9.17
C ASP B 164 29.84 19.33 10.28
N GLY B 165 28.60 19.67 10.60
CA GLY B 165 27.89 19.00 11.66
C GLY B 165 26.51 19.59 11.83
N ILE B 166 25.85 19.16 12.90
CA ILE B 166 24.51 19.63 13.23
C ILE B 166 24.60 20.54 14.45
N ARG B 167 23.83 21.63 14.42
CA ARG B 167 23.72 22.53 15.55
C ARG B 167 22.43 22.25 16.30
N ASP B 168 22.47 22.48 17.62
CA ASP B 168 21.30 22.25 18.46
C ASP B 168 20.11 23.08 17.96
N ALA B 169 18.92 22.66 18.36
CA ALA B 169 17.75 23.48 18.13
C ALA B 169 17.88 24.79 18.90
N MET B 170 17.72 25.90 18.23
CA MET B 170 17.92 27.22 18.88
C MET B 170 16.56 27.74 19.29
N VAL B 171 16.47 28.31 20.49
CA VAL B 171 15.21 28.86 21.03
C VAL B 171 15.53 30.29 21.46
N GLY B 172 15.14 31.27 20.70
CA GLY B 172 15.22 32.63 21.19
C GLY B 172 13.93 33.36 21.04
N LEU B 173 13.92 34.63 21.42
CA LEU B 173 12.73 35.46 21.30
C LEU B 173 12.41 35.72 19.83
N ARG B 174 11.18 36.17 19.58
CA ARG B 174 10.70 36.30 18.21
C ARG B 174 11.47 37.36 17.44
N GLU B 175 11.75 38.49 18.07
CA GLU B 175 12.48 39.56 17.38
C GLU B 175 13.94 39.19 17.16
N GLU B 176 14.59 38.61 18.19
CA GLU B 176 15.97 38.19 18.06
C GLU B 176 16.15 37.05 17.05
N MET B 177 15.07 36.36 16.69
CA MET B 177 15.10 35.31 15.68
C MET B 177 14.77 35.84 14.29
N ILE B 178 13.84 36.79 14.20
CA ILE B 178 13.61 37.48 12.93
C ILE B 178 14.86 38.22 12.52
N GLU B 179 15.65 38.72 13.47
CA GLU B 179 16.91 39.36 13.13
C GLU B 179 17.94 38.36 12.61
N LYS B 180 17.93 37.14 13.15
CA LYS B 180 18.86 36.12 12.66
C LYS B 180 18.46 35.59 11.29
N ILE B 181 17.16 35.55 11.01
CA ILE B 181 16.71 35.22 9.66
C ILE B 181 17.05 36.35 8.69
N ARG B 182 16.96 37.59 9.16
CA ARG B 182 17.25 38.74 8.32
C ARG B 182 18.74 38.85 8.02
N THR B 183 19.58 38.73 9.05
CA THR B 183 21.02 38.93 8.91
C THR B 183 21.76 37.68 8.43
N GLU B 184 21.05 36.72 7.82
CA GLU B 184 21.68 35.51 7.29
C GLU B 184 22.42 34.73 8.38
N ALA B 185 21.94 34.83 9.63
CA ALA B 185 22.54 34.05 10.70
C ALA B 185 22.07 32.62 10.68
N LEU B 186 20.81 32.38 10.32
CA LEU B 186 20.26 31.05 10.12
C LEU B 186 19.86 30.93 8.66
N MET B 187 20.50 30.01 7.94
CA MET B 187 20.28 29.88 6.50
C MET B 187 18.93 29.25 6.24
N THR B 188 17.98 30.05 5.76
CA THR B 188 16.67 29.57 5.37
C THR B 188 16.45 29.82 3.88
N ASN B 189 15.56 29.02 3.29
CA ASN B 189 15.27 29.16 1.87
C ASN B 189 14.61 30.50 1.57
N ASP B 190 13.49 30.78 2.21
CA ASP B 190 12.70 31.99 1.96
C ASP B 190 12.79 32.87 3.19
N ARG B 191 13.67 33.87 3.15
CA ARG B 191 13.88 34.74 4.30
C ARG B 191 12.64 35.59 4.58
N LEU B 192 12.12 36.24 3.54
CA LEU B 192 11.08 37.25 3.76
C LEU B 192 9.76 36.60 4.17
N GLU B 193 9.47 35.42 3.64
CA GLU B 193 8.20 34.77 3.98
C GLU B 193 8.23 34.15 5.37
N ALA B 194 9.38 33.63 5.78
CA ALA B 194 9.55 33.19 7.16
C ALA B 194 9.44 34.37 8.11
N MET B 195 10.11 35.48 7.78
CA MET B 195 10.05 36.68 8.62
C MET B 195 8.64 37.24 8.68
N ALA B 196 7.87 37.09 7.60
CA ALA B 196 6.47 37.53 7.61
C ALA B 196 5.62 36.62 8.49
N ARG B 197 5.81 35.31 8.38
CA ARG B 197 5.04 34.38 9.20
C ARG B 197 5.35 34.57 10.68
N LEU B 198 6.62 34.81 11.02
CA LEU B 198 6.97 35.06 12.41
C LEU B 198 6.37 36.37 12.89
N ARG B 199 6.33 37.39 12.03
CA ARG B 199 5.73 38.67 12.36
C ARG B 199 4.21 38.64 12.32
N ASN B 200 3.61 37.47 12.05
CA ASN B 200 2.16 37.31 12.00
C ASN B 200 1.53 38.25 10.97
N GLU B 201 2.20 38.41 9.84
CA GLU B 201 1.69 39.17 8.72
C GLU B 201 1.62 38.29 7.48
N GLU B 202 0.65 38.58 6.62
CA GLU B 202 0.41 37.78 5.42
C GLU B 202 1.21 38.36 4.27
N SER B 203 2.21 37.62 3.80
CA SER B 203 2.95 38.04 2.62
C SER B 203 2.09 37.85 1.37
N GLU B 204 2.52 38.48 0.27
CA GLU B 204 1.70 38.46 -0.93
C GLU B 204 1.72 37.12 -1.65
N LYS B 205 2.71 36.27 -1.38
CA LYS B 205 2.69 34.94 -1.98
C LYS B 205 1.54 34.10 -1.43
N MET B 206 1.33 34.12 -0.12
CA MET B 206 0.18 33.42 0.42
C MET B 206 -1.10 34.21 0.25
N ALA B 207 -1.01 35.52 0.01
CA ALA B 207 -2.17 36.30 -0.39
C ALA B 207 -2.58 36.03 -1.82
N LYS B 208 -1.71 35.42 -2.62
CA LYS B 208 -2.04 35.00 -3.98
C LYS B 208 -2.32 33.49 -4.06
N ASP B 209 -1.79 32.70 -3.13
CA ASP B 209 -2.07 31.27 -3.06
C ASP B 209 -3.47 30.97 -2.55
N THR B 210 -4.03 31.84 -1.71
CA THR B 210 -5.35 31.64 -1.13
C THR B 210 -6.30 32.76 -1.55
N SER B 211 -6.02 33.40 -2.68
CA SER B 211 -6.79 34.54 -3.12
C SER B 211 -8.12 34.12 -3.72
N ASP B 212 -9.05 35.07 -3.77
CA ASP B 212 -10.36 34.80 -4.35
C ASP B 212 -10.25 34.47 -5.83
N GLU B 213 -9.52 35.29 -6.59
CA GLU B 213 -9.30 35.05 -8.01
C GLU B 213 -7.89 34.54 -8.24
N VAL B 214 -7.76 33.58 -9.15
CA VAL B 214 -6.47 33.07 -9.58
C VAL B 214 -6.16 33.71 -10.92
N SER B 215 -5.10 34.53 -10.96
CA SER B 215 -4.74 35.23 -12.19
C SER B 215 -3.87 34.33 -13.07
N LEU B 216 -4.08 34.44 -14.38
CA LEU B 216 -3.36 33.63 -15.35
C LEU B 216 -2.01 34.26 -15.65
N ASN B 217 -1.00 33.42 -15.83
CA ASN B 217 0.30 33.86 -16.30
C ASN B 217 0.19 34.28 -17.76
N PRO B 218 1.17 35.02 -18.28
CA PRO B 218 1.15 35.33 -19.72
C PRO B 218 1.14 34.08 -20.58
N THR B 219 1.90 33.05 -20.21
CA THR B 219 1.86 31.79 -20.95
C THR B 219 0.48 31.14 -20.85
N SER B 220 -0.11 31.12 -19.66
CA SER B 220 -1.44 30.54 -19.52
C SER B 220 -2.51 31.46 -20.10
N GLU B 221 -2.24 32.76 -20.17
CA GLU B 221 -3.15 33.65 -20.90
C GLU B 221 -3.17 33.31 -22.38
N LYS B 222 -1.99 33.11 -22.97
CA LYS B 222 -1.93 32.74 -24.38
C LYS B 222 -2.54 31.36 -24.62
N LEU B 223 -2.30 30.41 -23.71
CA LEU B 223 -2.89 29.08 -23.85
C LEU B 223 -4.40 29.14 -23.72
N ASN B 224 -4.92 29.97 -22.81
CA ASN B 224 -6.37 30.12 -22.68
C ASN B 224 -6.97 30.76 -23.92
N ASN B 225 -6.30 31.77 -24.47
CA ASN B 225 -6.78 32.38 -25.72
C ASN B 225 -6.78 31.37 -26.85
N LEU B 226 -5.79 30.47 -26.87
CA LEU B 226 -5.77 29.43 -27.89
C LEU B 226 -6.90 28.43 -27.70
N LEU B 227 -7.15 28.02 -26.45
CA LEU B 227 -8.16 27.00 -26.19
C LEU B 227 -9.57 27.54 -26.40
N GLU B 228 -9.87 28.71 -25.85
CA GLU B 228 -11.21 29.26 -25.95
C GLU B 228 -11.52 29.65 -27.40
N GLY B 229 -12.70 29.26 -27.86
CA GLY B 229 -13.11 29.60 -29.21
C GLY B 229 -12.65 28.58 -30.23
N ASN B 230 -13.58 27.99 -30.96
CA ASN B 230 -13.24 27.04 -32.03
C ASN B 230 -12.90 27.83 -33.29
N ASP B 231 -11.95 28.75 -33.13
CA ASP B 231 -11.52 29.62 -34.21
C ASP B 231 -10.45 29.02 -35.10
N SER B 232 -9.92 27.85 -34.73
CA SER B 232 -8.98 27.08 -35.54
C SER B 232 -7.73 27.89 -35.93
N ASP B 233 -7.44 28.97 -35.20
CA ASP B 233 -6.28 29.79 -35.52
C ASP B 233 -4.97 29.20 -35.00
N ASN B 234 -4.99 27.96 -34.51
CA ASN B 234 -3.79 27.27 -34.08
C ASN B 234 -2.79 27.18 -35.24
N ASP B 235 -3.16 26.46 -36.30
CA ASP B 235 -2.43 26.45 -37.56
C ASP B 235 -0.97 25.99 -37.36
N LEU B 236 -0.85 24.73 -36.95
CA LEU B 236 0.44 24.06 -36.82
C LEU B 236 0.38 22.73 -37.56
N SER B 237 1.25 22.56 -38.55
CA SER B 237 1.31 21.34 -39.35
C SER B 237 2.31 20.38 -38.73
N LEU B 238 1.83 19.21 -38.33
CA LEU B 238 2.67 18.22 -37.65
C LEU B 238 3.58 17.44 -38.59
N GLU B 239 3.41 17.58 -39.91
CA GLU B 239 4.21 16.79 -40.83
C GLU B 239 5.63 17.33 -41.01
N ASP B 240 5.85 18.60 -40.69
CA ASP B 240 7.19 19.16 -40.73
C ASP B 240 8.03 18.77 -39.52
N PHE B 241 7.43 18.08 -38.55
CA PHE B 241 8.14 17.69 -37.33
C PHE B 241 9.29 16.73 -37.63
N ASN C 130 -12.85 34.37 46.96
CA ASN C 130 -12.15 35.11 45.91
C ASN C 130 -10.69 34.68 45.81
N ILE C 131 -10.05 34.48 46.96
CA ILE C 131 -8.65 34.08 46.98
C ILE C 131 -8.48 32.72 46.31
N THR C 132 -9.48 31.84 46.46
CA THR C 132 -9.44 30.56 45.78
C THR C 132 -9.49 30.73 44.26
N ALA C 133 -10.24 31.72 43.77
CA ALA C 133 -10.26 31.98 42.34
C ALA C 133 -8.92 32.49 41.85
N ARG C 134 -8.27 33.36 42.63
CA ARG C 134 -6.94 33.82 42.28
C ARG C 134 -5.96 32.65 42.23
N LEU C 135 -6.04 31.75 43.21
CA LEU C 135 -5.14 30.60 43.23
C LEU C 135 -5.42 29.66 42.06
N ASP C 136 -6.69 29.49 41.68
CA ASP C 136 -7.01 28.66 40.54
C ASP C 136 -6.56 29.25 39.22
N ARG C 137 -6.64 30.58 39.07
CA ARG C 137 -6.08 31.22 37.89
C ARG C 137 -4.56 31.09 37.84
N ILE C 138 -3.91 31.24 39.00
CA ILE C 138 -2.47 31.02 39.08
C ILE C 138 -2.14 29.59 38.67
N ASP C 139 -2.95 28.62 39.10
CA ASP C 139 -2.71 27.23 38.77
C ASP C 139 -2.89 26.98 37.28
N GLU C 140 -3.89 27.63 36.66
CA GLU C 140 -4.08 27.50 35.22
C GLU C 140 -2.87 28.05 34.46
N LYS C 141 -2.39 29.24 34.87
CA LYS C 141 -1.21 29.81 34.22
C LYS C 141 0.01 28.93 34.41
N LEU C 142 0.15 28.32 35.59
CA LEU C 142 1.27 27.42 35.83
C LEU C 142 1.18 26.17 34.97
N SER C 143 -0.04 25.67 34.76
CA SER C 143 -0.22 24.51 33.89
C SER C 143 0.14 24.85 32.44
N GLU C 144 -0.22 26.06 32.00
CA GLU C 144 0.17 26.48 30.65
C GLU C 144 1.69 26.60 30.52
N ILE C 145 2.34 27.17 31.54
CA ILE C 145 3.80 27.26 31.54
C ILE C 145 4.42 25.87 31.51
N LEU C 146 3.84 24.93 32.26
CA LEU C 146 4.33 23.55 32.26
C LEU C 146 4.21 22.92 30.89
N GLY C 147 3.08 23.11 30.22
CA GLY C 147 2.93 22.57 28.88
C GLY C 147 3.93 23.14 27.90
N MET C 148 4.12 24.46 27.93
CA MET C 148 5.09 25.10 27.04
C MET C 148 6.50 24.59 27.30
N LEU C 149 6.92 24.59 28.57
CA LEU C 149 8.28 24.20 28.90
C LEU C 149 8.52 22.71 28.64
N HIS C 150 7.50 21.86 28.78
CA HIS C 150 7.69 20.46 28.49
C HIS C 150 7.79 20.22 26.99
N THR C 151 6.98 20.91 26.20
CA THR C 151 7.15 20.83 24.76
C THR C 151 8.54 21.29 24.34
N LEU C 152 9.07 22.33 25.03
CA LEU C 152 10.42 22.78 24.74
C LEU C 152 11.45 21.72 25.12
N VAL C 153 11.28 21.07 26.27
CA VAL C 153 12.19 20.02 26.69
C VAL C 153 12.20 18.88 25.69
N VAL C 154 11.02 18.49 25.21
CA VAL C 154 10.95 17.35 24.29
C VAL C 154 11.54 17.73 22.93
N ALA C 155 11.24 18.94 22.44
CA ALA C 155 11.76 19.37 21.15
C ALA C 155 13.26 19.65 21.17
N SER C 156 13.82 19.97 22.34
CA SER C 156 15.26 20.22 22.44
C SER C 156 16.07 18.94 22.55
N ALA C 157 15.43 17.78 22.68
CA ALA C 157 16.14 16.51 22.80
C ALA C 157 16.27 15.86 21.42
N GLY C 158 16.84 16.61 20.49
CA GLY C 158 16.86 16.23 19.10
C GLY C 158 18.06 15.40 18.71
N PRO C 159 18.47 15.51 17.44
CA PRO C 159 19.55 14.64 16.93
C PRO C 159 20.87 14.82 17.66
N THR C 160 21.18 16.06 18.08
CA THR C 160 22.48 16.31 18.71
C THR C 160 22.52 15.79 20.14
N SER C 161 21.38 15.72 20.82
CA SER C 161 21.35 15.14 22.15
C SER C 161 21.49 13.63 22.10
N ALA C 162 20.87 12.99 21.10
CA ALA C 162 21.07 11.57 20.90
C ALA C 162 22.50 11.27 20.46
N ARG C 163 23.10 12.17 19.68
CA ARG C 163 24.49 12.00 19.28
C ARG C 163 25.43 12.09 20.48
N ASP C 164 25.14 12.98 21.42
CA ASP C 164 25.98 13.20 22.58
C ASP C 164 25.59 12.34 23.77
N GLY C 165 24.61 11.46 23.63
CA GLY C 165 24.27 10.55 24.70
C GLY C 165 23.66 11.20 25.91
N ILE C 166 22.90 12.28 25.73
CA ILE C 166 22.26 12.99 26.83
C ILE C 166 20.75 13.03 26.68
N ARG C 167 20.18 12.24 25.78
CA ARG C 167 18.75 12.36 25.52
C ARG C 167 17.92 11.67 26.58
N ASP C 168 18.39 10.57 27.15
CA ASP C 168 17.65 9.93 28.23
C ASP C 168 17.69 10.72 29.52
N ALA C 169 18.53 11.75 29.61
CA ALA C 169 18.52 12.65 30.75
C ALA C 169 17.55 13.80 30.57
N MET C 170 17.20 14.05 29.32
CA MET C 170 16.27 15.13 28.98
C MET C 170 14.85 14.57 28.86
N VAL C 171 14.69 13.31 28.48
CA VAL C 171 13.35 12.74 28.20
C VAL C 171 12.96 11.79 29.33
N GLY C 172 13.94 11.21 30.02
CA GLY C 172 13.65 10.34 31.17
C GLY C 172 13.85 8.88 30.91
N LEU C 173 14.02 8.08 31.98
CA LEU C 173 14.13 6.63 31.88
C LEU C 173 12.75 6.01 31.95
N ARG C 174 12.54 4.96 31.16
CA ARG C 174 11.21 4.39 31.00
C ARG C 174 11.19 2.90 31.31
N GLU C 175 10.07 2.24 31.02
CA GLU C 175 9.80 0.93 31.59
C GLU C 175 10.80 -0.13 31.10
N GLU C 176 11.06 -0.17 29.79
CA GLU C 176 11.92 -1.22 29.25
C GLU C 176 13.36 -1.09 29.76
N MET C 177 13.90 0.13 29.78
CA MET C 177 15.27 0.32 30.25
C MET C 177 15.40 0.00 31.74
N ILE C 178 14.40 0.39 32.54
CA ILE C 178 14.47 0.10 33.96
C ILE C 178 14.27 -1.39 34.22
N GLU C 179 13.49 -2.07 33.39
CA GLU C 179 13.38 -3.52 33.52
C GLU C 179 14.69 -4.20 33.17
N LYS C 180 15.37 -3.71 32.14
CA LYS C 180 16.72 -4.19 31.82
C LYS C 180 17.66 -3.98 33.00
N ILE C 181 17.58 -2.81 33.65
CA ILE C 181 18.37 -2.54 34.83
C ILE C 181 18.03 -3.52 35.95
N ARG C 182 16.74 -3.81 36.13
CA ARG C 182 16.32 -4.71 37.20
C ARG C 182 16.83 -6.12 36.96
N THR C 183 16.81 -6.58 35.72
CA THR C 183 17.38 -7.90 35.44
C THR C 183 18.87 -7.91 35.65
N GLU C 184 19.58 -6.89 35.16
CA GLU C 184 21.02 -6.79 35.40
C GLU C 184 21.34 -6.75 36.89
N ALA C 185 20.41 -6.26 37.71
CA ALA C 185 20.67 -6.11 39.13
C ALA C 185 20.38 -7.37 39.93
N LEU C 186 19.64 -8.33 39.36
CA LEU C 186 19.24 -9.53 40.09
C LEU C 186 19.73 -10.82 39.45
N MET C 187 20.63 -10.74 38.48
CA MET C 187 21.30 -11.93 37.96
C MET C 187 22.78 -11.65 37.71
N THR C 188 23.42 -10.96 38.67
CA THR C 188 24.83 -10.60 38.51
C THR C 188 25.69 -11.84 38.31
N ASN C 189 25.71 -12.73 39.29
CA ASN C 189 26.43 -14.00 39.16
C ASN C 189 25.49 -15.19 39.13
N ASP C 190 24.72 -15.40 40.20
CA ASP C 190 23.58 -16.30 40.20
C ASP C 190 22.42 -15.77 41.04
N ARG C 191 22.65 -14.76 41.87
CA ARG C 191 21.67 -14.21 42.79
C ARG C 191 20.79 -13.18 42.09
N ASN D 128 -7.29 26.41 56.52
CA ASN D 128 -8.21 26.22 55.41
C ASN D 128 -7.87 24.96 54.62
N ASP D 129 -8.88 24.35 54.02
CA ASP D 129 -8.67 23.18 53.18
C ASP D 129 -8.35 23.57 51.74
N ASN D 130 -9.23 24.36 51.11
CA ASN D 130 -9.04 24.74 49.73
C ASN D 130 -7.78 25.56 49.54
N ILE D 131 -7.56 26.55 50.41
CA ILE D 131 -6.41 27.43 50.26
C ILE D 131 -5.12 26.65 50.39
N THR D 132 -5.01 25.82 51.43
CA THR D 132 -3.79 25.06 51.66
C THR D 132 -3.54 24.06 50.54
N ALA D 133 -4.58 23.36 50.10
CA ALA D 133 -4.39 22.38 49.02
C ALA D 133 -3.98 23.06 47.72
N ARG D 134 -4.58 24.21 47.41
CA ARG D 134 -4.22 24.92 46.20
C ARG D 134 -2.79 25.45 46.26
N LEU D 135 -2.37 25.95 47.42
CA LEU D 135 -0.99 26.41 47.56
C LEU D 135 -0.01 25.25 47.44
N ASP D 136 -0.36 24.08 47.96
CA ASP D 136 0.50 22.91 47.81
C ASP D 136 0.63 22.51 46.35
N ARG D 137 -0.49 22.51 45.61
CA ARG D 137 -0.43 22.20 44.19
C ARG D 137 0.37 23.24 43.43
N ILE D 138 0.26 24.51 43.82
CA ILE D 138 1.03 25.56 43.16
C ILE D 138 2.53 25.35 43.39
N ASP D 139 2.91 25.00 44.62
CA ASP D 139 4.33 24.72 44.89
C ASP D 139 4.81 23.50 44.12
N GLU D 140 3.99 22.46 44.02
CA GLU D 140 4.37 21.28 43.27
C GLU D 140 4.48 21.55 41.77
N LYS D 141 3.72 22.53 41.26
CA LYS D 141 3.86 22.92 39.86
C LYS D 141 5.12 23.77 39.64
N LEU D 142 5.40 24.70 40.57
CA LEU D 142 6.61 25.50 40.49
C LEU D 142 7.87 24.65 40.56
N SER D 143 7.87 23.59 41.36
CA SER D 143 9.02 22.69 41.41
C SER D 143 9.25 21.96 40.09
N GLU D 144 8.18 21.51 39.43
CA GLU D 144 8.34 20.88 38.13
C GLU D 144 8.82 21.89 37.08
N ILE D 145 8.33 23.13 37.16
CA ILE D 145 8.80 24.16 36.25
C ILE D 145 10.29 24.38 36.43
N LEU D 146 10.74 24.49 37.67
CA LEU D 146 12.17 24.69 37.92
C LEU D 146 12.99 23.49 37.49
N GLY D 147 12.46 22.28 37.64
CA GLY D 147 13.20 21.11 37.17
C GLY D 147 13.35 21.09 35.66
N MET D 148 12.26 21.37 34.93
CA MET D 148 12.34 21.44 33.48
C MET D 148 13.29 22.54 33.03
N LEU D 149 13.30 23.67 33.74
CA LEU D 149 14.23 24.74 33.39
C LEU D 149 15.67 24.35 33.67
N HIS D 150 15.91 23.61 34.76
CA HIS D 150 17.25 23.06 35.00
C HIS D 150 17.69 22.18 33.84
N THR D 151 16.80 21.29 33.40
CA THR D 151 17.11 20.42 32.27
C THR D 151 17.45 21.25 31.03
N LEU D 152 16.62 22.24 30.71
CA LEU D 152 16.84 23.03 29.50
C LEU D 152 18.13 23.83 29.57
N VAL D 153 18.45 24.39 30.74
CA VAL D 153 19.66 25.19 30.87
C VAL D 153 20.90 24.33 30.83
N VAL D 154 20.86 23.15 31.47
CA VAL D 154 22.02 22.28 31.51
C VAL D 154 22.29 21.68 30.14
N ALA D 155 21.23 21.28 29.42
CA ALA D 155 21.43 20.70 28.10
C ALA D 155 21.70 21.77 27.06
N SER D 156 21.25 23.00 27.29
CA SER D 156 21.44 24.07 26.31
C SER D 156 22.86 24.62 26.32
N ALA D 157 23.61 24.42 27.40
CA ALA D 157 25.02 24.80 27.44
C ALA D 157 25.77 23.92 26.43
N GLY D 158 26.26 24.53 25.35
CA GLY D 158 26.77 23.78 24.24
C GLY D 158 28.27 23.62 24.07
N PRO D 159 29.03 23.44 25.14
CA PRO D 159 30.32 22.76 25.00
C PRO D 159 30.14 21.26 25.26
N THR D 160 31.14 20.48 24.84
CA THR D 160 31.13 19.05 25.12
C THR D 160 31.35 18.74 26.59
N SER D 161 31.77 19.72 27.39
CA SER D 161 32.03 19.48 28.81
C SER D 161 30.75 19.07 29.53
N ALA D 162 29.70 19.88 29.41
CA ALA D 162 28.44 19.56 30.07
C ALA D 162 27.82 18.29 29.51
N ARG D 163 28.00 18.03 28.21
CA ARG D 163 27.48 16.80 27.63
C ARG D 163 28.14 15.57 28.24
N ASP D 164 29.47 15.58 28.31
CA ASP D 164 30.18 14.46 28.92
C ASP D 164 29.87 14.36 30.41
N GLY D 165 29.64 15.49 31.09
CA GLY D 165 29.25 15.43 32.49
C GLY D 165 27.90 14.78 32.68
N ILE D 166 26.94 15.11 31.82
CA ILE D 166 25.63 14.48 31.87
C ILE D 166 25.75 12.99 31.59
N ARG D 167 26.59 12.62 30.61
CA ARG D 167 26.76 11.21 30.27
C ARG D 167 27.37 10.42 31.43
N ASP D 168 28.41 10.96 32.05
CA ASP D 168 29.04 10.29 33.19
C ASP D 168 28.08 10.21 34.37
N ALA D 169 27.30 11.27 34.60
CA ALA D 169 26.32 11.25 35.67
C ALA D 169 25.22 10.24 35.41
N MET D 170 24.95 9.98 34.13
CA MET D 170 23.92 8.99 33.73
C MET D 170 24.46 7.56 33.87
N VAL D 171 25.78 7.37 33.73
CA VAL D 171 26.41 6.02 33.94
C VAL D 171 26.49 5.77 35.44
N GLY D 172 26.70 6.84 36.22
CA GLY D 172 26.71 6.69 37.68
C GLY D 172 25.32 6.47 38.21
N LEU D 173 24.30 7.11 37.63
CA LEU D 173 22.91 6.92 38.03
C LEU D 173 22.47 5.50 37.78
N ARG D 174 22.83 4.94 36.63
CA ARG D 174 22.48 3.54 36.35
C ARG D 174 23.15 2.61 37.34
N GLU D 175 24.42 2.87 37.66
CA GLU D 175 25.13 2.01 38.60
C GLU D 175 24.49 2.05 39.98
N GLU D 176 24.17 3.25 40.48
CA GLU D 176 23.56 3.37 41.79
C GLU D 176 22.15 2.78 41.79
N MET D 177 21.42 2.89 40.67
CA MET D 177 20.12 2.26 40.59
C MET D 177 20.22 0.74 40.67
N ILE D 178 21.18 0.16 39.95
CA ILE D 178 21.40 -1.29 40.00
C ILE D 178 21.71 -1.71 41.43
N GLU D 179 22.64 -0.99 42.07
CA GLU D 179 23.03 -1.38 43.42
C GLU D 179 21.89 -1.19 44.42
N LYS D 180 21.06 -0.16 44.24
CA LYS D 180 19.94 0.03 45.16
C LYS D 180 18.89 -1.06 44.98
N ILE D 181 18.56 -1.39 43.73
CA ILE D 181 17.62 -2.49 43.50
C ILE D 181 18.15 -3.78 44.11
N ARG D 182 19.47 -4.01 43.99
CA ARG D 182 20.06 -5.22 44.58
C ARG D 182 19.95 -5.21 46.10
N THR D 183 20.33 -4.11 46.74
CA THR D 183 20.36 -4.07 48.20
C THR D 183 18.95 -4.16 48.79
N GLU D 184 17.99 -3.42 48.23
CA GLU D 184 16.62 -3.54 48.70
C GLU D 184 15.92 -4.79 48.19
N ALA D 185 16.53 -5.56 47.29
CA ALA D 185 16.03 -6.89 46.99
C ALA D 185 16.66 -7.96 47.87
N LEU D 186 17.76 -7.64 48.56
CA LEU D 186 18.36 -8.55 49.52
C LEU D 186 17.53 -8.75 50.78
N MET D 187 16.30 -8.22 50.82
CA MET D 187 15.45 -8.42 51.98
C MET D 187 15.00 -9.87 52.13
N THR D 188 15.15 -10.65 51.07
CA THR D 188 14.77 -12.06 51.10
C THR D 188 15.91 -12.92 51.64
N ILE E 131 -0.56 30.85 58.24
CA ILE E 131 -0.82 32.09 57.53
C ILE E 131 -0.47 31.95 56.06
N THR E 132 -1.19 32.68 55.21
CA THR E 132 -0.97 32.62 53.77
C THR E 132 0.16 33.57 53.37
N ALA E 133 1.32 33.41 54.01
CA ALA E 133 2.50 34.18 53.67
C ALA E 133 3.52 33.34 52.90
N ARG E 134 3.08 32.19 52.39
CA ARG E 134 3.87 31.40 51.46
C ARG E 134 3.74 31.92 50.03
N LEU E 135 2.88 32.91 49.80
CA LEU E 135 2.92 33.66 48.55
C LEU E 135 4.26 34.34 48.35
N ASP E 136 4.97 34.66 49.43
CA ASP E 136 6.34 35.15 49.30
C ASP E 136 7.25 34.12 48.67
N ARG E 137 7.18 32.87 49.13
CA ARG E 137 7.95 31.80 48.50
C ARG E 137 7.51 31.55 47.06
N ILE E 138 6.22 31.66 46.78
CA ILE E 138 5.74 31.50 45.41
C ILE E 138 6.31 32.58 44.52
N ASP E 139 6.30 33.84 44.98
CA ASP E 139 6.89 34.94 44.23
C ASP E 139 8.39 34.78 44.04
N GLU E 140 9.10 34.28 45.06
CA GLU E 140 10.52 33.98 44.92
C GLU E 140 10.78 32.92 43.87
N LYS E 141 9.98 31.85 43.86
CA LYS E 141 10.11 30.83 42.84
C LYS E 141 9.83 31.38 41.45
N LEU E 142 8.84 32.26 41.34
CA LEU E 142 8.54 32.87 40.04
C LEU E 142 9.69 33.76 39.57
N SER E 143 10.33 34.48 40.49
CA SER E 143 11.50 35.29 40.12
C SER E 143 12.65 34.41 39.67
N GLU E 144 12.86 33.29 40.37
CA GLU E 144 13.88 32.34 39.94
C GLU E 144 13.58 31.80 38.55
N ILE E 145 12.31 31.50 38.28
CA ILE E 145 11.92 30.98 36.96
C ILE E 145 12.14 32.03 35.89
N LEU E 146 11.80 33.29 36.18
CA LEU E 146 12.05 34.36 35.22
C LEU E 146 13.54 34.50 34.91
N GLY E 147 14.37 34.50 35.95
CA GLY E 147 15.80 34.62 35.74
C GLY E 147 16.36 33.46 34.92
N MET E 148 15.92 32.25 35.23
CA MET E 148 16.44 31.09 34.52
C MET E 148 15.88 31.01 33.10
N LEU E 149 14.70 31.59 32.85
CA LEU E 149 14.18 31.66 31.50
C LEU E 149 14.98 32.65 30.65
N HIS E 150 15.32 33.80 31.22
CA HIS E 150 16.23 34.72 30.53
C HIS E 150 17.57 34.06 30.26
N THR E 151 18.09 33.34 31.25
CA THR E 151 19.34 32.61 31.08
C THR E 151 19.24 31.60 29.94
N LEU E 152 18.11 30.90 29.83
CA LEU E 152 17.93 29.94 28.76
C LEU E 152 17.90 30.62 27.39
N VAL E 153 17.14 31.71 27.27
CA VAL E 153 17.03 32.38 25.98
C VAL E 153 18.31 33.10 25.58
N VAL E 154 19.22 33.38 26.51
CA VAL E 154 20.51 33.93 26.11
C VAL E 154 21.52 32.81 25.87
N ALA E 155 21.37 31.69 26.57
CA ALA E 155 22.27 30.56 26.36
C ALA E 155 21.99 29.87 25.04
N SER E 156 20.76 29.98 24.53
CA SER E 156 20.46 29.42 23.23
C SER E 156 21.21 30.17 22.13
N ALA E 157 21.00 31.48 22.01
CA ALA E 157 21.72 32.30 21.04
C ALA E 157 22.28 33.57 21.70
N GLY E 158 23.42 33.44 22.36
CA GLY E 158 24.28 34.57 22.64
C GLY E 158 25.73 34.32 22.28
N PRO E 159 25.99 33.67 21.14
CA PRO E 159 27.31 33.05 20.95
C PRO E 159 28.42 34.05 20.62
N THR E 160 28.10 35.15 19.94
CA THR E 160 29.14 35.99 19.34
C THR E 160 29.58 37.13 20.26
N SER E 161 28.67 38.02 20.65
CA SER E 161 29.02 39.20 21.41
C SER E 161 28.78 39.06 22.90
N ALA E 162 27.96 38.10 23.32
CA ALA E 162 27.80 37.77 24.73
C ALA E 162 28.78 36.70 25.18
N ARG E 163 29.92 36.58 24.50
CA ARG E 163 30.84 35.47 24.69
C ARG E 163 32.18 35.81 24.06
N ASP E 164 33.25 35.45 24.76
CA ASP E 164 34.60 35.55 24.21
C ASP E 164 35.30 34.21 24.11
N GLY E 165 34.78 33.16 24.75
CA GLY E 165 35.30 31.82 24.61
C GLY E 165 34.17 30.82 24.47
N ILE E 166 34.11 29.85 25.37
CA ILE E 166 32.98 28.94 25.50
C ILE E 166 32.72 28.72 27.00
N ARG E 167 31.59 28.08 27.30
CA ARG E 167 31.17 27.83 28.67
C ARG E 167 31.03 29.15 29.44
N ASP E 168 30.04 29.92 29.02
CA ASP E 168 29.72 31.19 29.68
C ASP E 168 29.46 31.00 31.17
N ALA E 169 29.68 32.04 31.96
CA ALA E 169 29.34 32.00 33.37
C ALA E 169 27.83 31.85 33.51
N MET E 170 27.38 30.75 34.13
CA MET E 170 25.92 30.51 34.19
C MET E 170 25.53 29.74 35.46
N VAL E 171 24.36 29.07 35.42
CA VAL E 171 23.88 28.26 36.57
C VAL E 171 24.61 26.91 36.58
N GLY E 172 24.72 26.26 35.42
CA GLY E 172 25.36 24.93 35.32
C GLY E 172 25.18 24.06 36.55
N LEU E 173 23.94 23.62 36.86
CA LEU E 173 23.73 22.69 37.97
C LEU E 173 23.00 21.47 37.46
N ARG E 174 23.77 20.51 36.95
CA ARG E 174 23.25 19.25 36.42
C ARG E 174 22.86 18.27 37.51
N GLU E 175 23.21 18.54 38.76
CA GLU E 175 22.93 17.58 39.82
C GLU E 175 21.45 17.54 40.16
N GLU E 176 20.76 18.67 40.10
CA GLU E 176 19.32 18.65 40.29
C GLU E 176 18.61 17.94 39.13
N MET E 177 19.15 18.07 37.92
CA MET E 177 18.62 17.31 36.79
C MET E 177 18.79 15.81 37.03
N ILE E 178 19.99 15.39 37.43
CA ILE E 178 20.23 13.98 37.74
C ILE E 178 19.34 13.53 38.89
N GLU E 179 19.03 14.43 39.82
CA GLU E 179 18.19 14.08 40.97
C GLU E 179 16.75 13.86 40.55
N LYS E 180 16.22 14.69 39.66
CA LYS E 180 14.86 14.46 39.17
C LYS E 180 14.79 13.21 38.32
N ILE E 181 15.84 12.93 37.54
CA ILE E 181 15.90 11.67 36.80
C ILE E 181 15.89 10.49 37.77
N ARG E 182 16.64 10.60 38.86
CA ARG E 182 16.65 9.57 39.89
C ARG E 182 15.25 9.34 40.45
N THR E 183 14.59 10.42 40.87
CA THR E 183 13.27 10.28 41.50
C THR E 183 12.26 9.67 40.54
N GLU E 184 12.28 10.09 39.27
CA GLU E 184 11.31 9.56 38.32
C GLU E 184 11.60 8.10 37.97
N ALA E 185 12.88 7.75 37.78
CA ALA E 185 13.23 6.35 37.53
C ALA E 185 12.89 5.48 38.72
N LEU E 186 13.01 6.02 39.94
CA LEU E 186 12.66 5.24 41.12
C LEU E 186 11.16 5.09 41.26
N MET E 187 10.39 6.11 40.87
CA MET E 187 8.93 5.96 40.89
C MET E 187 8.45 4.99 39.83
N THR E 188 9.19 4.86 38.71
CA THR E 188 8.84 3.83 37.74
C THR E 188 9.25 2.45 38.23
N ASN E 189 10.44 2.34 38.85
CA ASN E 189 10.87 1.09 39.43
C ASN E 189 9.94 0.64 40.55
N ASP E 190 9.29 1.59 41.24
CA ASP E 190 8.33 1.22 42.26
C ASP E 190 7.12 0.51 41.65
N ARG E 191 6.63 1.00 40.51
CA ARG E 191 5.54 0.32 39.84
C ARG E 191 5.97 -1.06 39.32
N LEU E 192 7.17 -1.14 38.75
CA LEU E 192 7.68 -2.42 38.30
C LEU E 192 7.79 -3.41 39.45
N GLU E 193 8.29 -2.96 40.60
CA GLU E 193 8.46 -3.83 41.75
C GLU E 193 7.12 -4.19 42.38
N ALA E 194 6.13 -3.31 42.30
CA ALA E 194 4.80 -3.68 42.77
C ALA E 194 4.17 -4.75 41.88
N MET E 195 4.33 -4.61 40.56
CA MET E 195 3.85 -5.65 39.66
C MET E 195 4.58 -6.96 39.90
N ALA E 196 5.87 -6.90 40.23
CA ALA E 196 6.60 -8.12 40.56
C ALA E 196 6.14 -8.72 41.88
N ARG E 197 5.79 -7.88 42.85
CA ARG E 197 5.27 -8.36 44.11
C ARG E 197 3.92 -9.06 43.92
N LEU E 198 3.07 -8.52 43.04
CA LEU E 198 1.81 -9.18 42.74
C LEU E 198 2.02 -10.51 42.03
N ARG E 199 3.14 -10.68 41.34
CA ARG E 199 3.43 -11.89 40.59
C ARG E 199 3.63 -13.09 41.52
N1 A1BIT F 1 -31.85 -20.54 10.61
C4 A1BIT F 1 -33.47 -21.66 9.09
C5 A1BIT F 1 -34.50 -21.63 10.21
C6 A1BIT F 1 -33.85 -21.60 11.58
C7 A1BIT F 1 -32.88 -20.43 11.66
C8 A1BIT F 1 -32.44 -20.54 9.25
C1 A1BIT F 1 -35.06 -22.82 7.46
O1 A1BIT F 1 -30.50 -21.57 8.26
C2 A1BIT F 1 -34.09 -21.66 7.68
C3 A1BIT F 1 -34.77 -20.33 7.34
C9 A1BIT F 1 -31.31 -20.64 8.23
N HPE F 2 -31.26 -19.69 7.28
CA HPE F 2 -30.21 -19.63 6.27
C HPE F 2 -28.90 -19.18 6.91
O HPE F 2 -28.81 -19.01 8.13
CB HPE F 2 -30.61 -18.66 5.17
CG HPE F 2 -31.87 -19.15 4.45
CD HPE F 2 -32.44 -18.18 3.45
CE1 HPE F 2 -31.92 -18.09 2.17
CE2 HPE F 2 -33.50 -17.35 3.78
CZ1 HPE F 2 -32.45 -17.21 1.25
CZ2 HPE F 2 -34.02 -16.45 2.86
CH HPE F 2 -33.49 -16.39 1.60
N3 A1BIU F 3 -27.87 -18.98 6.07
C20 A1BIU F 3 -26.58 -18.54 6.57
C21 A1BIU F 3 -26.33 -17.07 6.15
C22 A1BIU F 3 -25.43 -19.37 6.01
C24 A1BIU F 3 -24.62 -21.34 4.89
C26 A1BIU F 3 -23.08 -19.67 5.62
O3 A1BIU F 3 -26.34 -16.82 4.94
O4 A1BIU F 3 -26.13 -16.25 7.07
C23 A1BIU F 3 -25.67 -20.58 5.39
C25 A1BIU F 3 -23.34 -20.87 5.01
C27 A1BIU F 3 -24.12 -18.92 6.12
CL1 A1BIU F 3 -22.03 -21.81 4.38
#